data_2KN9
#
_entry.id   2KN9
#
loop_
_entity.id
_entity.type
_entity.pdbx_description
1 polymer Rubredoxin
2 non-polymer 'ZINC ION'
#
_entity_poly.entity_id   1
_entity_poly.type   'polypeptide(L)'
_entity_poly.pdbx_seq_one_letter_code
;MAHHHHHHMGTLEAQTQGPGSMNDYKLFRCIQCGFEYDEALGWPEDGIAAGTRWDDIPDDWSCPDCGAAKSDFEMVEVAR
S
;
_entity_poly.pdbx_strand_id   A
#
# COMPACT_ATOMS: atom_id res chain seq x y z
N MET A 1 10.19 -5.08 49.75
CA MET A 1 10.86 -4.51 48.57
C MET A 1 10.47 -5.29 47.31
N ALA A 2 9.93 -4.59 46.34
CA ALA A 2 9.46 -5.20 45.11
C ALA A 2 10.63 -5.65 44.24
N HIS A 3 10.54 -6.88 43.74
CA HIS A 3 11.55 -7.42 42.86
C HIS A 3 10.91 -8.03 41.62
N HIS A 4 9.64 -7.73 41.40
CA HIS A 4 8.92 -8.22 40.23
C HIS A 4 9.41 -7.51 38.98
N HIS A 5 9.47 -8.23 37.86
CA HIS A 5 9.90 -7.65 36.59
C HIS A 5 9.03 -8.17 35.46
N HIS A 6 8.89 -7.37 34.43
CA HIS A 6 8.19 -7.78 33.22
C HIS A 6 9.18 -8.00 32.10
N HIS A 7 8.90 -8.98 31.25
CA HIS A 7 9.74 -9.22 30.09
C HIS A 7 9.02 -8.77 28.83
N HIS A 8 9.79 -8.35 27.84
CA HIS A 8 9.23 -7.90 26.57
C HIS A 8 8.79 -9.12 25.76
N MET A 9 7.59 -9.07 25.21
CA MET A 9 7.02 -10.22 24.52
C MET A 9 7.64 -10.37 23.13
N GLY A 10 8.30 -9.33 22.66
CA GLY A 10 8.98 -9.41 21.39
C GLY A 10 8.21 -8.77 20.27
N THR A 11 8.18 -9.44 19.12
CA THR A 11 7.49 -8.92 17.96
C THR A 11 6.28 -9.76 17.62
N LEU A 12 5.12 -9.12 17.57
CA LEU A 12 3.91 -9.76 17.08
C LEU A 12 3.63 -9.24 15.67
N GLU A 13 3.75 -10.12 14.70
CA GLU A 13 3.57 -9.76 13.30
C GLU A 13 2.09 -9.61 12.99
N ALA A 14 1.59 -8.39 13.08
CA ALA A 14 0.17 -8.12 12.88
C ALA A 14 -0.12 -7.74 11.43
N GLN A 15 0.94 -7.57 10.65
CA GLN A 15 0.79 -7.17 9.25
C GLN A 15 0.20 -8.30 8.42
N THR A 16 1.00 -9.33 8.15
CA THR A 16 0.59 -10.44 7.30
C THR A 16 0.22 -9.92 5.91
N GLN A 17 1.10 -9.09 5.36
CA GLN A 17 0.87 -8.48 4.06
C GLN A 17 1.23 -9.47 2.96
N GLY A 18 0.38 -9.54 1.95
CA GLY A 18 0.62 -10.42 0.83
C GLY A 18 -0.61 -10.61 -0.03
N PRO A 19 -0.78 -9.78 -1.07
CA PRO A 19 -1.88 -9.90 -2.02
C PRO A 19 -1.64 -11.02 -3.02
N GLY A 20 -2.63 -11.88 -3.20
CA GLY A 20 -2.51 -12.96 -4.15
C GLY A 20 -2.55 -12.46 -5.58
N SER A 21 -1.37 -12.33 -6.18
CA SER A 21 -1.28 -11.85 -7.56
C SER A 21 -1.52 -12.99 -8.54
N MET A 22 -2.78 -13.37 -8.71
CA MET A 22 -3.16 -14.42 -9.65
C MET A 22 -3.39 -13.81 -11.04
N ASN A 23 -3.77 -12.55 -11.04
CA ASN A 23 -3.91 -11.78 -12.26
C ASN A 23 -2.86 -10.69 -12.27
N ASP A 24 -2.47 -10.21 -13.44
CA ASP A 24 -1.44 -9.19 -13.53
C ASP A 24 -1.98 -7.83 -13.08
N TYR A 25 -1.82 -7.55 -11.80
CA TYR A 25 -2.21 -6.26 -11.25
C TYR A 25 -0.98 -5.37 -11.12
N LYS A 26 -1.19 -4.08 -10.96
CA LYS A 26 -0.09 -3.14 -10.87
C LYS A 26 0.02 -2.53 -9.48
N LEU A 27 1.15 -1.90 -9.24
CA LEU A 27 1.37 -1.14 -8.02
C LEU A 27 1.34 0.34 -8.36
N PHE A 28 0.80 1.15 -7.48
CA PHE A 28 0.79 2.59 -7.66
C PHE A 28 1.32 3.26 -6.41
N ARG A 29 2.47 3.88 -6.53
CA ARG A 29 3.14 4.47 -5.39
C ARG A 29 3.12 5.99 -5.45
N CYS A 30 2.64 6.60 -4.38
CA CYS A 30 2.62 8.05 -4.29
C CYS A 30 4.03 8.60 -4.18
N ILE A 31 4.33 9.61 -5.00
CA ILE A 31 5.67 10.17 -5.04
C ILE A 31 5.85 11.26 -3.99
N GLN A 32 4.77 11.62 -3.32
CA GLN A 32 4.81 12.65 -2.29
C GLN A 32 5.21 12.06 -0.94
N CYS A 33 4.98 10.77 -0.75
CA CYS A 33 5.25 10.15 0.54
C CYS A 33 5.82 8.74 0.39
N GLY A 34 5.29 7.97 -0.55
CA GLY A 34 5.74 6.61 -0.72
C GLY A 34 4.65 5.61 -0.45
N PHE A 35 3.41 6.09 -0.37
CA PHE A 35 2.24 5.22 -0.21
C PHE A 35 2.11 4.30 -1.42
N GLU A 36 2.29 3.01 -1.20
CA GLU A 36 2.21 2.02 -2.26
C GLU A 36 0.86 1.32 -2.28
N TYR A 37 0.13 1.51 -3.37
CA TYR A 37 -1.16 0.86 -3.56
C TYR A 37 -1.01 -0.35 -4.48
N ASP A 38 -1.57 -1.47 -4.06
CA ASP A 38 -1.59 -2.69 -4.87
C ASP A 38 -3.01 -2.90 -5.40
N GLU A 39 -3.16 -3.03 -6.71
CA GLU A 39 -4.50 -3.21 -7.31
C GLU A 39 -5.16 -4.51 -6.84
N ALA A 40 -4.35 -5.50 -6.49
CA ALA A 40 -4.86 -6.80 -6.07
C ALA A 40 -5.18 -6.79 -4.58
N LEU A 41 -4.64 -5.81 -3.88
CA LEU A 41 -4.88 -5.67 -2.45
C LEU A 41 -6.08 -4.75 -2.21
N GLY A 42 -6.14 -3.65 -2.96
CA GLY A 42 -7.21 -2.69 -2.80
C GLY A 42 -7.00 -1.80 -1.60
N TRP A 43 -8.04 -1.06 -1.24
CA TRP A 43 -8.01 -0.20 -0.07
C TRP A 43 -9.39 -0.12 0.55
N PRO A 44 -9.72 -1.09 1.40
CA PRO A 44 -11.07 -1.26 1.94
C PRO A 44 -11.46 -0.14 2.90
N GLU A 45 -10.44 0.57 3.38
CA GLU A 45 -10.66 1.71 4.27
C GLU A 45 -11.42 2.82 3.55
N ASP A 46 -11.16 2.97 2.25
CA ASP A 46 -11.84 3.98 1.44
C ASP A 46 -13.04 3.37 0.71
N GLY A 47 -12.99 2.06 0.54
CA GLY A 47 -14.04 1.38 -0.19
C GLY A 47 -13.52 0.74 -1.46
N ILE A 48 -12.25 0.94 -1.74
CA ILE A 48 -11.61 0.36 -2.92
C ILE A 48 -11.44 -1.14 -2.71
N ALA A 49 -12.15 -1.93 -3.51
CA ALA A 49 -12.15 -3.37 -3.35
C ALA A 49 -10.91 -4.01 -3.98
N ALA A 50 -10.49 -5.13 -3.43
CA ALA A 50 -9.38 -5.88 -3.97
C ALA A 50 -9.72 -6.32 -5.40
N GLY A 51 -8.91 -5.87 -6.35
CA GLY A 51 -9.18 -6.17 -7.75
C GLY A 51 -9.67 -4.96 -8.51
N THR A 52 -9.86 -3.84 -7.80
CA THR A 52 -10.22 -2.59 -8.45
C THR A 52 -9.02 -2.00 -9.18
N ARG A 53 -9.21 -1.73 -10.47
CA ARG A 53 -8.15 -1.14 -11.29
C ARG A 53 -8.09 0.36 -11.08
N TRP A 54 -6.93 0.93 -11.37
CA TRP A 54 -6.71 2.38 -11.26
C TRP A 54 -7.71 3.16 -12.10
N ASP A 55 -8.18 2.54 -13.18
CA ASP A 55 -9.17 3.15 -14.07
C ASP A 55 -10.54 3.22 -13.42
N ASP A 56 -10.83 2.26 -12.55
CA ASP A 56 -12.12 2.20 -11.87
C ASP A 56 -12.13 3.12 -10.66
N ILE A 57 -10.94 3.43 -10.17
CA ILE A 57 -10.77 4.35 -9.06
C ILE A 57 -11.09 5.79 -9.49
N PRO A 58 -12.04 6.43 -8.79
CA PRO A 58 -12.50 7.79 -9.13
C PRO A 58 -11.36 8.80 -9.29
N ASP A 59 -11.51 9.69 -10.26
CA ASP A 59 -10.51 10.72 -10.53
C ASP A 59 -10.38 11.67 -9.35
N ASP A 60 -11.46 11.80 -8.59
CA ASP A 60 -11.48 12.67 -7.42
C ASP A 60 -10.90 11.97 -6.19
N TRP A 61 -10.44 10.74 -6.38
CA TRP A 61 -9.85 9.99 -5.28
C TRP A 61 -8.45 10.50 -4.99
N SER A 62 -8.15 10.67 -3.72
CA SER A 62 -6.86 11.17 -3.29
C SER A 62 -6.15 10.13 -2.43
N CYS A 63 -4.83 10.21 -2.37
CA CYS A 63 -4.04 9.37 -1.50
C CYS A 63 -4.53 9.51 -0.06
N PRO A 64 -5.10 8.44 0.52
CA PRO A 64 -5.66 8.47 1.88
C PRO A 64 -4.61 8.81 2.93
N ASP A 65 -3.35 8.75 2.54
CA ASP A 65 -2.25 9.01 3.44
C ASP A 65 -1.96 10.50 3.59
N CYS A 66 -2.08 11.26 2.50
CA CYS A 66 -1.71 12.67 2.52
C CYS A 66 -2.66 13.57 1.71
N GLY A 67 -3.53 12.97 0.91
CA GLY A 67 -4.44 13.75 0.08
C GLY A 67 -3.84 14.13 -1.25
N ALA A 68 -2.74 13.48 -1.61
CA ALA A 68 -2.12 13.71 -2.92
C ALA A 68 -3.02 13.18 -4.03
N ALA A 69 -2.87 13.72 -5.23
CA ALA A 69 -3.74 13.37 -6.34
C ALA A 69 -3.27 12.08 -7.03
N LYS A 70 -4.09 11.59 -7.95
CA LYS A 70 -3.74 10.38 -8.69
C LYS A 70 -2.48 10.60 -9.53
N SER A 71 -2.29 11.83 -10.00
CA SER A 71 -1.11 12.18 -10.78
C SER A 71 0.14 12.21 -9.89
N ASP A 72 -0.05 12.06 -8.59
CA ASP A 72 1.06 11.95 -7.66
C ASP A 72 1.45 10.51 -7.45
N PHE A 73 0.82 9.61 -8.21
CA PHE A 73 1.15 8.20 -8.13
C PHE A 73 1.96 7.75 -9.34
N GLU A 74 2.83 6.77 -9.10
CA GLU A 74 3.63 6.17 -10.16
C GLU A 74 3.19 4.73 -10.38
N MET A 75 3.26 4.28 -11.62
CA MET A 75 2.89 2.91 -11.94
C MET A 75 4.08 1.99 -11.77
N VAL A 76 4.02 1.16 -10.75
CA VAL A 76 5.11 0.25 -10.44
C VAL A 76 4.79 -1.16 -10.95
N GLU A 77 5.69 -1.70 -11.75
CA GLU A 77 5.56 -3.05 -12.26
C GLU A 77 5.81 -4.05 -11.12
N VAL A 78 5.13 -5.19 -11.18
CA VAL A 78 5.20 -6.17 -10.11
C VAL A 78 6.16 -7.28 -10.46
N ALA A 79 7.24 -7.37 -9.70
CA ALA A 79 8.30 -8.34 -9.95
C ALA A 79 8.07 -9.62 -9.14
N ARG A 80 6.80 -9.95 -8.90
CA ARG A 80 6.46 -11.17 -8.20
C ARG A 80 6.40 -12.35 -9.17
N SER A 81 7.54 -12.66 -9.76
CA SER A 81 7.64 -13.73 -10.72
C SER A 81 8.72 -14.73 -10.30
N MET A 1 8.17 -3.25 52.83
CA MET A 1 8.72 -2.20 51.94
C MET A 1 8.22 -2.41 50.52
N ALA A 2 7.29 -1.56 50.12
CA ALA A 2 6.71 -1.66 48.79
C ALA A 2 7.62 -1.01 47.76
N HIS A 3 7.80 -1.68 46.64
CA HIS A 3 8.61 -1.15 45.55
C HIS A 3 7.94 -1.46 44.22
N HIS A 4 7.24 -0.48 43.68
CA HIS A 4 6.54 -0.64 42.42
C HIS A 4 7.40 -0.09 41.28
N HIS A 5 8.31 -0.93 40.80
CA HIS A 5 9.21 -0.55 39.73
C HIS A 5 8.69 -1.04 38.38
N HIS A 6 8.47 -0.10 37.48
CA HIS A 6 7.98 -0.44 36.14
C HIS A 6 9.14 -0.71 35.20
N HIS A 7 8.83 -1.31 34.06
CA HIS A 7 9.85 -1.56 33.04
C HIS A 7 9.19 -1.58 31.66
N HIS A 8 9.72 -0.77 30.76
CA HIS A 8 9.13 -0.64 29.43
C HIS A 8 9.99 -1.31 28.38
N MET A 9 9.41 -2.27 27.68
CA MET A 9 10.10 -3.01 26.64
C MET A 9 10.01 -2.31 25.30
N GLY A 10 8.91 -1.59 25.07
CA GLY A 10 8.68 -0.97 23.78
C GLY A 10 8.20 -1.99 22.77
N THR A 11 8.01 -1.55 21.53
CA THR A 11 7.52 -2.43 20.48
C THR A 11 7.82 -1.88 19.09
N LEU A 12 8.62 -2.63 18.35
CA LEU A 12 8.96 -2.29 16.97
C LEU A 12 8.90 -3.55 16.12
N GLU A 13 7.96 -3.59 15.18
CA GLU A 13 7.78 -4.79 14.38
C GLU A 13 8.72 -4.79 13.18
N ALA A 14 9.36 -5.93 12.96
CA ALA A 14 10.22 -6.11 11.80
C ALA A 14 9.42 -6.65 10.62
N GLN A 15 8.17 -6.99 10.88
CA GLN A 15 7.29 -7.57 9.88
C GLN A 15 7.00 -6.57 8.75
N THR A 16 6.14 -5.59 9.05
CA THR A 16 5.70 -4.62 8.06
C THR A 16 5.29 -5.33 6.75
N GLN A 17 4.28 -6.19 6.87
CA GLN A 17 3.87 -7.05 5.77
C GLN A 17 3.28 -6.26 4.61
N GLY A 18 3.65 -6.64 3.40
CA GLY A 18 3.15 -5.99 2.21
C GLY A 18 3.06 -6.94 1.04
N PRO A 19 2.12 -6.73 0.10
CA PRO A 19 1.92 -7.61 -1.05
C PRO A 19 2.97 -7.41 -2.14
N GLY A 20 2.76 -6.39 -2.97
CA GLY A 20 3.67 -6.14 -4.08
C GLY A 20 3.45 -7.08 -5.24
N SER A 21 4.48 -7.84 -5.57
CA SER A 21 4.41 -8.77 -6.70
C SER A 21 3.61 -10.02 -6.33
N MET A 22 2.29 -9.92 -6.46
CA MET A 22 1.42 -11.04 -6.12
C MET A 22 0.74 -11.61 -7.37
N ASN A 23 -0.02 -10.78 -8.07
CA ASN A 23 -0.76 -11.21 -9.25
C ASN A 23 -0.50 -10.26 -10.42
N ASP A 24 -1.29 -10.40 -11.49
CA ASP A 24 -1.20 -9.52 -12.66
C ASP A 24 -1.82 -8.17 -12.37
N TYR A 25 -1.32 -7.49 -11.35
CA TYR A 25 -1.83 -6.20 -10.95
C TYR A 25 -0.69 -5.20 -10.86
N LYS A 26 -1.01 -3.92 -10.95
CA LYS A 26 0.01 -2.89 -10.86
C LYS A 26 -0.02 -2.24 -9.48
N LEU A 27 1.10 -1.67 -9.09
CA LEU A 27 1.19 -0.89 -7.87
C LEU A 27 1.36 0.58 -8.21
N PHE A 28 0.75 1.44 -7.43
CA PHE A 28 0.87 2.87 -7.63
C PHE A 28 1.37 3.53 -6.37
N ARG A 29 2.55 4.12 -6.47
CA ARG A 29 3.21 4.71 -5.31
C ARG A 29 3.16 6.22 -5.38
N CYS A 30 2.62 6.83 -4.34
CA CYS A 30 2.55 8.28 -4.25
C CYS A 30 3.94 8.88 -4.13
N ILE A 31 4.27 9.81 -5.01
CA ILE A 31 5.59 10.43 -5.02
C ILE A 31 5.68 11.53 -3.97
N GLN A 32 4.53 11.91 -3.41
CA GLN A 32 4.48 12.96 -2.39
C GLN A 32 4.97 12.44 -1.05
N CYS A 33 4.96 11.11 -0.88
CA CYS A 33 5.35 10.52 0.39
C CYS A 33 5.97 9.14 0.20
N GLY A 34 5.25 8.26 -0.48
CA GLY A 34 5.76 6.91 -0.71
C GLY A 34 4.72 5.83 -0.45
N PHE A 35 3.47 6.23 -0.32
CA PHE A 35 2.38 5.27 -0.14
C PHE A 35 2.24 4.39 -1.38
N GLU A 36 2.46 3.09 -1.20
CA GLU A 36 2.40 2.15 -2.29
C GLU A 36 1.08 1.41 -2.28
N TYR A 37 0.28 1.66 -3.30
CA TYR A 37 -1.03 1.04 -3.43
C TYR A 37 -0.99 -0.13 -4.41
N ASP A 38 -1.43 -1.29 -3.95
CA ASP A 38 -1.55 -2.47 -4.80
C ASP A 38 -2.96 -2.55 -5.36
N GLU A 39 -3.10 -2.71 -6.68
CA GLU A 39 -4.42 -2.98 -7.26
C GLU A 39 -4.98 -4.30 -6.75
N ALA A 40 -4.08 -5.17 -6.31
CA ALA A 40 -4.47 -6.48 -5.80
C ALA A 40 -4.83 -6.42 -4.32
N LEU A 41 -4.59 -5.28 -3.69
CA LEU A 41 -4.87 -5.11 -2.27
C LEU A 41 -6.13 -4.27 -2.09
N GLY A 42 -6.18 -3.15 -2.79
CA GLY A 42 -7.32 -2.26 -2.68
C GLY A 42 -7.22 -1.35 -1.47
N TRP A 43 -8.35 -0.80 -1.07
CA TRP A 43 -8.42 0.05 0.11
C TRP A 43 -9.85 0.11 0.61
N PRO A 44 -10.29 -0.94 1.33
CA PRO A 44 -11.67 -1.07 1.80
C PRO A 44 -12.10 0.09 2.69
N GLU A 45 -11.11 0.70 3.33
CA GLU A 45 -11.33 1.88 4.15
C GLU A 45 -12.06 2.98 3.37
N ASP A 46 -11.73 3.12 2.08
CA ASP A 46 -12.39 4.10 1.23
C ASP A 46 -13.49 3.44 0.41
N GLY A 47 -13.37 2.13 0.22
CA GLY A 47 -14.34 1.40 -0.58
C GLY A 47 -13.70 0.74 -1.77
N ILE A 48 -12.40 0.92 -1.92
CA ILE A 48 -11.66 0.30 -3.01
C ILE A 48 -11.47 -1.18 -2.71
N ALA A 49 -11.92 -2.03 -3.63
CA ALA A 49 -11.86 -3.46 -3.41
C ALA A 49 -10.61 -4.07 -4.01
N ALA A 50 -10.14 -5.18 -3.44
CA ALA A 50 -9.01 -5.89 -3.98
C ALA A 50 -9.32 -6.42 -5.38
N GLY A 51 -8.56 -5.96 -6.36
CA GLY A 51 -8.82 -6.32 -7.74
C GLY A 51 -9.39 -5.17 -8.54
N THR A 52 -9.71 -4.08 -7.85
CA THR A 52 -10.16 -2.86 -8.51
C THR A 52 -8.97 -2.15 -9.16
N ARG A 53 -9.10 -1.83 -10.44
CA ARG A 53 -8.01 -1.25 -11.19
C ARG A 53 -7.95 0.25 -10.99
N TRP A 54 -6.81 0.82 -11.32
CA TRP A 54 -6.58 2.25 -11.23
C TRP A 54 -7.62 3.02 -12.06
N ASP A 55 -8.08 2.39 -13.14
CA ASP A 55 -9.07 2.99 -14.03
C ASP A 55 -10.45 3.02 -13.39
N ASP A 56 -10.67 2.12 -12.43
CA ASP A 56 -11.97 2.00 -11.78
C ASP A 56 -12.04 2.94 -10.59
N ILE A 57 -10.90 3.56 -10.29
CA ILE A 57 -10.80 4.48 -9.16
C ILE A 57 -10.96 5.92 -9.64
N PRO A 58 -11.91 6.67 -9.05
CA PRO A 58 -12.14 8.08 -9.39
C PRO A 58 -10.91 8.95 -9.12
N ASP A 59 -10.74 9.99 -9.92
CA ASP A 59 -9.57 10.87 -9.83
C ASP A 59 -9.65 11.72 -8.55
N ASP A 60 -10.83 11.74 -7.94
CA ASP A 60 -11.03 12.43 -6.68
C ASP A 60 -10.43 11.64 -5.52
N TRP A 61 -10.17 10.36 -5.76
CA TRP A 61 -9.54 9.52 -4.75
C TRP A 61 -8.08 9.92 -4.60
N SER A 62 -7.77 10.54 -3.48
CA SER A 62 -6.42 10.94 -3.21
C SER A 62 -5.74 9.95 -2.30
N CYS A 63 -4.43 10.04 -2.20
CA CYS A 63 -3.65 9.19 -1.31
C CYS A 63 -4.20 9.26 0.10
N PRO A 64 -4.71 8.14 0.64
CA PRO A 64 -5.30 8.08 1.98
C PRO A 64 -4.25 8.26 3.07
N ASP A 65 -2.99 8.26 2.66
CA ASP A 65 -1.88 8.52 3.57
C ASP A 65 -1.70 10.02 3.78
N CYS A 66 -2.05 10.81 2.77
CA CYS A 66 -1.93 12.24 2.84
C CYS A 66 -3.11 12.94 2.16
N GLY A 67 -3.06 13.07 0.84
CA GLY A 67 -4.14 13.71 0.12
C GLY A 67 -3.70 14.19 -1.26
N ALA A 68 -2.92 13.37 -1.94
CA ALA A 68 -2.46 13.69 -3.28
C ALA A 68 -3.25 12.90 -4.31
N ALA A 69 -3.58 13.53 -5.42
CA ALA A 69 -4.42 12.90 -6.45
C ALA A 69 -3.69 11.75 -7.14
N LYS A 70 -4.39 11.05 -8.02
CA LYS A 70 -3.84 9.89 -8.71
C LYS A 70 -2.61 10.25 -9.54
N SER A 71 -2.58 11.48 -10.03
CA SER A 71 -1.47 11.95 -10.85
C SER A 71 -0.18 12.00 -10.03
N ASP A 72 -0.31 11.98 -8.71
CA ASP A 72 0.84 12.02 -7.82
C ASP A 72 1.35 10.61 -7.54
N PHE A 73 0.78 9.62 -8.21
CA PHE A 73 1.22 8.24 -8.08
C PHE A 73 2.06 7.83 -9.28
N GLU A 74 2.97 6.89 -9.04
CA GLU A 74 3.79 6.32 -10.09
C GLU A 74 3.42 4.85 -10.30
N MET A 75 3.58 4.35 -11.51
CA MET A 75 3.24 2.97 -11.81
C MET A 75 4.41 2.03 -11.58
N VAL A 76 4.26 1.15 -10.61
CA VAL A 76 5.25 0.10 -10.34
C VAL A 76 4.60 -1.25 -10.56
N GLU A 77 5.12 -2.03 -11.49
CA GLU A 77 4.52 -3.32 -11.79
C GLU A 77 5.22 -4.45 -11.06
N VAL A 78 4.58 -5.61 -11.08
CA VAL A 78 5.08 -6.78 -10.36
C VAL A 78 6.13 -7.53 -11.17
N ALA A 79 6.77 -8.48 -10.53
CA ALA A 79 7.73 -9.34 -11.21
C ALA A 79 7.01 -10.58 -11.72
N ARG A 80 6.63 -10.54 -12.99
CA ARG A 80 5.81 -11.60 -13.55
C ARG A 80 6.67 -12.76 -14.02
N SER A 81 6.44 -13.92 -13.45
CA SER A 81 7.18 -15.12 -13.79
C SER A 81 6.22 -16.26 -14.10
N MET A 1 22.33 -16.82 43.06
CA MET A 1 23.01 -15.71 43.75
C MET A 1 22.70 -14.40 43.04
N ALA A 2 23.36 -13.32 43.46
CA ALA A 2 23.11 -12.00 42.90
C ALA A 2 23.41 -11.97 41.40
N HIS A 3 22.34 -11.98 40.60
CA HIS A 3 22.46 -11.93 39.15
C HIS A 3 21.20 -11.33 38.55
N HIS A 4 21.21 -10.02 38.36
CA HIS A 4 20.08 -9.32 37.74
C HIS A 4 20.54 -8.02 37.09
N HIS A 5 20.83 -8.08 35.81
CA HIS A 5 21.27 -6.92 35.05
C HIS A 5 20.28 -6.60 33.94
N HIS A 6 20.43 -5.43 33.35
CA HIS A 6 19.55 -4.99 32.27
C HIS A 6 20.07 -5.52 30.93
N HIS A 7 19.15 -5.90 30.07
CA HIS A 7 19.52 -6.41 28.74
C HIS A 7 19.46 -5.29 27.73
N HIS A 8 19.94 -5.55 26.53
CA HIS A 8 19.84 -4.60 25.43
C HIS A 8 19.17 -5.26 24.23
N MET A 9 17.97 -4.81 23.93
CA MET A 9 17.15 -5.44 22.91
C MET A 9 17.48 -4.88 21.52
N GLY A 10 17.79 -3.60 21.47
CA GLY A 10 18.07 -2.95 20.20
C GLY A 10 16.80 -2.42 19.56
N THR A 11 16.46 -2.96 18.40
CA THR A 11 15.26 -2.56 17.70
C THR A 11 14.76 -3.70 16.80
N LEU A 12 13.59 -3.52 16.21
CA LEU A 12 12.99 -4.53 15.35
C LEU A 12 12.32 -3.88 14.14
N GLU A 13 12.12 -4.68 13.10
CA GLU A 13 11.47 -4.18 11.89
C GLU A 13 9.97 -4.43 11.99
N ALA A 14 9.21 -3.35 12.12
CA ALA A 14 7.78 -3.43 12.36
C ALA A 14 6.94 -3.40 11.09
N GLN A 15 7.54 -2.96 9.98
CA GLN A 15 6.79 -2.74 8.74
C GLN A 15 6.46 -4.05 8.05
N THR A 16 7.49 -4.76 7.59
CA THR A 16 7.33 -5.92 6.73
C THR A 16 6.68 -5.48 5.41
N GLN A 17 7.37 -4.59 4.71
CA GLN A 17 6.85 -4.02 3.47
C GLN A 17 6.78 -5.08 2.37
N GLY A 18 5.62 -5.70 2.24
CA GLY A 18 5.41 -6.69 1.21
C GLY A 18 3.94 -7.04 1.07
N PRO A 19 3.25 -6.44 0.09
CA PRO A 19 1.83 -6.69 -0.15
C PRO A 19 1.57 -8.10 -0.68
N GLY A 20 0.31 -8.52 -0.62
CA GLY A 20 -0.06 -9.82 -1.14
C GLY A 20 -0.23 -9.80 -2.65
N SER A 21 0.82 -9.45 -3.35
CA SER A 21 0.80 -9.39 -4.81
C SER A 21 0.94 -10.79 -5.40
N MET A 22 -0.17 -11.52 -5.42
CA MET A 22 -0.19 -12.86 -5.98
C MET A 22 -0.45 -12.81 -7.48
N ASN A 23 -1.48 -12.08 -7.87
CA ASN A 23 -1.83 -11.90 -9.28
C ASN A 23 -1.08 -10.70 -9.84
N ASP A 24 -0.83 -10.67 -11.14
CA ASP A 24 -0.09 -9.58 -11.75
C ASP A 24 -0.94 -8.31 -11.84
N TYR A 25 -0.75 -7.44 -10.86
CA TYR A 25 -1.43 -6.16 -10.81
C TYR A 25 -0.40 -5.04 -10.64
N LYS A 26 -0.82 -3.81 -10.83
CA LYS A 26 0.08 -2.67 -10.72
C LYS A 26 0.08 -2.11 -9.30
N LEU A 27 1.25 -1.73 -8.83
CA LEU A 27 1.38 -1.07 -7.55
C LEU A 27 1.73 0.40 -7.78
N PHE A 28 0.76 1.27 -7.53
CA PHE A 28 0.95 2.69 -7.70
C PHE A 28 1.41 3.33 -6.41
N ARG A 29 2.62 3.84 -6.42
CA ARG A 29 3.21 4.42 -5.23
C ARG A 29 3.14 5.94 -5.27
N CYS A 30 2.61 6.52 -4.22
CA CYS A 30 2.53 7.98 -4.09
C CYS A 30 3.94 8.56 -3.96
N ILE A 31 4.28 9.46 -4.86
CA ILE A 31 5.62 10.03 -4.91
C ILE A 31 5.80 11.11 -3.85
N GLN A 32 4.69 11.52 -3.25
CA GLN A 32 4.71 12.58 -2.25
C GLN A 32 5.06 12.04 -0.87
N CYS A 33 5.02 10.73 -0.71
CA CYS A 33 5.31 10.13 0.58
C CYS A 33 5.87 8.72 0.44
N GLY A 34 5.17 7.87 -0.30
CA GLY A 34 5.62 6.51 -0.46
C GLY A 34 4.50 5.51 -0.29
N PHE A 35 3.27 5.99 -0.16
CA PHE A 35 2.11 5.12 -0.04
C PHE A 35 1.93 4.27 -1.29
N GLU A 36 2.19 2.98 -1.18
CA GLU A 36 2.08 2.07 -2.30
C GLU A 36 0.71 1.42 -2.35
N TYR A 37 0.01 1.64 -3.44
CA TYR A 37 -1.30 1.04 -3.66
C TYR A 37 -1.19 -0.12 -4.63
N ASP A 38 -1.44 -1.33 -4.13
CA ASP A 38 -1.51 -2.51 -4.96
C ASP A 38 -2.94 -2.71 -5.43
N GLU A 39 -3.16 -2.78 -6.75
CA GLU A 39 -4.51 -2.99 -7.27
C GLU A 39 -5.13 -4.28 -6.74
N ALA A 40 -4.30 -5.29 -6.51
CA ALA A 40 -4.77 -6.60 -6.04
C ALA A 40 -5.08 -6.57 -4.55
N LEU A 41 -4.50 -5.61 -3.85
CA LEU A 41 -4.73 -5.45 -2.43
C LEU A 41 -5.91 -4.51 -2.20
N GLY A 42 -5.91 -3.40 -2.93
CA GLY A 42 -6.97 -2.43 -2.81
C GLY A 42 -6.81 -1.55 -1.58
N TRP A 43 -7.91 -1.00 -1.10
CA TRP A 43 -7.90 -0.18 0.10
C TRP A 43 -9.31 -0.15 0.70
N PRO A 44 -9.64 -1.15 1.51
CA PRO A 44 -11.00 -1.34 2.05
C PRO A 44 -11.38 -0.24 3.03
N GLU A 45 -10.38 0.42 3.59
CA GLU A 45 -10.61 1.53 4.50
C GLU A 45 -11.42 2.62 3.82
N ASP A 46 -11.10 2.90 2.57
CA ASP A 46 -11.79 3.94 1.82
C ASP A 46 -12.92 3.34 0.99
N GLY A 47 -12.82 2.05 0.71
CA GLY A 47 -13.85 1.37 -0.05
C GLY A 47 -13.36 0.87 -1.39
N ILE A 48 -12.05 0.92 -1.59
CA ILE A 48 -11.47 0.42 -2.83
C ILE A 48 -11.30 -1.09 -2.74
N ALA A 49 -12.13 -1.81 -3.48
CA ALA A 49 -12.14 -3.27 -3.42
C ALA A 49 -10.92 -3.87 -4.11
N ALA A 50 -10.43 -4.97 -3.56
CA ALA A 50 -9.29 -5.67 -4.11
C ALA A 50 -9.54 -6.07 -5.57
N GLY A 51 -8.68 -5.62 -6.46
CA GLY A 51 -8.83 -5.92 -7.86
C GLY A 51 -9.26 -4.70 -8.66
N THR A 52 -9.69 -3.65 -7.97
CA THR A 52 -10.10 -2.43 -8.64
C THR A 52 -8.96 -1.84 -9.46
N ARG A 53 -9.19 -1.74 -10.76
CA ARG A 53 -8.23 -1.17 -11.69
C ARG A 53 -8.03 0.32 -11.41
N TRP A 54 -6.86 0.81 -11.77
CA TRP A 54 -6.53 2.22 -11.60
C TRP A 54 -7.50 3.11 -12.38
N ASP A 55 -7.96 2.59 -13.51
CA ASP A 55 -8.92 3.30 -14.36
C ASP A 55 -10.31 3.28 -13.75
N ASP A 56 -10.56 2.33 -12.85
CA ASP A 56 -11.87 2.16 -12.24
C ASP A 56 -11.96 2.95 -10.94
N ILE A 57 -10.80 3.35 -10.43
CA ILE A 57 -10.74 4.19 -9.24
C ILE A 57 -11.12 5.62 -9.59
N PRO A 58 -12.07 6.21 -8.83
CA PRO A 58 -12.53 7.59 -9.02
C PRO A 58 -11.37 8.55 -9.27
N ASP A 59 -11.53 9.43 -10.25
CA ASP A 59 -10.45 10.32 -10.65
C ASP A 59 -10.19 11.37 -9.58
N ASP A 60 -11.20 11.60 -8.75
CA ASP A 60 -11.08 12.53 -7.63
C ASP A 60 -10.46 11.85 -6.41
N TRP A 61 -10.23 10.54 -6.52
CA TRP A 61 -9.69 9.79 -5.39
C TRP A 61 -8.26 10.21 -5.11
N SER A 62 -8.03 10.71 -3.92
CA SER A 62 -6.69 11.10 -3.51
C SER A 62 -6.15 10.08 -2.50
N CYS A 63 -4.84 10.06 -2.37
CA CYS A 63 -4.15 9.18 -1.44
C CYS A 63 -4.65 9.40 -0.01
N PRO A 64 -5.22 8.37 0.62
CA PRO A 64 -5.73 8.46 2.01
C PRO A 64 -4.62 8.79 3.02
N ASP A 65 -3.39 8.81 2.54
CA ASP A 65 -2.24 9.08 3.39
C ASP A 65 -1.90 10.57 3.42
N CYS A 66 -1.88 11.21 2.26
CA CYS A 66 -1.43 12.61 2.18
C CYS A 66 -2.37 13.48 1.35
N GLY A 67 -3.39 12.88 0.76
CA GLY A 67 -4.35 13.64 -0.04
C GLY A 67 -3.84 13.97 -1.43
N ALA A 68 -2.75 13.33 -1.84
CA ALA A 68 -2.22 13.51 -3.19
C ALA A 68 -3.05 12.72 -4.19
N ALA A 69 -3.42 13.37 -5.29
CA ALA A 69 -4.28 12.75 -6.29
C ALA A 69 -3.58 11.60 -7.00
N LYS A 70 -4.33 10.85 -7.79
CA LYS A 70 -3.80 9.68 -8.52
C LYS A 70 -2.62 10.07 -9.40
N SER A 71 -2.59 11.32 -9.85
CA SER A 71 -1.55 11.82 -10.73
C SER A 71 -0.16 11.71 -10.09
N ASP A 72 -0.14 11.73 -8.77
CA ASP A 72 1.12 11.71 -8.02
C ASP A 72 1.50 10.28 -7.64
N PHE A 73 0.86 9.31 -8.26
CA PHE A 73 1.24 7.92 -8.08
C PHE A 73 2.08 7.44 -9.25
N GLU A 74 3.00 6.53 -8.98
CA GLU A 74 3.88 5.99 -10.01
C GLU A 74 3.55 4.52 -10.21
N MET A 75 3.56 4.09 -11.47
CA MET A 75 3.23 2.72 -11.82
C MET A 75 4.42 1.79 -11.62
N VAL A 76 4.38 1.01 -10.56
CA VAL A 76 5.40 0.02 -10.29
C VAL A 76 4.82 -1.38 -10.41
N GLU A 77 5.17 -2.09 -11.46
CA GLU A 77 4.72 -3.47 -11.63
C GLU A 77 5.77 -4.43 -11.13
N VAL A 78 5.53 -4.98 -9.94
CA VAL A 78 6.48 -5.89 -9.32
C VAL A 78 6.54 -7.22 -10.07
N ALA A 79 7.72 -7.80 -10.09
CA ALA A 79 7.92 -9.07 -10.77
C ALA A 79 8.49 -10.11 -9.81
N ARG A 80 7.60 -10.93 -9.26
CA ARG A 80 8.01 -11.97 -8.33
C ARG A 80 8.27 -13.28 -9.05
N SER A 81 8.34 -13.19 -10.37
CA SER A 81 8.64 -14.33 -11.22
C SER A 81 10.12 -14.69 -11.07
N MET A 1 30.45 -14.01 44.40
CA MET A 1 30.88 -13.84 43.00
C MET A 1 29.81 -14.36 42.05
N ALA A 2 29.11 -13.41 41.42
CA ALA A 2 28.06 -13.73 40.46
C ALA A 2 27.78 -12.51 39.61
N HIS A 3 27.62 -12.70 38.31
CA HIS A 3 27.36 -11.58 37.40
C HIS A 3 26.29 -11.94 36.39
N HIS A 4 25.24 -11.13 36.36
CA HIS A 4 24.18 -11.32 35.38
C HIS A 4 24.28 -10.25 34.31
N HIS A 5 24.89 -10.60 33.20
CA HIS A 5 25.05 -9.68 32.09
C HIS A 5 23.94 -9.93 31.07
N HIS A 6 22.95 -9.03 31.04
CA HIS A 6 21.82 -9.21 30.14
C HIS A 6 22.26 -9.07 28.69
N HIS A 7 21.44 -9.59 27.80
CA HIS A 7 21.75 -9.54 26.38
C HIS A 7 20.70 -8.73 25.65
N HIS A 8 20.76 -8.69 24.33
CA HIS A 8 19.75 -8.00 23.55
C HIS A 8 19.20 -8.95 22.49
N MET A 9 17.90 -8.91 22.29
CA MET A 9 17.25 -9.79 21.33
C MET A 9 17.22 -9.14 19.96
N GLY A 10 16.75 -7.91 19.92
CA GLY A 10 16.64 -7.20 18.66
C GLY A 10 15.39 -7.58 17.90
N THR A 11 15.08 -6.84 16.85
CA THR A 11 13.92 -7.15 16.03
C THR A 11 14.12 -6.64 14.61
N LEU A 12 14.38 -7.56 13.70
CA LEU A 12 14.52 -7.23 12.30
C LEU A 12 13.27 -7.65 11.55
N GLU A 13 12.91 -6.89 10.52
CA GLU A 13 11.75 -7.21 9.70
C GLU A 13 11.94 -8.57 9.02
N ALA A 14 11.26 -9.58 9.55
CA ALA A 14 11.36 -10.93 9.02
C ALA A 14 10.27 -11.18 8.00
N GLN A 15 9.30 -10.29 7.95
CA GLN A 15 8.19 -10.43 7.01
C GLN A 15 8.43 -9.61 5.75
N THR A 16 8.26 -8.28 5.86
CA THR A 16 8.33 -7.39 4.70
C THR A 16 7.32 -7.85 3.64
N GLN A 17 6.19 -8.36 4.13
CA GLN A 17 5.23 -9.04 3.27
C GLN A 17 4.13 -8.11 2.79
N GLY A 18 3.85 -8.17 1.50
CA GLY A 18 2.74 -7.44 0.93
C GLY A 18 1.69 -8.39 0.39
N PRO A 19 0.85 -7.94 -0.56
CA PRO A 19 -0.14 -8.81 -1.19
C PRO A 19 0.50 -9.76 -2.20
N GLY A 20 -0.05 -10.97 -2.30
CA GLY A 20 0.48 -11.95 -3.22
C GLY A 20 -0.01 -11.73 -4.63
N SER A 21 0.59 -10.76 -5.31
CA SER A 21 0.24 -10.46 -6.69
C SER A 21 0.81 -11.52 -7.63
N MET A 22 0.02 -12.54 -7.91
CA MET A 22 0.42 -13.62 -8.80
C MET A 22 -0.12 -13.39 -10.19
N ASN A 23 -1.10 -12.49 -10.28
CA ASN A 23 -1.68 -12.12 -11.55
C ASN A 23 -1.22 -10.74 -11.97
N ASP A 24 -1.67 -10.29 -13.13
CA ASP A 24 -1.22 -9.01 -13.69
C ASP A 24 -1.90 -7.83 -12.99
N TYR A 25 -1.60 -7.65 -11.72
CA TYR A 25 -2.06 -6.47 -10.99
C TYR A 25 -0.89 -5.51 -10.80
N LYS A 26 -1.16 -4.23 -10.93
CA LYS A 26 -0.11 -3.23 -10.90
C LYS A 26 0.01 -2.58 -9.53
N LEU A 27 1.15 -1.96 -9.30
CA LEU A 27 1.41 -1.25 -8.06
C LEU A 27 1.56 0.24 -8.36
N PHE A 28 0.98 1.08 -7.53
CA PHE A 28 1.10 2.51 -7.71
C PHE A 28 1.62 3.15 -6.43
N ARG A 29 2.79 3.75 -6.49
CA ARG A 29 3.40 4.33 -5.30
C ARG A 29 3.32 5.85 -5.34
N CYS A 30 2.86 6.43 -4.25
CA CYS A 30 2.80 7.88 -4.14
C CYS A 30 4.20 8.47 -4.15
N ILE A 31 4.39 9.54 -4.92
CA ILE A 31 5.69 10.15 -5.07
C ILE A 31 5.92 11.24 -4.04
N GLN A 32 4.85 11.63 -3.34
CA GLN A 32 4.96 12.65 -2.31
C GLN A 32 5.56 12.05 -1.05
N CYS A 33 5.12 10.85 -0.71
CA CYS A 33 5.54 10.21 0.54
C CYS A 33 6.13 8.83 0.28
N GLY A 34 5.35 7.95 -0.34
CA GLY A 34 5.81 6.60 -0.59
C GLY A 34 4.75 5.54 -0.36
N PHE A 35 3.52 5.98 -0.10
CA PHE A 35 2.39 5.07 0.05
C PHE A 35 2.20 4.22 -1.20
N GLU A 36 2.18 2.91 -1.02
CA GLU A 36 2.05 1.98 -2.13
C GLU A 36 0.65 1.40 -2.21
N TYR A 37 0.02 1.54 -3.36
CA TYR A 37 -1.30 0.96 -3.60
C TYR A 37 -1.19 -0.21 -4.56
N ASP A 38 -1.54 -1.39 -4.08
CA ASP A 38 -1.54 -2.59 -4.91
C ASP A 38 -2.94 -2.86 -5.42
N GLU A 39 -3.09 -3.10 -6.72
CA GLU A 39 -4.39 -3.43 -7.30
C GLU A 39 -4.93 -4.74 -6.72
N ALA A 40 -4.01 -5.60 -6.29
CA ALA A 40 -4.37 -6.91 -5.75
C ALA A 40 -4.78 -6.81 -4.28
N LEU A 41 -4.63 -5.63 -3.69
CA LEU A 41 -4.98 -5.44 -2.30
C LEU A 41 -6.10 -4.40 -2.17
N GLY A 42 -6.02 -3.35 -2.97
CA GLY A 42 -7.02 -2.31 -2.93
C GLY A 42 -6.89 -1.44 -1.71
N TRP A 43 -7.99 -0.87 -1.28
CA TRP A 43 -8.02 -0.07 -0.06
C TRP A 43 -9.45 -0.02 0.49
N PRO A 44 -9.85 -1.08 1.21
CA PRO A 44 -11.21 -1.24 1.71
C PRO A 44 -11.60 -0.15 2.69
N GLU A 45 -10.60 0.39 3.37
CA GLU A 45 -10.81 1.45 4.36
C GLU A 45 -11.57 2.63 3.76
N ASP A 46 -11.21 3.02 2.54
CA ASP A 46 -11.87 4.15 1.89
C ASP A 46 -13.01 3.66 0.99
N GLY A 47 -12.96 2.40 0.59
CA GLY A 47 -14.01 1.85 -0.24
C GLY A 47 -13.51 1.41 -1.60
N ILE A 48 -12.24 1.09 -1.69
CA ILE A 48 -11.66 0.57 -2.92
C ILE A 48 -11.47 -0.94 -2.79
N ALA A 49 -12.20 -1.70 -3.60
CA ALA A 49 -12.20 -3.15 -3.48
C ALA A 49 -10.91 -3.77 -4.03
N ALA A 50 -10.43 -4.80 -3.36
CA ALA A 50 -9.27 -5.56 -3.84
C ALA A 50 -9.58 -6.19 -5.18
N GLY A 51 -8.79 -5.84 -6.18
CA GLY A 51 -9.06 -6.32 -7.52
C GLY A 51 -9.58 -5.22 -8.42
N THR A 52 -9.96 -4.10 -7.82
CA THR A 52 -10.39 -2.93 -8.58
C THR A 52 -9.19 -2.28 -9.25
N ARG A 53 -9.27 -2.17 -10.57
CA ARG A 53 -8.20 -1.59 -11.35
C ARG A 53 -8.08 -0.09 -11.10
N TRP A 54 -6.87 0.42 -11.24
CA TRP A 54 -6.58 1.85 -11.13
C TRP A 54 -7.43 2.62 -12.14
N ASP A 55 -7.75 1.96 -13.23
CA ASP A 55 -8.56 2.53 -14.31
C ASP A 55 -9.97 2.84 -13.83
N ASP A 56 -10.45 2.07 -12.86
CA ASP A 56 -11.81 2.19 -12.37
C ASP A 56 -11.89 3.20 -11.23
N ILE A 57 -10.77 3.40 -10.55
CA ILE A 57 -10.70 4.29 -9.39
C ILE A 57 -11.10 5.71 -9.77
N PRO A 58 -12.09 6.28 -9.04
CA PRO A 58 -12.60 7.64 -9.28
C PRO A 58 -11.49 8.68 -9.36
N ASP A 59 -11.66 9.63 -10.26
CA ASP A 59 -10.64 10.63 -10.53
C ASP A 59 -10.41 11.52 -9.32
N ASP A 60 -11.43 11.65 -8.49
CA ASP A 60 -11.36 12.48 -7.29
C ASP A 60 -10.64 11.76 -6.15
N TRP A 61 -10.33 10.48 -6.35
CA TRP A 61 -9.68 9.70 -5.30
C TRP A 61 -8.25 10.18 -5.09
N SER A 62 -7.88 10.41 -3.85
CA SER A 62 -6.55 10.84 -3.52
C SER A 62 -5.87 9.86 -2.57
N CYS A 63 -4.56 9.94 -2.48
CA CYS A 63 -3.77 9.10 -1.60
C CYS A 63 -4.23 9.24 -0.14
N PRO A 64 -4.74 8.14 0.45
CA PRO A 64 -5.19 8.11 1.85
C PRO A 64 -4.02 8.18 2.83
N ASP A 65 -3.13 9.13 2.58
CA ASP A 65 -1.95 9.33 3.38
C ASP A 65 -1.60 10.81 3.44
N CYS A 66 -1.51 11.43 2.28
CA CYS A 66 -1.15 12.84 2.19
C CYS A 66 -2.14 13.63 1.33
N GLY A 67 -3.10 12.94 0.72
CA GLY A 67 -4.07 13.59 -0.15
C GLY A 67 -3.50 13.93 -1.51
N ALA A 68 -2.54 13.12 -1.95
CA ALA A 68 -1.94 13.28 -3.27
C ALA A 68 -2.88 12.75 -4.34
N ALA A 69 -2.92 13.40 -5.48
CA ALA A 69 -3.78 12.98 -6.58
C ALA A 69 -3.23 11.72 -7.24
N LYS A 70 -4.00 11.16 -8.17
CA LYS A 70 -3.58 9.96 -8.87
C LYS A 70 -2.31 10.23 -9.68
N SER A 71 -2.20 11.46 -10.18
CA SER A 71 -1.04 11.90 -10.94
C SER A 71 0.21 11.93 -10.06
N ASP A 72 0.00 11.88 -8.75
CA ASP A 72 1.11 11.89 -7.80
C ASP A 72 1.50 10.46 -7.44
N PHE A 73 0.96 9.50 -8.18
CA PHE A 73 1.36 8.11 -8.03
C PHE A 73 2.25 7.69 -9.19
N GLU A 74 3.12 6.73 -8.94
CA GLU A 74 3.99 6.19 -9.97
C GLU A 74 3.61 4.75 -10.28
N MET A 75 3.66 4.41 -11.57
CA MET A 75 3.24 3.10 -12.04
C MET A 75 4.37 2.09 -11.88
N VAL A 76 4.20 1.20 -10.91
CA VAL A 76 5.20 0.18 -10.61
C VAL A 76 4.74 -1.17 -11.14
N GLU A 77 5.57 -1.76 -11.98
CA GLU A 77 5.26 -3.08 -12.54
C GLU A 77 5.81 -4.17 -11.63
N VAL A 78 5.09 -5.28 -11.57
CA VAL A 78 5.51 -6.41 -10.74
C VAL A 78 6.43 -7.34 -11.52
N ALA A 79 7.04 -8.29 -10.81
CA ALA A 79 7.89 -9.27 -11.44
C ALA A 79 7.08 -10.52 -11.80
N ARG A 80 6.71 -10.62 -13.06
CA ARG A 80 5.88 -11.73 -13.52
C ARG A 80 6.75 -12.95 -13.77
N SER A 81 6.59 -13.98 -12.96
CA SER A 81 7.39 -15.19 -13.09
C SER A 81 6.57 -16.42 -12.69
N MET A 1 27.60 -9.88 46.44
CA MET A 1 26.36 -10.25 45.73
C MET A 1 25.91 -9.13 44.81
N ALA A 2 25.83 -9.43 43.52
CA ALA A 2 25.33 -8.47 42.54
C ALA A 2 24.66 -9.20 41.38
N HIS A 3 23.35 -9.08 41.29
CA HIS A 3 22.59 -9.73 40.23
C HIS A 3 22.29 -8.76 39.10
N HIS A 4 22.24 -9.28 37.88
CA HIS A 4 21.94 -8.47 36.72
C HIS A 4 20.57 -8.84 36.16
N HIS A 5 19.77 -7.84 35.83
CA HIS A 5 18.42 -8.07 35.33
C HIS A 5 18.08 -7.12 34.20
N HIS A 6 19.09 -6.63 33.49
CA HIS A 6 18.87 -5.78 32.34
C HIS A 6 18.32 -6.62 31.19
N HIS A 7 17.04 -6.43 30.89
CA HIS A 7 16.37 -7.27 29.91
C HIS A 7 15.82 -6.43 28.76
N HIS A 8 15.42 -7.11 27.69
CA HIS A 8 14.90 -6.43 26.50
C HIS A 8 13.39 -6.60 26.40
N MET A 9 12.73 -5.59 25.84
CA MET A 9 11.28 -5.63 25.68
C MET A 9 10.92 -6.32 24.38
N GLY A 10 11.59 -5.94 23.30
CA GLY A 10 11.37 -6.59 22.02
C GLY A 10 11.24 -5.62 20.89
N THR A 11 10.82 -6.12 19.73
CA THR A 11 10.62 -5.30 18.54
C THR A 11 9.23 -5.54 17.97
N LEU A 12 8.89 -4.89 16.87
CA LEU A 12 7.57 -5.05 16.29
C LEU A 12 7.60 -4.86 14.78
N GLU A 13 6.83 -5.70 14.08
CA GLU A 13 6.62 -5.60 12.64
C GLU A 13 7.92 -5.68 11.85
N ALA A 14 8.83 -6.55 12.30
CA ALA A 14 10.05 -6.83 11.56
C ALA A 14 9.76 -7.73 10.37
N GLN A 15 8.50 -8.17 10.30
CA GLN A 15 8.02 -9.04 9.23
C GLN A 15 8.34 -8.47 7.85
N THR A 16 7.92 -7.24 7.61
CA THR A 16 8.02 -6.62 6.29
C THR A 16 7.34 -7.50 5.25
N GLN A 17 6.04 -7.68 5.43
CA GLN A 17 5.24 -8.44 4.49
C GLN A 17 4.53 -7.51 3.52
N GLY A 18 4.03 -8.06 2.42
CA GLY A 18 3.33 -7.25 1.46
C GLY A 18 2.46 -8.09 0.53
N PRO A 19 2.00 -7.50 -0.58
CA PRO A 19 1.16 -8.19 -1.57
C PRO A 19 1.92 -9.30 -2.30
N GLY A 20 1.26 -10.44 -2.48
CA GLY A 20 1.87 -11.54 -3.18
C GLY A 20 1.48 -11.58 -4.65
N SER A 21 2.44 -11.87 -5.51
CA SER A 21 2.20 -11.91 -6.94
C SER A 21 1.31 -13.10 -7.32
N MET A 22 0.01 -12.85 -7.38
CA MET A 22 -0.95 -13.87 -7.79
C MET A 22 -1.55 -13.51 -9.14
N ASN A 23 -2.00 -12.27 -9.25
CA ASN A 23 -2.59 -11.77 -10.49
C ASN A 23 -1.76 -10.60 -10.98
N ASP A 24 -1.83 -10.31 -12.28
CA ASP A 24 -1.08 -9.17 -12.82
C ASP A 24 -1.83 -7.87 -12.57
N TYR A 25 -1.47 -7.21 -11.50
CA TYR A 25 -2.00 -5.91 -11.17
C TYR A 25 -0.86 -4.93 -10.95
N LYS A 26 -1.18 -3.65 -10.98
CA LYS A 26 -0.15 -2.63 -10.85
C LYS A 26 -0.16 -2.04 -9.45
N LEU A 27 1.02 -1.75 -8.93
CA LEU A 27 1.14 -1.11 -7.64
C LEU A 27 1.52 0.35 -7.86
N PHE A 28 0.62 1.24 -7.48
CA PHE A 28 0.83 2.66 -7.66
C PHE A 28 1.37 3.29 -6.38
N ARG A 29 2.56 3.83 -6.47
CA ARG A 29 3.23 4.41 -5.33
C ARG A 29 3.14 5.93 -5.37
N CYS A 30 2.66 6.50 -4.28
CA CYS A 30 2.54 7.95 -4.17
C CYS A 30 3.92 8.59 -4.09
N ILE A 31 4.15 9.59 -4.92
CA ILE A 31 5.46 10.22 -4.99
C ILE A 31 5.57 11.38 -4.01
N GLN A 32 4.48 11.67 -3.29
CA GLN A 32 4.49 12.73 -2.30
C GLN A 32 5.00 12.22 -0.96
N CYS A 33 4.87 10.93 -0.73
CA CYS A 33 5.23 10.34 0.56
C CYS A 33 5.84 8.95 0.40
N GLY A 34 5.25 8.14 -0.45
CA GLY A 34 5.74 6.79 -0.64
C GLY A 34 4.65 5.75 -0.45
N PHE A 35 3.43 6.21 -0.23
CA PHE A 35 2.27 5.32 -0.05
C PHE A 35 2.12 4.38 -1.24
N GLU A 36 2.31 3.09 -0.99
CA GLU A 36 2.24 2.09 -2.04
C GLU A 36 0.86 1.43 -2.07
N TYR A 37 0.13 1.67 -3.15
CA TYR A 37 -1.19 1.09 -3.32
C TYR A 37 -1.19 0.09 -4.46
N ASP A 38 -1.42 -1.17 -4.16
CA ASP A 38 -1.54 -2.18 -5.20
C ASP A 38 -3.01 -2.42 -5.55
N GLU A 39 -3.30 -2.55 -6.84
CA GLU A 39 -4.67 -2.76 -7.30
C GLU A 39 -5.26 -4.04 -6.71
N ALA A 40 -4.49 -5.12 -6.74
CA ALA A 40 -4.97 -6.44 -6.30
C ALA A 40 -5.21 -6.45 -4.80
N LEU A 41 -4.29 -5.84 -4.06
CA LEU A 41 -4.43 -5.70 -2.62
C LEU A 41 -5.65 -4.86 -2.29
N GLY A 42 -5.82 -3.78 -3.05
CA GLY A 42 -6.95 -2.89 -2.85
C GLY A 42 -6.73 -1.98 -1.67
N TRP A 43 -7.77 -1.28 -1.25
CA TRP A 43 -7.67 -0.41 -0.09
C TRP A 43 -9.01 -0.32 0.61
N PRO A 44 -9.38 -1.37 1.35
CA PRO A 44 -10.66 -1.45 2.05
C PRO A 44 -10.74 -0.43 3.18
N GLU A 45 -9.57 0.08 3.56
CA GLU A 45 -9.46 1.15 4.54
C GLU A 45 -10.31 2.34 4.11
N ASP A 46 -10.24 2.68 2.83
CA ASP A 46 -11.03 3.79 2.29
C ASP A 46 -12.30 3.27 1.63
N GLY A 47 -12.27 2.00 1.24
CA GLY A 47 -13.43 1.38 0.64
C GLY A 47 -13.14 0.78 -0.72
N ILE A 48 -11.94 1.05 -1.24
CA ILE A 48 -11.56 0.57 -2.55
C ILE A 48 -11.40 -0.95 -2.54
N ALA A 49 -12.15 -1.60 -3.40
CA ALA A 49 -12.22 -3.06 -3.42
C ALA A 49 -10.91 -3.68 -3.92
N ALA A 50 -10.55 -4.80 -3.31
CA ALA A 50 -9.36 -5.54 -3.72
C ALA A 50 -9.51 -6.02 -5.16
N GLY A 51 -8.69 -5.46 -6.03
CA GLY A 51 -8.75 -5.81 -7.44
C GLY A 51 -9.32 -4.70 -8.29
N THR A 52 -9.66 -3.57 -7.66
CA THR A 52 -10.13 -2.41 -8.40
C THR A 52 -8.99 -1.77 -9.19
N ARG A 53 -9.15 -1.77 -10.50
CA ARG A 53 -8.16 -1.21 -11.41
C ARG A 53 -8.09 0.31 -11.29
N TRP A 54 -6.89 0.83 -11.51
CA TRP A 54 -6.64 2.27 -11.44
C TRP A 54 -7.50 3.03 -12.45
N ASP A 55 -7.87 2.33 -13.52
CA ASP A 55 -8.70 2.90 -14.58
C ASP A 55 -10.14 3.09 -14.10
N ASP A 56 -10.54 2.31 -13.10
CA ASP A 56 -11.89 2.37 -12.57
C ASP A 56 -11.97 3.40 -11.44
N ILE A 57 -10.84 3.63 -10.79
CA ILE A 57 -10.75 4.55 -9.66
C ILE A 57 -10.95 6.00 -10.12
N PRO A 58 -11.91 6.70 -9.52
CA PRO A 58 -12.20 8.11 -9.86
C PRO A 58 -11.00 9.03 -9.64
N ASP A 59 -10.85 10.02 -10.51
CA ASP A 59 -9.72 10.94 -10.46
C ASP A 59 -9.75 11.80 -9.20
N ASP A 60 -10.92 11.87 -8.58
CA ASP A 60 -11.08 12.66 -7.37
C ASP A 60 -10.68 11.86 -6.14
N TRP A 61 -10.45 10.56 -6.30
CA TRP A 61 -9.95 9.75 -5.20
C TRP A 61 -8.49 10.09 -4.95
N SER A 62 -8.19 10.53 -3.75
CA SER A 62 -6.84 10.91 -3.41
C SER A 62 -6.23 9.91 -2.44
N CYS A 63 -4.91 9.89 -2.38
CA CYS A 63 -4.18 9.06 -1.45
C CYS A 63 -4.65 9.34 -0.02
N PRO A 64 -5.20 8.33 0.67
CA PRO A 64 -5.69 8.49 2.05
C PRO A 64 -4.58 8.91 3.01
N ASP A 65 -3.34 8.75 2.58
CA ASP A 65 -2.18 9.03 3.41
C ASP A 65 -1.82 10.52 3.41
N CYS A 66 -1.80 11.14 2.23
CA CYS A 66 -1.36 12.54 2.12
C CYS A 66 -2.30 13.40 1.28
N GLY A 67 -3.28 12.77 0.64
CA GLY A 67 -4.25 13.51 -0.16
C GLY A 67 -3.78 13.78 -1.58
N ALA A 68 -2.77 13.04 -2.03
CA ALA A 68 -2.27 13.17 -3.39
C ALA A 68 -3.20 12.46 -4.37
N ALA A 69 -3.54 13.14 -5.47
CA ALA A 69 -4.42 12.56 -6.47
C ALA A 69 -3.69 11.49 -7.29
N LYS A 70 -4.42 10.83 -8.19
CA LYS A 70 -3.85 9.77 -9.03
C LYS A 70 -2.63 10.27 -9.80
N SER A 71 -2.64 11.56 -10.14
CA SER A 71 -1.56 12.16 -10.92
C SER A 71 -0.23 12.11 -10.17
N ASP A 72 -0.31 11.93 -8.86
CA ASP A 72 0.88 11.91 -8.01
C ASP A 72 1.28 10.47 -7.68
N PHE A 73 0.74 9.51 -8.41
CA PHE A 73 1.13 8.12 -8.23
C PHE A 73 1.99 7.64 -9.40
N GLU A 74 2.87 6.69 -9.12
CA GLU A 74 3.69 6.08 -10.14
C GLU A 74 3.29 4.62 -10.31
N MET A 75 3.38 4.11 -11.54
CA MET A 75 2.98 2.75 -11.83
C MET A 75 4.14 1.78 -11.66
N VAL A 76 4.14 1.04 -10.57
CA VAL A 76 5.14 0.01 -10.33
C VAL A 76 4.51 -1.36 -10.48
N GLU A 77 4.98 -2.14 -11.45
CA GLU A 77 4.45 -3.48 -11.65
C GLU A 77 4.88 -4.40 -10.51
N VAL A 78 3.99 -5.32 -10.13
CA VAL A 78 4.30 -6.28 -9.09
C VAL A 78 5.47 -7.17 -9.49
N ALA A 79 6.17 -7.70 -8.49
CA ALA A 79 7.36 -8.50 -8.71
C ALA A 79 7.05 -9.72 -9.58
N ARG A 80 7.53 -9.69 -10.82
CA ARG A 80 7.34 -10.77 -11.75
C ARG A 80 8.23 -11.95 -11.37
N SER A 81 7.64 -12.92 -10.71
CA SER A 81 8.36 -14.10 -10.26
C SER A 81 8.04 -15.27 -11.17
N MET A 1 3.05 -19.86 33.55
CA MET A 1 2.54 -18.66 32.85
C MET A 1 3.25 -17.41 33.39
N ALA A 2 4.24 -16.95 32.67
CA ALA A 2 4.99 -15.76 33.07
C ALA A 2 4.57 -14.56 32.25
N HIS A 3 4.32 -13.44 32.92
CA HIS A 3 3.98 -12.19 32.25
C HIS A 3 4.99 -11.11 32.62
N HIS A 4 6.03 -10.98 31.83
CA HIS A 4 7.01 -9.93 32.05
C HIS A 4 6.46 -8.59 31.60
N HIS A 5 7.03 -7.52 32.12
CA HIS A 5 6.55 -6.18 31.85
C HIS A 5 6.96 -5.74 30.45
N HIS A 6 6.27 -4.74 29.93
CA HIS A 6 6.60 -4.16 28.63
C HIS A 6 7.70 -3.11 28.79
N HIS A 7 8.60 -3.38 29.73
CA HIS A 7 9.68 -2.48 30.08
C HIS A 7 10.78 -2.54 29.03
N HIS A 8 10.74 -1.60 28.08
CA HIS A 8 11.67 -1.57 26.95
C HIS A 8 11.60 -2.87 26.15
N MET A 9 10.39 -3.25 25.75
CA MET A 9 10.18 -4.45 24.95
C MET A 9 9.73 -4.06 23.54
N GLY A 10 9.91 -2.79 23.22
CA GLY A 10 9.49 -2.29 21.93
C GLY A 10 10.54 -2.49 20.85
N THR A 11 10.08 -2.77 19.65
CA THR A 11 10.97 -3.00 18.52
C THR A 11 10.17 -3.11 17.22
N LEU A 12 10.79 -2.76 16.11
CA LEU A 12 10.13 -2.84 14.81
C LEU A 12 11.05 -3.50 13.79
N GLU A 13 10.45 -4.20 12.83
CA GLU A 13 11.22 -4.88 11.80
C GLU A 13 11.20 -4.09 10.50
N ALA A 14 12.32 -4.14 9.79
CA ALA A 14 12.52 -3.38 8.55
C ALA A 14 11.91 -4.10 7.34
N GLN A 15 11.43 -5.32 7.55
CA GLN A 15 10.95 -6.22 6.48
C GLN A 15 10.29 -5.46 5.32
N THR A 16 9.20 -4.76 5.61
CA THR A 16 8.43 -4.05 4.58
C THR A 16 7.80 -5.06 3.62
N GLN A 17 7.67 -6.29 4.10
CA GLN A 17 7.13 -7.37 3.30
C GLN A 17 5.62 -7.46 3.45
N GLY A 18 4.90 -7.01 2.43
CA GLY A 18 3.45 -7.04 2.48
C GLY A 18 2.87 -7.83 1.32
N PRO A 19 1.94 -7.22 0.56
CA PRO A 19 1.29 -7.87 -0.57
C PRO A 19 2.18 -7.93 -1.81
N GLY A 20 2.39 -9.13 -2.33
CA GLY A 20 3.16 -9.30 -3.54
C GLY A 20 2.30 -9.74 -4.70
N SER A 21 1.85 -8.78 -5.50
CA SER A 21 0.92 -9.02 -6.59
C SER A 21 1.33 -10.21 -7.47
N MET A 22 0.44 -11.18 -7.62
CA MET A 22 0.69 -12.36 -8.45
C MET A 22 0.02 -12.21 -9.81
N ASN A 23 -0.79 -11.17 -9.95
CA ASN A 23 -1.62 -11.01 -11.14
C ASN A 23 -1.22 -9.78 -11.93
N ASP A 24 -2.07 -9.43 -12.91
CA ASP A 24 -1.86 -8.26 -13.75
C ASP A 24 -2.24 -6.97 -13.02
N TYR A 25 -2.24 -7.04 -11.70
CA TYR A 25 -2.52 -5.88 -10.86
C TYR A 25 -1.21 -5.20 -10.50
N LYS A 26 -1.13 -3.89 -10.72
CA LYS A 26 0.11 -3.18 -10.53
C LYS A 26 0.15 -2.44 -9.20
N LEU A 27 1.34 -1.91 -8.90
CA LEU A 27 1.55 -1.11 -7.71
C LEU A 27 1.60 0.37 -8.08
N PHE A 28 1.01 1.20 -7.27
CA PHE A 28 1.05 2.65 -7.48
C PHE A 28 1.49 3.34 -6.20
N ARG A 29 2.63 4.00 -6.25
CA ARG A 29 3.18 4.62 -5.06
C ARG A 29 3.08 6.13 -5.12
N CYS A 30 2.50 6.71 -4.09
CA CYS A 30 2.39 8.16 -3.97
C CYS A 30 3.78 8.76 -3.79
N ILE A 31 4.16 9.65 -4.68
CA ILE A 31 5.49 10.26 -4.64
C ILE A 31 5.52 11.43 -3.68
N GLN A 32 4.36 11.77 -3.13
CA GLN A 32 4.26 12.85 -2.16
C GLN A 32 4.69 12.37 -0.78
N CYS A 33 4.57 11.06 -0.55
CA CYS A 33 4.91 10.52 0.76
C CYS A 33 5.56 9.15 0.62
N GLY A 34 4.87 8.23 -0.05
CA GLY A 34 5.38 6.88 -0.17
C GLY A 34 4.29 5.83 -0.03
N PHE A 35 3.03 6.27 0.07
CA PHE A 35 1.90 5.36 0.16
C PHE A 35 1.83 4.47 -1.08
N GLU A 36 2.06 3.19 -0.89
CA GLU A 36 2.04 2.23 -1.98
C GLU A 36 0.71 1.50 -2.04
N TYR A 37 0.01 1.68 -3.14
CA TYR A 37 -1.27 1.02 -3.37
C TYR A 37 -1.10 -0.11 -4.37
N ASP A 38 -1.62 -1.27 -4.03
CA ASP A 38 -1.63 -2.41 -4.94
C ASP A 38 -3.05 -2.68 -5.40
N GLU A 39 -3.24 -2.85 -6.71
CA GLU A 39 -4.57 -3.08 -7.26
C GLU A 39 -5.16 -4.42 -6.78
N ALA A 40 -4.29 -5.36 -6.42
CA ALA A 40 -4.73 -6.68 -5.96
C ALA A 40 -5.14 -6.65 -4.49
N LEU A 41 -4.43 -5.85 -3.69
CA LEU A 41 -4.74 -5.71 -2.28
C LEU A 41 -5.93 -4.76 -2.11
N GLY A 42 -5.85 -3.60 -2.75
CA GLY A 42 -6.90 -2.61 -2.62
C GLY A 42 -6.69 -1.72 -1.41
N TRP A 43 -7.75 -1.07 -0.98
CA TRP A 43 -7.70 -0.22 0.20
C TRP A 43 -9.09 -0.15 0.84
N PRO A 44 -9.40 -1.11 1.72
CA PRO A 44 -10.74 -1.27 2.29
C PRO A 44 -11.14 -0.10 3.17
N GLU A 45 -10.15 0.60 3.70
CA GLU A 45 -10.40 1.76 4.54
C GLU A 45 -11.14 2.86 3.78
N ASP A 46 -10.81 3.02 2.51
CA ASP A 46 -11.47 4.01 1.66
C ASP A 46 -12.67 3.41 0.96
N GLY A 47 -12.66 2.08 0.83
CA GLY A 47 -13.75 1.40 0.15
C GLY A 47 -13.30 0.79 -1.15
N ILE A 48 -12.00 0.87 -1.42
CA ILE A 48 -11.42 0.29 -2.62
C ILE A 48 -11.22 -1.20 -2.44
N ALA A 49 -12.06 -2.00 -3.08
CA ALA A 49 -12.01 -3.45 -2.93
C ALA A 49 -10.86 -4.05 -3.74
N ALA A 50 -10.34 -5.16 -3.25
CA ALA A 50 -9.30 -5.89 -3.96
C ALA A 50 -9.76 -6.24 -5.37
N GLY A 51 -9.01 -5.79 -6.36
CA GLY A 51 -9.39 -6.04 -7.73
C GLY A 51 -9.89 -4.77 -8.42
N THR A 52 -10.05 -3.71 -7.65
CA THR A 52 -10.41 -2.42 -8.23
C THR A 52 -9.23 -1.87 -9.03
N ARG A 53 -9.44 -1.69 -10.32
CA ARG A 53 -8.39 -1.22 -11.21
C ARG A 53 -8.19 0.27 -11.06
N TRP A 54 -7.00 0.73 -11.45
CA TRP A 54 -6.70 2.16 -11.49
C TRP A 54 -7.66 2.86 -12.45
N ASP A 55 -8.21 2.08 -13.39
CA ASP A 55 -9.21 2.57 -14.33
C ASP A 55 -10.53 2.85 -13.62
N ASP A 56 -10.85 1.98 -12.66
CA ASP A 56 -12.11 2.10 -11.91
C ASP A 56 -12.03 3.30 -10.98
N ILE A 57 -10.91 3.40 -10.27
CA ILE A 57 -10.67 4.48 -9.32
C ILE A 57 -10.76 5.84 -10.00
N PRO A 58 -11.67 6.70 -9.52
CA PRO A 58 -11.88 8.04 -10.10
C PRO A 58 -10.64 8.92 -9.98
N ASP A 59 -10.47 9.84 -10.93
CA ASP A 59 -9.31 10.74 -10.93
C ASP A 59 -9.41 11.75 -9.79
N ASP A 60 -10.59 11.82 -9.17
CA ASP A 60 -10.79 12.67 -8.00
C ASP A 60 -10.24 12.02 -6.74
N TRP A 61 -10.00 10.71 -6.80
CA TRP A 61 -9.56 9.95 -5.63
C TRP A 61 -8.23 10.45 -5.12
N SER A 62 -8.20 10.85 -3.87
CA SER A 62 -7.00 11.32 -3.24
C SER A 62 -6.42 10.26 -2.31
N CYS A 63 -5.09 10.23 -2.23
CA CYS A 63 -4.39 9.30 -1.37
C CYS A 63 -4.76 9.54 0.09
N PRO A 64 -5.30 8.50 0.76
CA PRO A 64 -5.72 8.58 2.16
C PRO A 64 -4.56 8.86 3.12
N ASP A 65 -3.35 8.91 2.60
CA ASP A 65 -2.15 9.08 3.42
C ASP A 65 -1.64 10.52 3.38
N CYS A 66 -2.16 11.33 2.46
CA CYS A 66 -1.69 12.70 2.30
C CYS A 66 -2.74 13.61 1.67
N GLY A 67 -3.44 13.11 0.66
CA GLY A 67 -4.45 13.90 -0.01
C GLY A 67 -4.12 14.16 -1.47
N ALA A 68 -2.95 13.70 -1.89
CA ALA A 68 -2.52 13.85 -3.28
C ALA A 68 -3.36 12.96 -4.19
N ALA A 69 -3.59 13.42 -5.42
CA ALA A 69 -4.44 12.69 -6.34
C ALA A 69 -3.68 11.54 -7.00
N LYS A 70 -4.38 10.79 -7.86
CA LYS A 70 -3.78 9.66 -8.56
C LYS A 70 -2.56 10.08 -9.37
N SER A 71 -2.57 11.32 -9.84
CA SER A 71 -1.50 11.83 -10.68
C SER A 71 -0.19 11.95 -9.89
N ASP A 72 -0.30 11.90 -8.57
CA ASP A 72 0.87 11.98 -7.70
C ASP A 72 1.40 10.59 -7.37
N PHE A 73 0.87 9.58 -8.05
CA PHE A 73 1.35 8.22 -7.88
C PHE A 73 2.27 7.83 -9.03
N GLU A 74 3.17 6.90 -8.78
CA GLU A 74 4.03 6.35 -9.82
C GLU A 74 3.65 4.89 -10.04
N MET A 75 3.79 4.42 -11.28
CA MET A 75 3.43 3.07 -11.61
C MET A 75 4.59 2.11 -11.37
N VAL A 76 4.39 1.20 -10.43
CA VAL A 76 5.36 0.14 -10.19
C VAL A 76 4.86 -1.14 -10.82
N GLU A 77 5.47 -1.51 -11.92
CA GLU A 77 5.07 -2.64 -12.70
C GLU A 77 5.41 -3.95 -12.01
N VAL A 78 4.67 -5.01 -12.33
CA VAL A 78 4.86 -6.30 -11.68
C VAL A 78 6.09 -7.00 -12.24
N ALA A 79 7.15 -6.96 -11.46
CA ALA A 79 8.38 -7.68 -11.79
C ALA A 79 8.71 -8.62 -10.64
N ARG A 80 7.70 -8.92 -9.84
CA ARG A 80 7.87 -9.74 -8.65
C ARG A 80 7.82 -11.22 -9.04
N SER A 81 8.96 -11.87 -8.96
CA SER A 81 9.06 -13.29 -9.26
C SER A 81 8.92 -14.11 -7.98
N MET A 1 17.21 0.73 50.20
CA MET A 1 15.98 0.08 49.68
C MET A 1 15.67 0.63 48.29
N ALA A 2 15.47 -0.26 47.33
CA ALA A 2 15.26 0.16 45.96
C ALA A 2 14.18 -0.68 45.27
N HIS A 3 13.43 -0.03 44.39
CA HIS A 3 12.44 -0.71 43.57
C HIS A 3 12.86 -0.62 42.11
N HIS A 4 13.35 -1.72 41.57
CA HIS A 4 13.88 -1.72 40.21
C HIS A 4 12.78 -1.86 39.19
N HIS A 5 12.76 -0.93 38.24
CA HIS A 5 11.75 -0.90 37.19
C HIS A 5 12.16 -1.82 36.06
N HIS A 6 11.43 -2.92 35.91
CA HIS A 6 11.67 -3.85 34.84
C HIS A 6 10.77 -3.50 33.67
N HIS A 7 11.31 -2.76 32.72
CA HIS A 7 10.50 -2.21 31.63
C HIS A 7 10.90 -2.82 30.30
N HIS A 8 10.00 -3.62 29.75
CA HIS A 8 10.18 -4.17 28.42
C HIS A 8 9.68 -3.17 27.39
N MET A 9 10.49 -2.91 26.37
CA MET A 9 10.20 -1.87 25.39
C MET A 9 9.10 -2.31 24.43
N GLY A 10 8.99 -3.62 24.23
CA GLY A 10 8.04 -4.14 23.28
C GLY A 10 8.74 -4.61 22.02
N THR A 11 7.98 -5.09 21.05
CA THR A 11 8.55 -5.54 19.80
C THR A 11 7.68 -5.11 18.62
N LEU A 12 8.31 -4.58 17.60
CA LEU A 12 7.62 -4.17 16.39
C LEU A 12 7.34 -5.38 15.50
N GLU A 13 6.56 -5.18 14.46
CA GLU A 13 6.31 -6.25 13.51
C GLU A 13 7.55 -6.47 12.65
N ALA A 14 8.26 -7.55 12.94
CA ALA A 14 9.59 -7.80 12.39
C ALA A 14 9.59 -7.97 10.88
N GLN A 15 8.46 -8.40 10.31
CA GLN A 15 8.42 -8.69 8.89
C GLN A 15 7.77 -7.59 8.08
N THR A 16 6.50 -7.31 8.36
CA THR A 16 5.71 -6.38 7.57
C THR A 16 5.59 -6.89 6.13
N GLN A 17 5.22 -8.16 6.01
CA GLN A 17 5.07 -8.80 4.72
C GLN A 17 3.72 -8.46 4.11
N GLY A 18 3.73 -7.73 3.00
CA GLY A 18 2.51 -7.32 2.35
C GLY A 18 1.98 -8.35 1.38
N PRO A 19 1.44 -7.91 0.23
CA PRO A 19 0.84 -8.80 -0.76
C PRO A 19 1.88 -9.49 -1.62
N GLY A 20 1.57 -10.72 -2.00
CA GLY A 20 2.40 -11.47 -2.92
C GLY A 20 1.61 -11.88 -4.14
N SER A 21 1.10 -10.89 -4.86
CA SER A 21 0.18 -11.12 -5.96
C SER A 21 0.85 -11.87 -7.11
N MET A 22 0.26 -13.01 -7.45
CA MET A 22 0.68 -13.81 -8.60
C MET A 22 0.01 -13.29 -9.86
N ASN A 23 -1.08 -12.55 -9.67
CA ASN A 23 -1.86 -12.01 -10.77
C ASN A 23 -1.23 -10.72 -11.28
N ASP A 24 -1.52 -10.36 -12.53
CA ASP A 24 -0.98 -9.14 -13.11
C ASP A 24 -1.76 -7.92 -12.62
N TYR A 25 -1.27 -7.33 -11.55
CA TYR A 25 -1.79 -6.08 -11.05
C TYR A 25 -0.65 -5.10 -10.87
N LYS A 26 -0.94 -3.83 -10.77
CA LYS A 26 0.11 -2.83 -10.60
C LYS A 26 0.08 -2.24 -9.20
N LEU A 27 1.24 -1.75 -8.76
CA LEU A 27 1.33 -1.06 -7.49
C LEU A 27 1.61 0.41 -7.74
N PHE A 28 0.63 1.25 -7.46
CA PHE A 28 0.77 2.68 -7.67
C PHE A 28 1.26 3.33 -6.40
N ARG A 29 2.47 3.88 -6.45
CA ARG A 29 3.05 4.53 -5.28
C ARG A 29 2.93 6.05 -5.41
N CYS A 30 2.57 6.69 -4.32
CA CYS A 30 2.48 8.14 -4.27
C CYS A 30 3.87 8.75 -4.18
N ILE A 31 4.20 9.61 -5.13
CA ILE A 31 5.52 10.20 -5.23
C ILE A 31 5.72 11.29 -4.18
N GLN A 32 4.62 11.71 -3.57
CA GLN A 32 4.66 12.78 -2.59
C GLN A 32 5.06 12.25 -1.21
N CYS A 33 5.01 10.94 -1.04
CA CYS A 33 5.34 10.35 0.25
C CYS A 33 5.92 8.95 0.11
N GLY A 34 5.21 8.07 -0.56
CA GLY A 34 5.67 6.71 -0.72
C GLY A 34 4.60 5.69 -0.43
N PHE A 35 3.35 6.14 -0.34
CA PHE A 35 2.22 5.26 -0.12
C PHE A 35 2.01 4.35 -1.33
N GLU A 36 2.17 3.04 -1.13
CA GLU A 36 2.03 2.07 -2.21
C GLU A 36 0.63 1.47 -2.22
N TYR A 37 -0.02 1.56 -3.37
CA TYR A 37 -1.33 0.95 -3.58
C TYR A 37 -1.24 -0.24 -4.52
N ASP A 38 -1.50 -1.43 -4.01
CA ASP A 38 -1.52 -2.64 -4.82
C ASP A 38 -2.94 -2.89 -5.31
N GLU A 39 -3.13 -2.98 -6.63
CA GLU A 39 -4.46 -3.20 -7.21
C GLU A 39 -5.06 -4.53 -6.76
N ALA A 40 -4.20 -5.49 -6.42
CA ALA A 40 -4.65 -6.82 -6.02
C ALA A 40 -4.96 -6.87 -4.53
N LEU A 41 -4.73 -5.76 -3.85
CA LEU A 41 -5.05 -5.66 -2.42
C LEU A 41 -6.18 -4.66 -2.21
N GLY A 42 -6.10 -3.55 -2.93
CA GLY A 42 -7.11 -2.53 -2.82
C GLY A 42 -6.89 -1.65 -1.61
N TRP A 43 -7.97 -1.06 -1.11
CA TRP A 43 -7.91 -0.25 0.09
C TRP A 43 -9.27 -0.30 0.79
N PRO A 44 -9.50 -1.35 1.59
CA PRO A 44 -10.78 -1.61 2.25
C PRO A 44 -11.12 -0.54 3.28
N GLU A 45 -10.12 0.24 3.67
CA GLU A 45 -10.35 1.39 4.54
C GLU A 45 -11.41 2.32 3.94
N ASP A 46 -11.28 2.60 2.65
CA ASP A 46 -12.26 3.45 1.98
C ASP A 46 -13.33 2.60 1.30
N GLY A 47 -13.00 1.34 1.02
CA GLY A 47 -13.94 0.46 0.37
C GLY A 47 -13.44 -0.03 -0.97
N ILE A 48 -12.22 0.35 -1.32
CA ILE A 48 -11.61 -0.11 -2.56
C ILE A 48 -11.33 -1.61 -2.48
N ALA A 49 -12.09 -2.39 -3.22
CA ALA A 49 -11.97 -3.84 -3.16
C ALA A 49 -10.78 -4.34 -3.96
N ALA A 50 -10.15 -5.40 -3.47
CA ALA A 50 -9.07 -6.05 -4.18
C ALA A 50 -9.54 -6.44 -5.58
N GLY A 51 -8.79 -6.03 -6.59
CA GLY A 51 -9.19 -6.30 -7.95
C GLY A 51 -9.67 -5.05 -8.65
N THR A 52 -9.92 -3.99 -7.87
CA THR A 52 -10.29 -2.71 -8.44
C THR A 52 -9.10 -2.09 -9.15
N ARG A 53 -9.28 -1.82 -10.43
CA ARG A 53 -8.23 -1.27 -11.26
C ARG A 53 -8.10 0.23 -11.07
N TRP A 54 -6.93 0.75 -11.40
CA TRP A 54 -6.71 2.19 -11.40
C TRP A 54 -7.69 2.87 -12.37
N ASP A 55 -8.11 2.11 -13.37
CA ASP A 55 -9.09 2.59 -14.35
C ASP A 55 -10.46 2.76 -13.69
N ASP A 56 -10.69 1.98 -12.64
CA ASP A 56 -11.97 2.00 -11.93
C ASP A 56 -11.95 3.06 -10.83
N ILE A 57 -10.82 3.71 -10.67
CA ILE A 57 -10.66 4.71 -9.62
C ILE A 57 -10.70 6.11 -10.23
N PRO A 58 -11.66 6.94 -9.81
CA PRO A 58 -11.76 8.33 -10.25
C PRO A 58 -10.71 9.22 -9.59
N ASP A 59 -10.31 10.28 -10.30
CA ASP A 59 -9.27 11.19 -9.80
C ASP A 59 -9.76 12.02 -8.62
N ASP A 60 -11.01 11.80 -8.25
CA ASP A 60 -11.59 12.43 -7.07
C ASP A 60 -11.01 11.78 -5.82
N TRP A 61 -10.46 10.58 -6.00
CA TRP A 61 -9.86 9.84 -4.90
C TRP A 61 -8.43 10.32 -4.64
N SER A 62 -8.23 10.93 -3.48
CA SER A 62 -6.90 11.36 -3.08
C SER A 62 -6.24 10.30 -2.21
N CYS A 63 -4.92 10.28 -2.23
CA CYS A 63 -4.15 9.36 -1.38
C CYS A 63 -4.54 9.53 0.08
N PRO A 64 -5.00 8.46 0.73
CA PRO A 64 -5.47 8.49 2.13
C PRO A 64 -4.36 8.79 3.13
N ASP A 65 -3.16 9.05 2.62
CA ASP A 65 -2.01 9.35 3.46
C ASP A 65 -1.66 10.84 3.40
N CYS A 66 -1.46 11.36 2.21
CA CYS A 66 -1.01 12.74 2.05
C CYS A 66 -2.05 13.62 1.37
N GLY A 67 -3.05 13.00 0.76
CA GLY A 67 -4.09 13.75 0.08
C GLY A 67 -3.75 14.07 -1.38
N ALA A 68 -2.57 13.62 -1.82
CA ALA A 68 -2.17 13.82 -3.20
C ALA A 68 -3.08 13.03 -4.15
N ALA A 69 -3.37 13.61 -5.30
CA ALA A 69 -4.27 12.99 -6.26
C ALA A 69 -3.57 11.89 -7.05
N LYS A 70 -4.32 11.23 -7.91
CA LYS A 70 -3.80 10.13 -8.73
C LYS A 70 -2.63 10.58 -9.60
N SER A 71 -2.62 11.86 -9.94
CA SER A 71 -1.57 12.45 -10.77
C SER A 71 -0.20 12.29 -10.11
N ASP A 72 -0.18 12.07 -8.80
CA ASP A 72 1.06 11.96 -8.06
C ASP A 72 1.39 10.49 -7.75
N PHE A 73 0.79 9.58 -8.49
CA PHE A 73 1.10 8.17 -8.33
C PHE A 73 1.95 7.66 -9.49
N GLU A 74 2.85 6.73 -9.17
CA GLU A 74 3.68 6.10 -10.18
C GLU A 74 3.30 4.63 -10.30
N MET A 75 3.34 4.11 -11.52
CA MET A 75 2.95 2.72 -11.76
C MET A 75 4.13 1.78 -11.58
N VAL A 76 4.15 1.08 -10.46
CA VAL A 76 5.16 0.06 -10.23
C VAL A 76 4.61 -1.29 -10.67
N GLU A 77 5.18 -1.84 -11.72
CA GLU A 77 4.77 -3.13 -12.21
C GLU A 77 5.36 -4.23 -11.33
N VAL A 78 4.65 -5.34 -11.22
CA VAL A 78 5.10 -6.43 -10.37
C VAL A 78 6.35 -7.09 -10.95
N ALA A 79 7.25 -7.48 -10.06
CA ALA A 79 8.46 -8.19 -10.46
C ALA A 79 8.17 -9.68 -10.48
N ARG A 80 7.12 -10.06 -11.19
CA ARG A 80 6.71 -11.45 -11.26
C ARG A 80 7.60 -12.22 -12.23
N SER A 81 8.56 -12.92 -11.65
CA SER A 81 9.46 -13.74 -12.43
C SER A 81 9.54 -15.12 -11.77
N MET A 1 3.69 -21.88 48.03
CA MET A 1 4.99 -21.19 48.13
C MET A 1 5.58 -20.99 46.74
N ALA A 2 6.89 -20.72 46.69
CA ALA A 2 7.61 -20.51 45.43
C ALA A 2 7.21 -19.20 44.76
N HIS A 3 8.01 -18.17 44.98
CA HIS A 3 7.76 -16.86 44.39
C HIS A 3 8.65 -16.66 43.17
N HIS A 4 8.08 -16.86 41.99
CA HIS A 4 8.86 -16.78 40.75
C HIS A 4 8.02 -16.16 39.63
N HIS A 5 8.70 -15.71 38.60
CA HIS A 5 8.03 -15.10 37.45
C HIS A 5 7.90 -16.07 36.30
N HIS A 6 6.91 -15.81 35.47
CA HIS A 6 6.71 -16.54 34.22
C HIS A 6 6.52 -15.53 33.10
N HIS A 7 7.56 -15.33 32.31
CA HIS A 7 7.56 -14.28 31.32
C HIS A 7 7.23 -14.82 29.93
N HIS A 8 6.75 -13.95 29.06
CA HIS A 8 6.49 -14.34 27.68
C HIS A 8 7.80 -14.50 26.93
N MET A 9 7.78 -15.33 25.91
CA MET A 9 8.97 -15.60 25.12
C MET A 9 9.22 -14.48 24.13
N GLY A 10 8.14 -13.90 23.61
CA GLY A 10 8.26 -12.83 22.65
C GLY A 10 6.93 -12.15 22.38
N THR A 11 7.00 -10.90 21.95
CA THR A 11 5.81 -10.15 21.58
C THR A 11 6.13 -9.21 20.42
N LEU A 12 5.83 -9.67 19.20
CA LEU A 12 6.11 -8.89 18.00
C LEU A 12 5.46 -9.58 16.79
N GLU A 13 5.38 -8.87 15.67
CA GLU A 13 4.84 -9.46 14.45
C GLU A 13 5.86 -10.38 13.80
N ALA A 14 5.45 -11.61 13.54
CA ALA A 14 6.33 -12.60 12.93
C ALA A 14 6.19 -12.60 11.42
N GLN A 15 5.08 -12.06 10.92
CA GLN A 15 4.78 -12.13 9.49
C GLN A 15 4.98 -10.79 8.79
N THR A 16 4.38 -9.74 9.32
CA THR A 16 4.28 -8.47 8.63
C THR A 16 3.62 -8.70 7.26
N GLN A 17 2.37 -9.14 7.34
CA GLN A 17 1.53 -9.47 6.18
C GLN A 17 1.69 -8.47 5.04
N GLY A 18 2.02 -9.00 3.86
CA GLY A 18 2.16 -8.17 2.67
C GLY A 18 1.59 -8.86 1.45
N PRO A 19 1.33 -8.12 0.37
CA PRO A 19 0.75 -8.68 -0.86
C PRO A 19 1.77 -9.45 -1.69
N GLY A 20 1.28 -10.29 -2.60
CA GLY A 20 2.14 -11.04 -3.48
C GLY A 20 1.72 -10.92 -4.93
N SER A 21 2.61 -11.23 -5.84
CA SER A 21 2.32 -11.13 -7.27
C SER A 21 1.74 -12.43 -7.80
N MET A 22 0.43 -12.43 -8.03
CA MET A 22 -0.24 -13.60 -8.58
C MET A 22 -0.74 -13.32 -9.99
N ASN A 23 -1.53 -12.26 -10.12
CA ASN A 23 -2.11 -11.89 -11.41
C ASN A 23 -1.55 -10.54 -11.85
N ASP A 24 -1.92 -10.09 -13.04
CA ASP A 24 -1.40 -8.83 -13.58
C ASP A 24 -2.06 -7.64 -12.88
N TYR A 25 -1.42 -7.14 -11.85
CA TYR A 25 -1.86 -5.93 -11.18
C TYR A 25 -0.70 -4.95 -11.07
N LYS A 26 -1.01 -3.67 -10.98
CA LYS A 26 0.02 -2.66 -10.86
C LYS A 26 0.11 -2.16 -9.43
N LEU A 27 1.27 -1.60 -9.09
CA LEU A 27 1.49 -1.03 -7.77
C LEU A 27 1.70 0.46 -7.90
N PHE A 28 0.74 1.24 -7.44
CA PHE A 28 0.83 2.68 -7.56
C PHE A 28 1.34 3.31 -6.28
N ARG A 29 2.54 3.85 -6.35
CA ARG A 29 3.20 4.42 -5.19
C ARG A 29 3.15 5.93 -5.24
N CYS A 30 2.69 6.53 -4.15
CA CYS A 30 2.58 7.98 -4.06
C CYS A 30 3.96 8.61 -3.95
N ILE A 31 4.25 9.57 -4.82
CA ILE A 31 5.58 10.19 -4.85
C ILE A 31 5.68 11.27 -3.79
N GLN A 32 4.55 11.57 -3.14
CA GLN A 32 4.51 12.60 -2.11
C GLN A 32 4.93 12.04 -0.76
N CYS A 33 4.92 10.71 -0.62
CA CYS A 33 5.22 10.09 0.66
C CYS A 33 5.78 8.69 0.53
N GLY A 34 5.35 7.96 -0.49
CA GLY A 34 5.83 6.61 -0.70
C GLY A 34 4.77 5.57 -0.42
N PHE A 35 3.55 6.03 -0.18
CA PHE A 35 2.41 5.15 0.03
C PHE A 35 2.20 4.26 -1.19
N GLU A 36 2.39 2.96 -1.01
CA GLU A 36 2.28 2.02 -2.10
C GLU A 36 0.92 1.33 -2.11
N TYR A 37 0.17 1.58 -3.16
CA TYR A 37 -1.14 0.96 -3.34
C TYR A 37 -1.06 -0.18 -4.35
N ASP A 38 -1.23 -1.39 -3.86
CA ASP A 38 -1.30 -2.56 -4.73
C ASP A 38 -2.73 -2.73 -5.23
N GLU A 39 -2.92 -2.79 -6.55
CA GLU A 39 -4.26 -3.05 -7.09
C GLU A 39 -4.81 -4.36 -6.53
N ALA A 40 -3.92 -5.32 -6.31
CA ALA A 40 -4.29 -6.63 -5.80
C ALA A 40 -4.67 -6.58 -4.33
N LEU A 41 -4.23 -5.54 -3.63
CA LEU A 41 -4.50 -5.40 -2.21
C LEU A 41 -5.74 -4.57 -1.97
N GLY A 42 -5.85 -3.46 -2.69
CA GLY A 42 -6.99 -2.57 -2.55
C GLY A 42 -6.87 -1.68 -1.33
N TRP A 43 -7.99 -1.11 -0.92
CA TRP A 43 -8.03 -0.24 0.24
C TRP A 43 -9.46 -0.17 0.77
N PRO A 44 -9.85 -1.13 1.62
CA PRO A 44 -11.23 -1.28 2.09
C PRO A 44 -11.69 -0.10 2.92
N GLU A 45 -10.73 0.59 3.53
CA GLU A 45 -11.03 1.75 4.36
C GLU A 45 -11.76 2.85 3.57
N ASP A 46 -11.36 3.03 2.32
CA ASP A 46 -12.00 4.03 1.48
C ASP A 46 -13.14 3.41 0.67
N GLY A 47 -13.06 2.10 0.50
CA GLY A 47 -14.09 1.40 -0.25
C GLY A 47 -13.55 0.78 -1.52
N ILE A 48 -12.22 0.75 -1.64
CA ILE A 48 -11.57 0.16 -2.78
C ILE A 48 -11.35 -1.32 -2.54
N ALA A 49 -12.04 -2.16 -3.31
CA ALA A 49 -11.97 -3.61 -3.13
C ALA A 49 -10.66 -4.17 -3.66
N ALA A 50 -10.18 -5.23 -3.05
CA ALA A 50 -8.98 -5.91 -3.50
C ALA A 50 -9.16 -6.43 -4.93
N GLY A 51 -8.45 -5.84 -5.86
CA GLY A 51 -8.60 -6.21 -7.26
C GLY A 51 -9.29 -5.12 -8.06
N THR A 52 -9.53 -3.97 -7.44
CA THR A 52 -10.09 -2.83 -8.16
C THR A 52 -9.03 -2.18 -9.03
N ARG A 53 -9.32 -2.06 -10.31
CA ARG A 53 -8.39 -1.49 -11.27
C ARG A 53 -8.31 0.02 -11.11
N TRP A 54 -7.11 0.56 -11.34
CA TRP A 54 -6.85 1.99 -11.26
C TRP A 54 -7.76 2.77 -12.22
N ASP A 55 -8.20 2.09 -13.27
CA ASP A 55 -9.10 2.69 -14.27
C ASP A 55 -10.43 3.04 -13.63
N ASP A 56 -10.92 2.15 -12.77
CA ASP A 56 -12.23 2.30 -12.15
C ASP A 56 -12.17 3.32 -11.03
N ILE A 57 -10.97 3.57 -10.54
CA ILE A 57 -10.74 4.52 -9.47
C ILE A 57 -10.89 5.95 -9.97
N PRO A 58 -11.81 6.72 -9.35
CA PRO A 58 -12.12 8.11 -9.75
C PRO A 58 -10.89 9.00 -9.81
N ASP A 59 -10.90 9.94 -10.75
CA ASP A 59 -9.76 10.85 -10.95
C ASP A 59 -9.56 11.75 -9.74
N ASP A 60 -10.63 11.96 -8.98
CA ASP A 60 -10.57 12.81 -7.81
C ASP A 60 -10.13 12.02 -6.57
N TRP A 61 -9.88 10.73 -6.75
CA TRP A 61 -9.44 9.89 -5.64
C TRP A 61 -8.09 10.35 -5.15
N SER A 62 -8.02 10.72 -3.89
CA SER A 62 -6.80 11.18 -3.30
C SER A 62 -6.17 10.08 -2.45
N CYS A 63 -4.84 10.12 -2.35
CA CYS A 63 -4.11 9.19 -1.52
C CYS A 63 -4.55 9.32 -0.06
N PRO A 64 -5.11 8.25 0.52
CA PRO A 64 -5.62 8.24 1.90
C PRO A 64 -4.54 8.60 2.93
N ASP A 65 -3.28 8.59 2.51
CA ASP A 65 -2.17 8.89 3.40
C ASP A 65 -1.95 10.41 3.51
N CYS A 66 -1.93 11.09 2.37
CA CYS A 66 -1.60 12.52 2.33
C CYS A 66 -2.73 13.34 1.74
N GLY A 67 -3.22 12.94 0.57
CA GLY A 67 -4.26 13.68 -0.09
C GLY A 67 -3.89 14.02 -1.52
N ALA A 68 -2.72 13.58 -1.94
CA ALA A 68 -2.29 13.78 -3.33
C ALA A 68 -3.15 12.94 -4.27
N ALA A 69 -3.38 13.44 -5.47
CA ALA A 69 -4.26 12.78 -6.41
C ALA A 69 -3.54 11.66 -7.15
N LYS A 70 -4.27 10.96 -8.02
CA LYS A 70 -3.69 9.87 -8.82
C LYS A 70 -2.50 10.37 -9.64
N SER A 71 -2.55 11.63 -10.03
CA SER A 71 -1.50 12.25 -10.83
C SER A 71 -0.16 12.26 -10.07
N ASP A 72 -0.22 12.06 -8.76
CA ASP A 72 0.98 12.09 -7.92
C ASP A 72 1.41 10.66 -7.56
N PHE A 73 0.88 9.69 -8.28
CA PHE A 73 1.30 8.30 -8.09
C PHE A 73 2.22 7.86 -9.22
N GLU A 74 3.10 6.91 -8.92
CA GLU A 74 3.98 6.33 -9.91
C GLU A 74 3.60 4.87 -10.16
N MET A 75 3.56 4.47 -11.41
CA MET A 75 3.18 3.12 -11.77
C MET A 75 4.35 2.16 -11.62
N VAL A 76 4.30 1.33 -10.59
CA VAL A 76 5.29 0.30 -10.39
C VAL A 76 4.74 -1.04 -10.84
N GLU A 77 5.54 -1.79 -11.59
CA GLU A 77 5.12 -3.11 -12.05
C GLU A 77 5.56 -4.17 -11.05
N VAL A 78 4.73 -5.20 -10.91
CA VAL A 78 5.02 -6.29 -10.00
C VAL A 78 6.24 -7.09 -10.46
N ALA A 79 7.10 -7.42 -9.52
CA ALA A 79 8.29 -8.20 -9.82
C ALA A 79 7.91 -9.66 -10.08
N ARG A 80 8.27 -10.15 -11.26
CA ARG A 80 7.96 -11.52 -11.62
C ARG A 80 8.84 -12.48 -10.82
N SER A 81 8.25 -13.12 -9.83
CA SER A 81 8.99 -13.99 -8.94
C SER A 81 8.91 -15.44 -9.44
N MET A 1 26.69 18.59 31.46
CA MET A 1 27.11 17.31 32.07
C MET A 1 27.61 16.35 31.00
N ALA A 2 28.44 15.40 31.40
CA ALA A 2 28.96 14.41 30.48
C ALA A 2 27.94 13.31 30.21
N HIS A 3 27.35 13.35 29.02
CA HIS A 3 26.41 12.33 28.58
C HIS A 3 26.28 12.42 27.06
N HIS A 4 25.79 11.36 26.44
CA HIS A 4 25.65 11.34 24.99
C HIS A 4 24.22 11.04 24.59
N HIS A 5 23.55 12.03 24.03
CA HIS A 5 22.20 11.83 23.52
C HIS A 5 22.26 10.99 22.25
N HIS A 6 21.74 9.78 22.32
CA HIS A 6 21.69 8.90 21.16
C HIS A 6 20.32 8.25 21.07
N HIS A 7 19.84 8.05 19.85
CA HIS A 7 18.50 7.54 19.64
C HIS A 7 18.41 6.04 19.85
N HIS A 8 19.12 5.28 19.01
CA HIS A 8 19.03 3.82 19.04
C HIS A 8 17.58 3.40 18.83
N MET A 9 16.89 4.14 17.98
CA MET A 9 15.46 3.94 17.75
C MET A 9 15.24 3.09 16.51
N GLY A 10 16.23 2.26 16.20
CA GLY A 10 16.16 1.41 15.03
C GLY A 10 15.21 0.24 15.19
N THR A 11 13.92 0.50 15.06
CA THR A 11 12.94 -0.57 15.04
C THR A 11 12.60 -0.91 13.60
N LEU A 12 11.80 -1.93 13.38
CA LEU A 12 11.51 -2.37 12.01
C LEU A 12 10.01 -2.42 11.76
N GLU A 13 9.61 -1.97 10.57
CA GLU A 13 8.22 -2.03 10.15
C GLU A 13 7.87 -3.45 9.77
N ALA A 14 7.71 -4.29 10.79
CA ALA A 14 7.54 -5.73 10.63
C ALA A 14 6.14 -6.12 10.17
N GLN A 15 5.24 -5.13 10.12
CA GLN A 15 3.82 -5.37 9.81
C GLN A 15 3.63 -6.39 8.69
N THR A 16 4.20 -6.08 7.51
CA THR A 16 4.02 -6.90 6.31
C THR A 16 2.54 -7.23 6.09
N GLN A 17 1.68 -6.25 6.36
CA GLN A 17 0.24 -6.46 6.29
C GLN A 17 -0.25 -6.24 4.85
N GLY A 18 0.70 -5.95 3.97
CA GLY A 18 0.37 -5.64 2.59
C GLY A 18 0.15 -6.89 1.74
N PRO A 19 0.40 -6.78 0.43
CA PRO A 19 0.15 -7.85 -0.53
C PRO A 19 1.10 -9.05 -0.37
N GLY A 20 0.55 -10.23 -0.61
CA GLY A 20 1.36 -11.43 -0.64
C GLY A 20 1.42 -12.00 -2.04
N SER A 21 0.25 -12.12 -2.66
CA SER A 21 0.16 -12.57 -4.03
C SER A 21 0.04 -11.37 -4.97
N MET A 22 1.11 -11.14 -5.74
CA MET A 22 1.16 -10.01 -6.65
C MET A 22 0.08 -10.10 -7.72
N ASN A 23 -0.14 -11.31 -8.24
CA ASN A 23 -1.24 -11.58 -9.20
C ASN A 23 -1.13 -10.71 -10.45
N ASP A 24 0.05 -10.16 -10.69
CA ASP A 24 0.31 -9.31 -11.86
C ASP A 24 -0.45 -7.98 -11.77
N TYR A 25 -1.01 -7.69 -10.60
CA TYR A 25 -1.65 -6.41 -10.36
C TYR A 25 -0.58 -5.37 -10.05
N LYS A 26 -0.83 -4.11 -10.40
CA LYS A 26 0.21 -3.11 -10.30
C LYS A 26 0.17 -2.38 -8.97
N LEU A 27 1.33 -1.81 -8.65
CA LEU A 27 1.52 -1.04 -7.43
C LEU A 27 1.62 0.44 -7.77
N PHE A 28 0.68 1.24 -7.30
CA PHE A 28 0.72 2.67 -7.53
C PHE A 28 1.21 3.37 -6.27
N ARG A 29 2.39 3.96 -6.38
CA ARG A 29 3.03 4.56 -5.23
C ARG A 29 2.97 6.08 -5.30
N CYS A 30 2.51 6.69 -4.23
CA CYS A 30 2.43 8.14 -4.14
C CYS A 30 3.82 8.73 -3.98
N ILE A 31 4.23 9.56 -4.92
CA ILE A 31 5.58 10.12 -4.91
C ILE A 31 5.65 11.31 -3.97
N GLN A 32 4.52 11.66 -3.36
CA GLN A 32 4.47 12.74 -2.40
C GLN A 32 4.86 12.25 -1.01
N CYS A 33 4.88 10.93 -0.84
CA CYS A 33 5.20 10.36 0.47
C CYS A 33 5.81 8.97 0.34
N GLY A 34 5.10 8.06 -0.32
CA GLY A 34 5.58 6.70 -0.43
C GLY A 34 4.48 5.68 -0.23
N PHE A 35 3.23 6.15 -0.14
CA PHE A 35 2.08 5.26 -0.02
C PHE A 35 1.96 4.38 -1.26
N GLU A 36 2.12 3.08 -1.06
CA GLU A 36 2.04 2.13 -2.16
C GLU A 36 0.70 1.41 -2.16
N TYR A 37 -0.05 1.63 -3.23
CA TYR A 37 -1.34 0.99 -3.41
C TYR A 37 -1.24 -0.21 -4.35
N ASP A 38 -1.65 -1.37 -3.86
CA ASP A 38 -1.68 -2.58 -4.67
C ASP A 38 -3.09 -2.81 -5.21
N GLU A 39 -3.21 -2.97 -6.53
CA GLU A 39 -4.52 -3.21 -7.13
C GLU A 39 -5.12 -4.54 -6.67
N ALA A 40 -4.27 -5.49 -6.31
CA ALA A 40 -4.73 -6.80 -5.91
C ALA A 40 -5.26 -6.79 -4.47
N LEU A 41 -4.62 -6.01 -3.61
CA LEU A 41 -5.02 -5.91 -2.22
C LEU A 41 -6.18 -4.93 -2.05
N GLY A 42 -6.10 -3.80 -2.75
CA GLY A 42 -7.12 -2.78 -2.64
C GLY A 42 -6.90 -1.88 -1.44
N TRP A 43 -7.94 -1.20 -1.01
CA TRP A 43 -7.88 -0.33 0.15
C TRP A 43 -9.26 -0.27 0.81
N PRO A 44 -9.54 -1.25 1.69
CA PRO A 44 -10.86 -1.42 2.29
C PRO A 44 -11.21 -0.29 3.24
N GLU A 45 -10.18 0.41 3.70
CA GLU A 45 -10.36 1.55 4.59
C GLU A 45 -11.20 2.64 3.92
N ASP A 46 -11.03 2.80 2.62
CA ASP A 46 -11.77 3.80 1.86
C ASP A 46 -12.96 3.17 1.15
N GLY A 47 -12.88 1.86 0.92
CA GLY A 47 -13.94 1.16 0.23
C GLY A 47 -13.46 0.51 -1.04
N ILE A 48 -12.19 0.71 -1.37
CA ILE A 48 -11.61 0.14 -2.57
C ILE A 48 -11.39 -1.35 -2.38
N ALA A 49 -12.12 -2.17 -3.13
CA ALA A 49 -12.07 -3.61 -2.96
C ALA A 49 -10.90 -4.22 -3.72
N ALA A 50 -10.41 -5.34 -3.22
CA ALA A 50 -9.34 -6.08 -3.87
C ALA A 50 -9.72 -6.41 -5.31
N GLY A 51 -8.91 -5.96 -6.26
CA GLY A 51 -9.20 -6.22 -7.65
C GLY A 51 -9.68 -4.97 -8.37
N THR A 52 -9.89 -3.89 -7.62
CA THR A 52 -10.26 -2.62 -8.23
C THR A 52 -9.08 -2.04 -8.98
N ARG A 53 -9.32 -1.70 -10.24
CA ARG A 53 -8.27 -1.18 -11.11
C ARG A 53 -8.08 0.31 -10.87
N TRP A 54 -6.89 0.79 -11.18
CA TRP A 54 -6.60 2.22 -11.14
C TRP A 54 -7.51 2.96 -12.11
N ASP A 55 -7.96 2.23 -13.14
CA ASP A 55 -8.89 2.75 -14.13
C ASP A 55 -10.25 3.03 -13.51
N ASP A 56 -10.65 2.14 -12.59
CA ASP A 56 -11.96 2.25 -11.95
C ASP A 56 -11.95 3.38 -10.93
N ILE A 57 -10.80 3.55 -10.29
CA ILE A 57 -10.62 4.60 -9.31
C ILE A 57 -10.76 5.98 -9.94
N PRO A 58 -11.70 6.79 -9.44
CA PRO A 58 -11.95 8.14 -9.96
C PRO A 58 -10.80 9.10 -9.69
N ASP A 59 -10.61 10.06 -10.58
CA ASP A 59 -9.55 11.06 -10.41
C ASP A 59 -9.91 12.02 -9.28
N ASP A 60 -11.15 11.90 -8.79
CA ASP A 60 -11.60 12.66 -7.64
C ASP A 60 -11.19 11.96 -6.35
N TRP A 61 -10.52 10.82 -6.49
CA TRP A 61 -10.04 10.08 -5.34
C TRP A 61 -8.62 10.50 -4.98
N SER A 62 -8.44 11.01 -3.77
CA SER A 62 -7.14 11.44 -3.31
C SER A 62 -6.47 10.33 -2.49
N CYS A 63 -5.14 10.40 -2.42
CA CYS A 63 -4.36 9.47 -1.62
C CYS A 63 -4.79 9.54 -0.16
N PRO A 64 -5.24 8.41 0.41
CA PRO A 64 -5.69 8.35 1.81
C PRO A 64 -4.57 8.64 2.81
N ASP A 65 -3.35 8.70 2.31
CA ASP A 65 -2.19 8.94 3.15
C ASP A 65 -1.95 10.44 3.34
N CYS A 66 -1.77 11.16 2.25
CA CYS A 66 -1.46 12.59 2.32
C CYS A 66 -2.55 13.44 1.66
N GLY A 67 -3.25 12.85 0.70
CA GLY A 67 -4.27 13.61 -0.03
C GLY A 67 -3.82 14.02 -1.41
N ALA A 68 -2.65 13.54 -1.82
CA ALA A 68 -2.15 13.81 -3.17
C ALA A 68 -3.06 13.15 -4.20
N ALA A 69 -3.10 13.71 -5.40
CA ALA A 69 -3.99 13.22 -6.44
C ALA A 69 -3.39 12.02 -7.16
N LYS A 70 -4.18 11.40 -8.03
CA LYS A 70 -3.72 10.27 -8.82
C LYS A 70 -2.50 10.64 -9.66
N SER A 71 -2.43 11.91 -10.07
CA SER A 71 -1.32 12.41 -10.87
C SER A 71 -0.01 12.38 -10.08
N ASP A 72 -0.11 12.19 -8.78
CA ASP A 72 1.06 12.13 -7.92
C ASP A 72 1.44 10.70 -7.60
N PHE A 73 0.86 9.76 -8.33
CA PHE A 73 1.20 8.35 -8.16
C PHE A 73 2.09 7.87 -9.29
N GLU A 74 2.93 6.89 -9.00
CA GLU A 74 3.77 6.26 -9.99
C GLU A 74 3.33 4.81 -10.19
N MET A 75 3.51 4.31 -11.41
CA MET A 75 3.11 2.95 -11.72
C MET A 75 4.28 1.99 -11.57
N VAL A 76 4.25 1.23 -10.49
CA VAL A 76 5.26 0.20 -10.28
C VAL A 76 4.76 -1.12 -10.82
N GLU A 77 5.50 -1.69 -11.76
CA GLU A 77 5.11 -2.93 -12.40
C GLU A 77 5.59 -4.12 -11.58
N VAL A 78 5.03 -5.28 -11.88
CA VAL A 78 5.41 -6.51 -11.20
C VAL A 78 6.63 -7.12 -11.87
N ALA A 79 7.67 -7.36 -11.09
CA ALA A 79 8.89 -7.95 -11.62
C ALA A 79 8.68 -9.43 -11.93
N ARG A 80 8.39 -9.71 -13.19
CA ARG A 80 8.17 -11.09 -13.64
C ARG A 80 9.51 -11.81 -13.74
N SER A 81 9.73 -12.73 -12.82
CA SER A 81 10.99 -13.46 -12.76
C SER A 81 10.89 -14.76 -13.56
N MET A 1 13.33 37.41 18.51
CA MET A 1 12.97 36.10 19.11
C MET A 1 12.31 35.21 18.08
N ALA A 2 12.75 33.96 18.01
CA ALA A 2 12.24 33.00 17.06
C ALA A 2 12.54 31.60 17.53
N HIS A 3 11.54 30.73 17.47
CA HIS A 3 11.69 29.35 17.90
C HIS A 3 11.31 28.41 16.77
N HIS A 4 12.32 27.84 16.12
CA HIS A 4 12.08 26.88 15.05
C HIS A 4 12.08 25.47 15.62
N HIS A 5 11.14 24.66 15.18
CA HIS A 5 11.03 23.30 15.67
C HIS A 5 11.12 22.31 14.52
N HIS A 6 12.04 21.37 14.62
CA HIS A 6 12.08 20.27 13.66
C HIS A 6 12.37 18.97 14.40
N HIS A 7 11.54 17.98 14.19
CA HIS A 7 11.67 16.70 14.88
C HIS A 7 11.15 15.58 13.97
N HIS A 8 12.02 15.08 13.12
CA HIS A 8 11.62 14.10 12.12
C HIS A 8 11.47 12.72 12.75
N MET A 9 10.23 12.27 12.86
CA MET A 9 9.93 10.95 13.39
C MET A 9 10.27 9.89 12.36
N GLY A 10 9.85 10.14 11.13
CA GLY A 10 10.10 9.21 10.05
C GLY A 10 9.13 8.05 10.08
N THR A 11 9.52 7.00 10.80
CA THR A 11 8.74 5.76 10.91
C THR A 11 8.27 5.26 9.55
N LEU A 12 9.15 4.56 8.86
CA LEU A 12 8.82 4.00 7.55
C LEU A 12 8.10 2.66 7.73
N GLU A 13 7.81 1.99 6.63
CA GLU A 13 7.17 0.70 6.68
C GLU A 13 8.21 -0.36 7.02
N ALA A 14 7.96 -1.10 8.10
CA ALA A 14 8.92 -2.06 8.63
C ALA A 14 9.34 -3.11 7.61
N GLN A 15 8.46 -3.42 6.67
CA GLN A 15 8.78 -4.39 5.62
C GLN A 15 8.78 -3.73 4.24
N THR A 16 7.76 -2.90 3.99
CA THR A 16 7.58 -2.26 2.70
C THR A 16 7.20 -3.33 1.66
N GLN A 17 6.51 -4.36 2.14
CA GLN A 17 6.15 -5.49 1.30
C GLN A 17 4.63 -5.56 1.13
N GLY A 18 4.18 -5.47 -0.12
CA GLY A 18 2.77 -5.56 -0.41
C GLY A 18 2.36 -6.97 -0.79
N PRO A 19 1.10 -7.18 -1.19
CA PRO A 19 0.60 -8.49 -1.62
C PRO A 19 1.21 -8.95 -2.94
N GLY A 20 1.10 -8.13 -3.97
CA GLY A 20 1.61 -8.51 -5.27
C GLY A 20 0.54 -8.50 -6.34
N SER A 21 0.57 -9.51 -7.20
CA SER A 21 -0.33 -9.57 -8.35
C SER A 21 -0.92 -10.96 -8.53
N MET A 22 -2.19 -11.01 -8.90
CA MET A 22 -2.85 -12.27 -9.23
C MET A 22 -3.10 -12.34 -10.73
N ASN A 23 -4.01 -11.50 -11.21
CA ASN A 23 -4.31 -11.42 -12.63
C ASN A 23 -3.81 -10.11 -13.21
N ASP A 24 -2.49 -9.99 -13.33
CA ASP A 24 -1.83 -8.82 -13.90
C ASP A 24 -2.32 -7.52 -13.26
N TYR A 25 -1.94 -7.31 -12.02
CA TYR A 25 -2.29 -6.09 -11.30
C TYR A 25 -1.04 -5.25 -11.11
N LYS A 26 -1.19 -3.94 -11.13
CA LYS A 26 -0.06 -3.05 -10.98
C LYS A 26 -0.03 -2.43 -9.59
N LEU A 27 1.11 -1.88 -9.24
CA LEU A 27 1.27 -1.18 -7.99
C LEU A 27 1.47 0.30 -8.29
N PHE A 28 0.80 1.16 -7.56
CA PHE A 28 0.93 2.59 -7.76
C PHE A 28 1.42 3.27 -6.49
N ARG A 29 2.57 3.91 -6.59
CA ARG A 29 3.16 4.54 -5.41
C ARG A 29 3.00 6.05 -5.44
N CYS A 30 2.52 6.61 -4.34
CA CYS A 30 2.45 8.05 -4.19
C CYS A 30 3.86 8.63 -4.08
N ILE A 31 4.18 9.57 -4.95
CA ILE A 31 5.52 10.13 -4.99
C ILE A 31 5.70 11.25 -3.97
N GLN A 32 4.60 11.61 -3.31
CA GLN A 32 4.64 12.69 -2.33
C GLN A 32 4.96 12.15 -0.94
N CYS A 33 4.81 10.85 -0.75
CA CYS A 33 5.07 10.24 0.55
C CYS A 33 5.75 8.89 0.39
N GLY A 34 5.16 8.03 -0.43
CA GLY A 34 5.70 6.70 -0.62
C GLY A 34 4.65 5.63 -0.45
N PHE A 35 3.39 6.04 -0.32
CA PHE A 35 2.28 5.12 -0.17
C PHE A 35 2.15 4.24 -1.42
N GLU A 36 2.45 2.96 -1.26
CA GLU A 36 2.36 2.02 -2.36
C GLU A 36 1.04 1.27 -2.34
N TYR A 37 0.30 1.40 -3.42
CA TYR A 37 -1.01 0.77 -3.54
C TYR A 37 -1.01 -0.33 -4.60
N ASP A 38 -1.32 -1.55 -4.18
CA ASP A 38 -1.51 -2.66 -5.10
C ASP A 38 -2.98 -2.72 -5.55
N GLU A 39 -3.20 -2.85 -6.86
CA GLU A 39 -4.56 -3.06 -7.35
C GLU A 39 -5.16 -4.33 -6.75
N ALA A 40 -4.31 -5.33 -6.55
CA ALA A 40 -4.73 -6.61 -6.01
C ALA A 40 -5.10 -6.51 -4.53
N LEU A 41 -4.52 -5.53 -3.85
CA LEU A 41 -4.80 -5.33 -2.43
C LEU A 41 -6.08 -4.53 -2.26
N GLY A 42 -6.17 -3.42 -2.99
CA GLY A 42 -7.30 -2.53 -2.82
C GLY A 42 -7.14 -1.68 -1.58
N TRP A 43 -8.18 -0.98 -1.20
CA TRP A 43 -8.14 -0.16 0.00
C TRP A 43 -9.54 -0.12 0.61
N PRO A 44 -9.85 -1.13 1.45
CA PRO A 44 -11.19 -1.31 2.01
C PRO A 44 -11.57 -0.16 2.94
N GLU A 45 -10.57 0.51 3.46
CA GLU A 45 -10.76 1.68 4.32
C GLU A 45 -11.57 2.75 3.58
N ASP A 46 -11.18 3.02 2.34
CA ASP A 46 -11.84 4.03 1.53
C ASP A 46 -13.03 3.44 0.78
N GLY A 47 -13.00 2.13 0.60
CA GLY A 47 -14.09 1.47 -0.10
C GLY A 47 -13.64 0.84 -1.39
N ILE A 48 -12.34 0.84 -1.63
CA ILE A 48 -11.76 0.25 -2.82
C ILE A 48 -11.59 -1.26 -2.63
N ALA A 49 -12.34 -2.04 -3.41
CA ALA A 49 -12.31 -3.49 -3.28
C ALA A 49 -11.03 -4.08 -3.87
N ALA A 50 -10.61 -5.21 -3.32
CA ALA A 50 -9.42 -5.88 -3.81
C ALA A 50 -9.61 -6.31 -5.25
N GLY A 51 -8.80 -5.78 -6.14
CA GLY A 51 -8.94 -6.09 -7.55
C GLY A 51 -9.49 -4.92 -8.34
N THR A 52 -9.82 -3.83 -7.66
CA THR A 52 -10.27 -2.61 -8.34
C THR A 52 -9.12 -2.01 -9.15
N ARG A 53 -9.34 -1.90 -10.46
CA ARG A 53 -8.31 -1.41 -11.37
C ARG A 53 -8.17 0.11 -11.27
N TRP A 54 -6.99 0.60 -11.63
CA TRP A 54 -6.67 2.02 -11.60
C TRP A 54 -7.61 2.83 -12.50
N ASP A 55 -8.20 2.14 -13.48
CA ASP A 55 -9.14 2.77 -14.40
C ASP A 55 -10.48 3.02 -13.73
N ASP A 56 -10.82 2.15 -12.78
CA ASP A 56 -12.10 2.25 -12.09
C ASP A 56 -11.99 3.21 -10.91
N ILE A 57 -10.80 3.28 -10.34
CA ILE A 57 -10.53 4.17 -9.22
C ILE A 57 -10.74 5.62 -9.64
N PRO A 58 -11.57 6.37 -8.88
CA PRO A 58 -11.86 7.77 -9.14
C PRO A 58 -10.61 8.58 -9.45
N ASP A 59 -10.64 9.32 -10.55
CA ASP A 59 -9.50 10.13 -10.96
C ASP A 59 -9.31 11.33 -10.04
N ASP A 60 -10.23 11.49 -9.10
CA ASP A 60 -10.13 12.52 -8.08
C ASP A 60 -9.68 11.93 -6.76
N TRP A 61 -9.42 10.61 -6.75
CA TRP A 61 -9.05 9.91 -5.54
C TRP A 61 -7.71 10.40 -5.03
N SER A 62 -7.67 10.77 -3.77
CA SER A 62 -6.45 11.28 -3.17
C SER A 62 -5.89 10.27 -2.17
N CYS A 63 -4.57 10.26 -2.02
CA CYS A 63 -3.89 9.34 -1.13
C CYS A 63 -4.40 9.51 0.29
N PRO A 64 -4.97 8.44 0.88
CA PRO A 64 -5.62 8.50 2.19
C PRO A 64 -4.68 8.90 3.35
N ASP A 65 -3.39 9.00 3.08
CA ASP A 65 -2.43 9.33 4.14
C ASP A 65 -2.07 10.82 4.13
N CYS A 66 -2.05 11.45 2.96
CA CYS A 66 -1.59 12.83 2.85
C CYS A 66 -2.52 13.69 1.98
N GLY A 67 -3.46 13.06 1.31
CA GLY A 67 -4.38 13.78 0.46
C GLY A 67 -3.76 14.18 -0.87
N ALA A 68 -2.62 13.57 -1.20
CA ALA A 68 -2.00 13.79 -2.51
C ALA A 68 -2.91 13.26 -3.61
N ALA A 69 -2.83 13.83 -4.79
CA ALA A 69 -3.78 13.51 -5.84
C ALA A 69 -3.46 12.16 -6.48
N LYS A 70 -4.40 11.63 -7.25
CA LYS A 70 -4.23 10.36 -7.94
C LYS A 70 -3.04 10.46 -8.90
N SER A 71 -2.89 11.63 -9.51
CA SER A 71 -1.80 11.88 -10.45
C SER A 71 -0.44 11.84 -9.76
N ASP A 72 -0.44 11.86 -8.43
CA ASP A 72 0.80 11.81 -7.66
C ASP A 72 1.25 10.38 -7.46
N PHE A 73 0.51 9.44 -8.02
CA PHE A 73 0.90 8.04 -7.98
C PHE A 73 1.67 7.65 -9.23
N GLU A 74 2.67 6.80 -9.07
CA GLU A 74 3.46 6.32 -10.20
C GLU A 74 3.20 4.83 -10.42
N MET A 75 3.27 4.41 -11.67
CA MET A 75 2.97 3.04 -12.05
C MET A 75 4.19 2.15 -11.85
N VAL A 76 4.07 1.24 -10.92
CA VAL A 76 5.12 0.26 -10.65
C VAL A 76 4.66 -1.10 -11.14
N GLU A 77 5.37 -1.64 -12.13
CA GLU A 77 5.05 -2.95 -12.65
C GLU A 77 5.39 -4.04 -11.62
N VAL A 78 4.47 -4.96 -11.41
CA VAL A 78 4.66 -5.98 -10.40
C VAL A 78 5.29 -7.22 -11.01
N ALA A 79 6.50 -7.53 -10.57
CA ALA A 79 7.22 -8.69 -11.03
C ALA A 79 7.08 -9.85 -10.05
N ARG A 80 6.12 -9.73 -9.15
CA ARG A 80 5.89 -10.75 -8.14
C ARG A 80 4.68 -11.60 -8.50
N SER A 81 4.89 -12.56 -9.39
CA SER A 81 3.85 -13.50 -9.77
C SER A 81 4.47 -14.87 -10.03
N MET A 1 35.42 12.68 34.52
CA MET A 1 35.50 12.60 33.04
C MET A 1 35.66 11.16 32.60
N ALA A 2 35.28 10.89 31.35
CA ALA A 2 35.45 9.58 30.75
C ALA A 2 35.30 9.67 29.24
N HIS A 3 35.73 8.65 28.53
CA HIS A 3 35.55 8.62 27.08
C HIS A 3 34.41 7.67 26.73
N HIS A 4 33.26 8.25 26.43
CA HIS A 4 32.05 7.48 26.18
C HIS A 4 32.01 7.03 24.72
N HIS A 5 31.83 5.74 24.50
CA HIS A 5 31.71 5.20 23.15
C HIS A 5 30.29 5.42 22.65
N HIS A 6 30.14 5.68 21.36
CA HIS A 6 28.81 5.87 20.80
C HIS A 6 28.67 5.17 19.45
N HIS A 7 27.79 4.18 19.42
CA HIS A 7 27.50 3.45 18.20
C HIS A 7 26.01 3.16 18.11
N HIS A 8 25.34 3.81 17.16
CA HIS A 8 23.90 3.63 17.01
C HIS A 8 23.60 3.08 15.62
N MET A 9 22.70 2.12 15.54
CA MET A 9 22.40 1.45 14.28
C MET A 9 21.34 2.21 13.51
N GLY A 10 20.23 2.52 14.17
CA GLY A 10 19.15 3.22 13.52
C GLY A 10 17.83 2.51 13.68
N THR A 11 17.62 1.48 12.90
CA THR A 11 16.38 0.72 12.95
C THR A 11 16.58 -0.68 12.39
N LEU A 12 15.53 -1.48 12.43
CA LEU A 12 15.58 -2.86 11.93
C LEU A 12 14.62 -3.01 10.74
N GLU A 13 14.33 -4.24 10.34
CA GLU A 13 13.41 -4.48 9.24
C GLU A 13 11.97 -4.39 9.74
N ALA A 14 11.57 -3.19 10.13
CA ALA A 14 10.23 -2.96 10.66
C ALA A 14 9.26 -2.53 9.57
N GLN A 15 9.80 -2.29 8.37
CA GLN A 15 9.01 -1.79 7.26
C GLN A 15 8.07 -2.86 6.70
N THR A 16 8.65 -3.94 6.20
CA THR A 16 7.89 -4.95 5.47
C THR A 16 7.17 -4.29 4.30
N GLN A 17 7.95 -3.74 3.39
CA GLN A 17 7.43 -3.02 2.25
C GLN A 17 7.07 -3.99 1.11
N GLY A 18 5.78 -4.23 0.94
CA GLY A 18 5.31 -5.11 -0.10
C GLY A 18 3.90 -5.61 0.16
N PRO A 19 2.91 -5.06 -0.55
CA PRO A 19 1.49 -5.46 -0.39
C PRO A 19 1.26 -6.93 -0.73
N GLY A 20 1.97 -7.42 -1.74
CA GLY A 20 1.84 -8.82 -2.12
C GLY A 20 0.98 -8.99 -3.36
N SER A 21 1.55 -8.66 -4.51
CA SER A 21 0.84 -8.81 -5.77
C SER A 21 0.84 -10.27 -6.20
N MET A 22 -0.29 -10.94 -6.00
CA MET A 22 -0.40 -12.36 -6.30
C MET A 22 -0.70 -12.59 -7.78
N ASN A 23 -1.46 -11.66 -8.35
CA ASN A 23 -1.90 -11.78 -9.74
C ASN A 23 -1.26 -10.68 -10.58
N ASP A 24 -1.66 -10.59 -11.85
CA ASP A 24 -1.12 -9.56 -12.73
C ASP A 24 -1.81 -8.23 -12.48
N TYR A 25 -1.38 -7.54 -11.45
CA TYR A 25 -1.87 -6.23 -11.11
C TYR A 25 -0.69 -5.28 -10.95
N LYS A 26 -0.95 -3.99 -10.90
CA LYS A 26 0.12 -3.02 -10.73
C LYS A 26 0.01 -2.31 -9.40
N LEU A 27 1.13 -1.74 -8.97
CA LEU A 27 1.16 -0.93 -7.78
C LEU A 27 1.30 0.53 -8.17
N PHE A 28 0.75 1.42 -7.38
CA PHE A 28 0.89 2.84 -7.60
C PHE A 28 1.33 3.52 -6.33
N ARG A 29 2.55 4.04 -6.35
CA ARG A 29 3.16 4.62 -5.17
C ARG A 29 3.10 6.14 -5.22
N CYS A 30 2.63 6.74 -4.15
CA CYS A 30 2.53 8.19 -4.07
C CYS A 30 3.94 8.78 -3.93
N ILE A 31 4.32 9.62 -4.88
CA ILE A 31 5.67 10.19 -4.90
C ILE A 31 5.77 11.35 -3.93
N GLN A 32 4.66 11.65 -3.26
CA GLN A 32 4.63 12.71 -2.27
C GLN A 32 5.10 12.16 -0.92
N CYS A 33 5.07 10.84 -0.78
CA CYS A 33 5.40 10.21 0.49
C CYS A 33 6.02 8.83 0.29
N GLY A 34 5.30 7.95 -0.37
CA GLY A 34 5.78 6.58 -0.55
C GLY A 34 4.69 5.55 -0.35
N PHE A 35 3.44 6.01 -0.22
CA PHE A 35 2.31 5.12 -0.07
C PHE A 35 2.12 4.27 -1.32
N GLU A 36 2.28 2.96 -1.19
CA GLU A 36 2.12 2.04 -2.32
C GLU A 36 0.75 1.39 -2.32
N TYR A 37 -0.04 1.72 -3.32
CA TYR A 37 -1.33 1.10 -3.52
C TYR A 37 -1.22 -0.01 -4.56
N ASP A 38 -1.52 -1.24 -4.16
CA ASP A 38 -1.55 -2.35 -5.10
C ASP A 38 -2.99 -2.65 -5.49
N GLU A 39 -3.25 -2.82 -6.79
CA GLU A 39 -4.61 -3.06 -7.27
C GLU A 39 -5.22 -4.33 -6.68
N ALA A 40 -4.40 -5.37 -6.52
CA ALA A 40 -4.89 -6.65 -6.01
C ALA A 40 -5.16 -6.59 -4.53
N LEU A 41 -4.35 -5.81 -3.83
CA LEU A 41 -4.52 -5.60 -2.40
C LEU A 41 -5.73 -4.71 -2.14
N GLY A 42 -5.79 -3.60 -2.87
CA GLY A 42 -6.89 -2.67 -2.73
C GLY A 42 -6.75 -1.80 -1.49
N TRP A 43 -7.81 -1.11 -1.13
CA TRP A 43 -7.82 -0.29 0.08
C TRP A 43 -9.22 -0.31 0.68
N PRO A 44 -9.57 -1.44 1.34
CA PRO A 44 -10.93 -1.66 1.85
C PRO A 44 -11.28 -0.71 2.99
N GLU A 45 -10.30 0.03 3.48
CA GLU A 45 -10.53 1.00 4.54
C GLU A 45 -11.34 2.18 4.02
N ASP A 46 -11.12 2.52 2.76
CA ASP A 46 -11.88 3.61 2.11
C ASP A 46 -13.07 3.04 1.36
N GLY A 47 -12.98 1.77 1.00
CA GLY A 47 -14.04 1.12 0.26
C GLY A 47 -13.54 0.47 -1.01
N ILE A 48 -12.31 0.81 -1.39
CA ILE A 48 -11.70 0.26 -2.60
C ILE A 48 -11.46 -1.23 -2.43
N ALA A 49 -12.27 -2.03 -3.10
CA ALA A 49 -12.21 -3.49 -2.96
C ALA A 49 -10.97 -4.06 -3.64
N ALA A 50 -10.46 -5.14 -3.06
CA ALA A 50 -9.31 -5.83 -3.60
C ALA A 50 -9.57 -6.29 -5.04
N GLY A 51 -8.80 -5.75 -5.97
CA GLY A 51 -8.98 -6.08 -7.37
C GLY A 51 -9.59 -4.93 -8.15
N THR A 52 -9.85 -3.82 -7.47
CA THR A 52 -10.33 -2.62 -8.15
C THR A 52 -9.23 -2.00 -8.99
N ARG A 53 -9.51 -1.88 -10.28
CA ARG A 53 -8.56 -1.30 -11.23
C ARG A 53 -8.30 0.17 -10.94
N TRP A 54 -7.07 0.59 -11.19
CA TRP A 54 -6.69 2.00 -11.09
C TRP A 54 -7.47 2.81 -12.12
N ASP A 55 -7.91 2.12 -13.17
CA ASP A 55 -8.75 2.71 -14.20
C ASP A 55 -10.14 3.01 -13.65
N ASP A 56 -10.60 2.13 -12.76
CA ASP A 56 -11.95 2.22 -12.21
C ASP A 56 -12.03 3.28 -11.13
N ILE A 57 -10.92 3.45 -10.41
CA ILE A 57 -10.83 4.46 -9.36
C ILE A 57 -10.88 5.87 -9.96
N PRO A 58 -11.88 6.68 -9.55
CA PRO A 58 -12.06 8.04 -10.06
C PRO A 58 -10.86 8.93 -9.77
N ASP A 59 -10.60 9.87 -10.66
CA ASP A 59 -9.46 10.78 -10.53
C ASP A 59 -9.60 11.70 -9.34
N ASP A 60 -10.81 11.79 -8.80
CA ASP A 60 -11.05 12.60 -7.60
C ASP A 60 -10.49 11.91 -6.36
N TRP A 61 -10.34 10.59 -6.44
CA TRP A 61 -9.84 9.82 -5.33
C TRP A 61 -8.37 10.14 -5.10
N SER A 62 -8.08 10.69 -3.93
CA SER A 62 -6.73 11.08 -3.60
C SER A 62 -6.11 10.09 -2.62
N CYS A 63 -4.79 10.11 -2.53
CA CYS A 63 -4.05 9.23 -1.64
C CYS A 63 -4.56 9.34 -0.20
N PRO A 64 -5.14 8.25 0.33
CA PRO A 64 -5.67 8.21 1.70
C PRO A 64 -4.62 8.52 2.76
N ASP A 65 -3.36 8.43 2.36
CA ASP A 65 -2.24 8.70 3.25
C ASP A 65 -2.03 10.19 3.45
N CYS A 66 -2.25 10.99 2.42
CA CYS A 66 -1.95 12.42 2.48
C CYS A 66 -3.02 13.26 1.79
N GLY A 67 -3.31 12.93 0.54
CA GLY A 67 -4.30 13.69 -0.21
C GLY A 67 -3.83 14.04 -1.60
N ALA A 68 -2.67 13.52 -1.98
CA ALA A 68 -2.14 13.75 -3.32
C ALA A 68 -3.02 13.10 -4.37
N ALA A 69 -3.07 13.70 -5.55
CA ALA A 69 -3.91 13.21 -6.64
C ALA A 69 -3.26 12.01 -7.33
N LYS A 70 -4.02 11.37 -8.21
CA LYS A 70 -3.54 10.19 -8.93
C LYS A 70 -2.30 10.52 -9.76
N SER A 71 -2.22 11.75 -10.25
CA SER A 71 -1.10 12.19 -11.06
C SER A 71 0.20 12.21 -10.24
N ASP A 72 0.06 12.19 -8.92
CA ASP A 72 1.22 12.20 -8.03
C ASP A 72 1.56 10.77 -7.62
N PHE A 73 1.02 9.79 -8.33
CA PHE A 73 1.39 8.40 -8.12
C PHE A 73 2.32 7.93 -9.22
N GLU A 74 3.16 6.96 -8.91
CA GLU A 74 4.06 6.36 -9.87
C GLU A 74 3.63 4.92 -10.12
N MET A 75 3.64 4.51 -11.38
CA MET A 75 3.28 3.15 -11.73
C MET A 75 4.39 2.19 -11.35
N VAL A 76 4.16 1.42 -10.29
CA VAL A 76 5.13 0.46 -9.81
C VAL A 76 4.84 -0.91 -10.39
N GLU A 77 5.66 -1.30 -11.35
CA GLU A 77 5.57 -2.62 -11.94
C GLU A 77 6.08 -3.67 -10.96
N VAL A 78 5.39 -4.79 -10.88
CA VAL A 78 5.76 -5.85 -9.96
C VAL A 78 6.41 -7.01 -10.73
N ALA A 79 7.57 -7.42 -10.29
CA ALA A 79 8.30 -8.51 -10.94
C ALA A 79 8.04 -9.82 -10.22
N ARG A 80 7.20 -9.76 -9.21
CA ARG A 80 6.86 -10.93 -8.42
C ARG A 80 5.77 -11.73 -9.14
N SER A 81 6.14 -12.90 -9.61
CA SER A 81 5.22 -13.74 -10.36
C SER A 81 5.21 -15.16 -9.80
N MET A 1 -1.72 -19.91 47.68
CA MET A 1 -1.84 -18.44 47.64
C MET A 1 -1.30 -17.89 46.33
N ALA A 2 -2.19 -17.59 45.41
CA ALA A 2 -1.80 -17.08 44.10
C ALA A 2 -1.58 -15.58 44.14
N HIS A 3 -0.32 -15.18 44.09
CA HIS A 3 0.04 -13.77 44.09
C HIS A 3 1.30 -13.58 43.25
N HIS A 4 1.42 -14.40 42.21
CA HIS A 4 2.59 -14.39 41.34
C HIS A 4 2.67 -13.09 40.57
N HIS A 5 3.87 -12.54 40.50
CA HIS A 5 4.07 -11.27 39.80
C HIS A 5 4.46 -11.54 38.35
N HIS A 6 3.64 -11.06 37.44
CA HIS A 6 3.86 -11.27 36.02
C HIS A 6 4.36 -9.98 35.36
N HIS A 7 5.31 -10.13 34.46
CA HIS A 7 5.93 -8.98 33.83
C HIS A 7 6.01 -9.19 32.31
N HIS A 8 5.46 -8.25 31.57
CA HIS A 8 5.50 -8.27 30.12
C HIS A 8 6.76 -7.56 29.62
N MET A 9 7.54 -8.26 28.81
CA MET A 9 8.82 -7.71 28.33
C MET A 9 8.59 -6.69 27.22
N GLY A 10 7.82 -7.08 26.22
CA GLY A 10 7.53 -6.19 25.12
C GLY A 10 7.28 -6.92 23.82
N THR A 11 6.32 -6.43 23.05
CA THR A 11 6.00 -7.01 21.75
C THR A 11 5.90 -5.90 20.69
N LEU A 12 6.50 -6.15 19.53
CA LEU A 12 6.49 -5.17 18.44
C LEU A 12 6.65 -5.88 17.10
N GLU A 13 6.05 -5.33 16.06
CA GLU A 13 6.12 -5.93 14.74
C GLU A 13 7.27 -5.33 13.95
N ALA A 14 8.33 -6.11 13.77
CA ALA A 14 9.51 -5.66 13.05
C ALA A 14 9.45 -6.02 11.57
N GLN A 15 8.44 -6.78 11.17
CA GLN A 15 8.35 -7.33 9.82
C GLN A 15 8.36 -6.25 8.75
N THR A 16 7.49 -5.25 8.90
CA THR A 16 7.29 -4.18 7.90
C THR A 16 7.12 -4.77 6.49
N GLN A 17 6.31 -5.81 6.40
CA GLN A 17 6.06 -6.47 5.12
C GLN A 17 4.95 -5.73 4.37
N GLY A 18 5.21 -5.38 3.12
CA GLY A 18 4.25 -4.64 2.34
C GLY A 18 3.23 -5.53 1.66
N PRO A 19 2.61 -5.07 0.56
CA PRO A 19 1.60 -5.82 -0.17
C PRO A 19 2.18 -7.03 -0.90
N GLY A 20 1.90 -8.23 -0.39
CA GLY A 20 2.36 -9.44 -1.03
C GLY A 20 1.53 -9.80 -2.24
N SER A 21 1.74 -9.07 -3.33
CA SER A 21 0.98 -9.28 -4.55
C SER A 21 1.42 -10.59 -5.22
N MET A 22 0.61 -11.62 -5.07
CA MET A 22 0.91 -12.92 -5.63
C MET A 22 0.50 -12.99 -7.09
N ASN A 23 -0.69 -12.47 -7.39
CA ASN A 23 -1.18 -12.45 -8.76
C ASN A 23 -0.63 -11.23 -9.49
N ASP A 24 -0.65 -11.25 -10.81
CA ASP A 24 -0.05 -10.19 -11.61
C ASP A 24 -0.87 -8.91 -11.60
N TYR A 25 -0.55 -8.05 -10.64
CA TYR A 25 -1.16 -6.72 -10.56
C TYR A 25 -0.06 -5.67 -10.43
N LYS A 26 -0.41 -4.41 -10.62
CA LYS A 26 0.54 -3.34 -10.45
C LYS A 26 0.28 -2.59 -9.16
N LEU A 27 1.31 -1.94 -8.65
CA LEU A 27 1.16 -1.09 -7.48
C LEU A 27 1.41 0.36 -7.88
N PHE A 28 0.52 1.23 -7.48
CA PHE A 28 0.65 2.64 -7.76
C PHE A 28 1.23 3.32 -6.53
N ARG A 29 2.44 3.82 -6.67
CA ARG A 29 3.14 4.39 -5.54
C ARG A 29 3.10 5.91 -5.58
N CYS A 30 2.75 6.49 -4.44
CA CYS A 30 2.73 7.93 -4.28
C CYS A 30 4.15 8.45 -4.11
N ILE A 31 4.48 9.50 -4.85
CA ILE A 31 5.82 10.06 -4.84
C ILE A 31 5.99 11.07 -3.70
N GLN A 32 4.87 11.51 -3.14
CA GLN A 32 4.90 12.51 -2.08
C GLN A 32 5.31 11.89 -0.75
N CYS A 33 5.00 10.61 -0.57
CA CYS A 33 5.28 9.95 0.70
C CYS A 33 5.84 8.55 0.51
N GLY A 34 5.23 7.78 -0.39
CA GLY A 34 5.68 6.42 -0.62
C GLY A 34 4.57 5.42 -0.47
N PHE A 35 3.34 5.92 -0.34
CA PHE A 35 2.16 5.07 -0.23
C PHE A 35 1.99 4.22 -1.50
N GLU A 36 2.16 2.92 -1.36
CA GLU A 36 2.05 2.01 -2.48
C GLU A 36 0.69 1.32 -2.48
N TYR A 37 -0.11 1.63 -3.48
CA TYR A 37 -1.41 1.00 -3.67
C TYR A 37 -1.29 -0.16 -4.66
N ASP A 38 -1.33 -1.38 -4.16
CA ASP A 38 -1.33 -2.55 -5.04
C ASP A 38 -2.76 -2.91 -5.40
N GLU A 39 -3.00 -3.19 -6.68
CA GLU A 39 -4.35 -3.48 -7.17
C GLU A 39 -4.92 -4.76 -6.55
N ALA A 40 -4.07 -5.71 -6.21
CA ALA A 40 -4.53 -6.98 -5.67
C ALA A 40 -4.85 -6.86 -4.19
N LEU A 41 -4.14 -5.98 -3.51
CA LEU A 41 -4.41 -5.70 -2.10
C LEU A 41 -5.60 -4.75 -1.98
N GLY A 42 -5.61 -3.72 -2.81
CA GLY A 42 -6.68 -2.75 -2.79
C GLY A 42 -6.56 -1.81 -1.61
N TRP A 43 -7.68 -1.23 -1.21
CA TRP A 43 -7.71 -0.35 -0.04
C TRP A 43 -9.13 -0.31 0.53
N PRO A 44 -9.44 -1.29 1.39
CA PRO A 44 -10.79 -1.49 1.92
C PRO A 44 -11.25 -0.33 2.80
N GLU A 45 -10.28 0.37 3.37
CA GLU A 45 -10.56 1.50 4.25
C GLU A 45 -11.27 2.63 3.51
N ASP A 46 -10.99 2.77 2.22
CA ASP A 46 -11.65 3.79 1.42
C ASP A 46 -12.85 3.19 0.70
N GLY A 47 -12.83 1.87 0.54
CA GLY A 47 -13.88 1.19 -0.16
C GLY A 47 -13.41 0.66 -1.50
N ILE A 48 -12.10 0.54 -1.65
CA ILE A 48 -11.52 0.01 -2.88
C ILE A 48 -11.27 -1.49 -2.73
N ALA A 49 -12.13 -2.28 -3.36
CA ALA A 49 -12.04 -3.73 -3.26
C ALA A 49 -10.80 -4.29 -3.96
N ALA A 50 -10.27 -5.37 -3.40
CA ALA A 50 -9.12 -6.05 -4.00
C ALA A 50 -9.43 -6.46 -5.43
N GLY A 51 -8.64 -5.95 -6.37
CA GLY A 51 -8.88 -6.23 -7.78
C GLY A 51 -9.41 -5.03 -8.53
N THR A 52 -9.69 -3.95 -7.79
CA THR A 52 -10.13 -2.72 -8.41
C THR A 52 -9.00 -2.05 -9.18
N ARG A 53 -9.25 -1.76 -10.44
CA ARG A 53 -8.26 -1.15 -11.32
C ARG A 53 -8.20 0.36 -11.11
N TRP A 54 -7.09 0.95 -11.55
CA TRP A 54 -6.90 2.40 -11.46
C TRP A 54 -7.97 3.13 -12.25
N ASP A 55 -8.50 2.44 -13.27
CA ASP A 55 -9.58 2.99 -14.09
C ASP A 55 -10.88 3.06 -13.29
N ASP A 56 -11.09 2.08 -12.43
CA ASP A 56 -12.31 2.00 -11.63
C ASP A 56 -12.28 3.04 -10.50
N ILE A 57 -11.08 3.35 -10.04
CA ILE A 57 -10.89 4.35 -9.00
C ILE A 57 -11.25 5.74 -9.52
N PRO A 58 -12.14 6.46 -8.82
CA PRO A 58 -12.60 7.79 -9.22
C PRO A 58 -11.45 8.76 -9.51
N ASP A 59 -11.61 9.55 -10.55
CA ASP A 59 -10.57 10.49 -10.98
C ASP A 59 -10.30 11.54 -9.90
N ASP A 60 -11.30 11.77 -9.07
CA ASP A 60 -11.20 12.77 -7.99
C ASP A 60 -10.62 12.16 -6.71
N TRP A 61 -10.25 10.88 -6.77
CA TRP A 61 -9.73 10.18 -5.60
C TRP A 61 -8.32 10.65 -5.23
N SER A 62 -8.11 10.92 -3.95
CA SER A 62 -6.81 11.32 -3.46
C SER A 62 -6.20 10.23 -2.58
N CYS A 63 -4.88 10.23 -2.49
CA CYS A 63 -4.15 9.30 -1.63
C CYS A 63 -4.57 9.50 -0.17
N PRO A 64 -5.15 8.48 0.46
CA PRO A 64 -5.64 8.57 1.85
C PRO A 64 -4.52 8.88 2.84
N ASP A 65 -3.29 8.65 2.41
CA ASP A 65 -2.13 8.79 3.29
C ASP A 65 -1.64 10.24 3.36
N CYS A 66 -2.05 11.07 2.41
CA CYS A 66 -1.54 12.45 2.34
C CYS A 66 -2.51 13.40 1.64
N GLY A 67 -3.27 12.89 0.67
CA GLY A 67 -4.19 13.73 -0.08
C GLY A 67 -3.66 14.02 -1.47
N ALA A 68 -2.54 13.38 -1.81
CA ALA A 68 -1.95 13.51 -3.13
C ALA A 68 -2.90 13.01 -4.21
N ALA A 69 -2.85 13.62 -5.38
CA ALA A 69 -3.75 13.26 -6.48
C ALA A 69 -3.16 12.10 -7.29
N LYS A 70 -3.87 11.69 -8.33
CA LYS A 70 -3.41 10.60 -9.18
C LYS A 70 -2.11 10.96 -9.87
N SER A 71 -1.90 12.26 -10.11
CA SER A 71 -0.68 12.74 -10.74
C SER A 71 0.53 12.59 -9.80
N ASP A 72 0.26 12.23 -8.55
CA ASP A 72 1.33 11.99 -7.58
C ASP A 72 1.60 10.51 -7.45
N PHE A 73 0.91 9.71 -8.25
CA PHE A 73 1.11 8.26 -8.25
C PHE A 73 1.81 7.83 -9.53
N GLU A 74 2.57 6.76 -9.44
CA GLU A 74 3.15 6.15 -10.62
C GLU A 74 2.91 4.65 -10.62
N MET A 75 2.78 4.07 -11.81
CA MET A 75 2.46 2.66 -11.94
C MET A 75 3.73 1.81 -11.90
N VAL A 76 3.87 1.01 -10.87
CA VAL A 76 4.98 0.09 -10.75
C VAL A 76 4.46 -1.34 -10.70
N GLU A 77 4.73 -2.11 -11.75
CA GLU A 77 4.32 -3.50 -11.79
C GLU A 77 5.09 -4.30 -10.74
N VAL A 78 4.38 -5.14 -10.01
CA VAL A 78 5.00 -5.91 -8.94
C VAL A 78 5.92 -6.98 -9.50
N ALA A 79 7.20 -6.85 -9.20
CA ALA A 79 8.19 -7.80 -9.69
C ALA A 79 8.20 -9.06 -8.85
N ARG A 80 7.35 -9.06 -7.84
CA ARG A 80 7.23 -10.17 -6.88
C ARG A 80 8.60 -10.59 -6.36
N SER A 81 9.36 -9.61 -5.89
CA SER A 81 10.69 -9.83 -5.36
C SER A 81 10.61 -10.61 -4.04
N MET A 1 -31.52 -4.05 33.50
CA MET A 1 -31.24 -3.72 32.08
C MET A 1 -29.93 -2.94 31.94
N ALA A 2 -28.88 -3.64 31.55
CA ALA A 2 -27.56 -3.06 31.39
C ALA A 2 -26.65 -3.99 30.60
N HIS A 3 -25.81 -3.41 29.75
CA HIS A 3 -24.87 -4.19 28.96
C HIS A 3 -23.53 -3.48 28.86
N HIS A 4 -22.48 -4.25 28.64
CA HIS A 4 -21.12 -3.72 28.53
C HIS A 4 -20.44 -4.29 27.29
N HIS A 5 -19.56 -3.50 26.68
CA HIS A 5 -18.88 -3.94 25.47
C HIS A 5 -17.37 -3.78 25.60
N HIS A 6 -16.65 -4.70 24.98
CA HIS A 6 -15.20 -4.64 24.95
C HIS A 6 -14.74 -4.87 23.52
N HIS A 7 -14.34 -3.81 22.84
CA HIS A 7 -13.93 -3.90 21.44
C HIS A 7 -12.73 -4.83 21.31
N HIS A 8 -12.76 -5.68 20.29
CA HIS A 8 -11.74 -6.70 20.12
C HIS A 8 -10.66 -6.24 19.17
N MET A 9 -9.57 -5.74 19.72
CA MET A 9 -8.41 -5.35 18.91
C MET A 9 -7.80 -6.59 18.27
N GLY A 10 -7.79 -7.68 19.03
CA GLY A 10 -7.20 -8.91 18.55
C GLY A 10 -5.68 -8.82 18.54
N THR A 11 -5.10 -9.16 17.41
CA THR A 11 -3.67 -9.06 17.24
C THR A 11 -3.35 -8.63 15.81
N LEU A 12 -2.15 -8.10 15.60
CA LEU A 12 -1.72 -7.67 14.28
C LEU A 12 -1.65 -8.86 13.33
N GLU A 13 -1.80 -8.61 12.04
CA GLU A 13 -1.76 -9.65 11.03
C GLU A 13 -0.38 -10.31 11.01
N ALA A 14 -0.29 -11.49 11.63
CA ALA A 14 0.98 -12.19 11.78
C ALA A 14 1.42 -12.82 10.47
N GLN A 15 0.45 -13.13 9.61
CA GLN A 15 0.74 -13.77 8.33
C GLN A 15 1.58 -12.85 7.46
N THR A 16 1.18 -11.57 7.40
CA THR A 16 1.83 -10.57 6.54
C THR A 16 2.08 -11.13 5.14
N GLN A 17 1.01 -11.66 4.55
CA GLN A 17 1.10 -12.23 3.22
C GLN A 17 0.99 -11.14 2.16
N GLY A 18 1.90 -11.15 1.19
CA GLY A 18 1.83 -10.19 0.12
C GLY A 18 0.60 -10.39 -0.73
N PRO A 19 -0.14 -9.31 -1.04
CA PRO A 19 -1.36 -9.39 -1.85
C PRO A 19 -1.07 -9.84 -3.27
N GLY A 20 -1.39 -11.10 -3.57
CA GLY A 20 -1.14 -11.63 -4.89
C GLY A 20 -1.86 -12.93 -5.15
N SER A 21 -3.19 -12.89 -5.09
CA SER A 21 -4.01 -14.06 -5.37
C SER A 21 -3.73 -14.55 -6.79
N MET A 22 -3.84 -13.64 -7.76
CA MET A 22 -3.47 -13.95 -9.14
C MET A 22 -2.11 -13.35 -9.44
N ASN A 23 -1.59 -12.58 -8.48
CA ASN A 23 -0.24 -11.99 -8.53
C ASN A 23 -0.15 -10.81 -9.50
N ASP A 24 -0.68 -10.99 -10.71
CA ASP A 24 -0.56 -9.97 -11.75
C ASP A 24 -1.53 -8.82 -11.54
N TYR A 25 -1.19 -7.96 -10.59
CA TYR A 25 -1.87 -6.69 -10.41
C TYR A 25 -0.85 -5.56 -10.36
N LYS A 26 -1.23 -4.38 -10.83
CA LYS A 26 -0.32 -3.26 -10.88
C LYS A 26 -0.26 -2.58 -9.53
N LEU A 27 0.84 -1.91 -9.23
CA LEU A 27 0.95 -1.16 -7.98
C LEU A 27 1.34 0.29 -8.24
N PHE A 28 0.67 1.20 -7.57
CA PHE A 28 0.92 2.62 -7.74
C PHE A 28 1.44 3.21 -6.44
N ARG A 29 2.62 3.82 -6.50
CA ARG A 29 3.26 4.32 -5.30
C ARG A 29 3.21 5.85 -5.25
N CYS A 30 2.71 6.38 -4.15
CA CYS A 30 2.66 7.83 -3.95
C CYS A 30 4.08 8.35 -3.73
N ILE A 31 4.43 9.39 -4.45
CA ILE A 31 5.79 9.93 -4.39
C ILE A 31 5.92 10.96 -3.29
N GLN A 32 4.78 11.44 -2.80
CA GLN A 32 4.78 12.44 -1.75
C GLN A 32 5.12 11.83 -0.40
N CYS A 33 4.59 10.63 -0.15
CA CYS A 33 4.78 10.00 1.16
C CYS A 33 5.31 8.58 1.05
N GLY A 34 5.02 7.91 -0.05
CA GLY A 34 5.50 6.55 -0.22
C GLY A 34 4.39 5.52 -0.12
N PHE A 35 3.17 5.99 0.08
CA PHE A 35 2.01 5.12 0.14
C PHE A 35 1.85 4.32 -1.14
N GLU A 36 2.02 3.02 -1.03
CA GLU A 36 1.90 2.13 -2.18
C GLU A 36 0.51 1.50 -2.24
N TYR A 37 -0.11 1.61 -3.39
CA TYR A 37 -1.39 0.98 -3.61
C TYR A 37 -1.26 -0.20 -4.56
N ASP A 38 -1.34 -1.39 -4.02
CA ASP A 38 -1.40 -2.60 -4.83
C ASP A 38 -2.85 -2.84 -5.23
N GLU A 39 -3.10 -3.02 -6.52
CA GLU A 39 -4.46 -3.32 -6.98
C GLU A 39 -4.94 -4.64 -6.37
N ALA A 40 -3.99 -5.52 -6.05
CA ALA A 40 -4.31 -6.80 -5.44
C ALA A 40 -4.61 -6.66 -3.95
N LEU A 41 -4.25 -5.51 -3.40
CA LEU A 41 -4.48 -5.23 -1.99
C LEU A 41 -5.74 -4.40 -1.81
N GLY A 42 -5.83 -3.33 -2.59
CA GLY A 42 -6.97 -2.44 -2.49
C GLY A 42 -6.84 -1.51 -1.30
N TRP A 43 -7.93 -0.88 -0.92
CA TRP A 43 -7.96 -0.01 0.24
C TRP A 43 -9.37 0.03 0.82
N PRO A 44 -9.66 -0.91 1.71
CA PRO A 44 -11.01 -1.10 2.26
C PRO A 44 -11.46 0.09 3.11
N GLU A 45 -10.51 0.80 3.67
CA GLU A 45 -10.80 1.94 4.55
C GLU A 45 -11.42 3.10 3.78
N ASP A 46 -11.32 3.07 2.46
CA ASP A 46 -11.98 4.07 1.62
C ASP A 46 -13.13 3.44 0.86
N GLY A 47 -13.06 2.12 0.71
CA GLY A 47 -14.08 1.41 -0.03
C GLY A 47 -13.56 0.86 -1.34
N ILE A 48 -12.25 0.67 -1.42
CA ILE A 48 -11.63 0.10 -2.61
C ILE A 48 -11.37 -1.39 -2.38
N ALA A 49 -12.05 -2.24 -3.12
CA ALA A 49 -11.94 -3.68 -2.94
C ALA A 49 -10.68 -4.24 -3.59
N ALA A 50 -10.17 -5.32 -3.00
CA ALA A 50 -9.02 -5.99 -3.56
C ALA A 50 -9.33 -6.50 -4.96
N GLY A 51 -8.56 -6.06 -5.93
CA GLY A 51 -8.81 -6.43 -7.30
C GLY A 51 -9.33 -5.26 -8.12
N THR A 52 -9.65 -4.16 -7.45
CA THR A 52 -10.10 -2.95 -8.14
C THR A 52 -8.95 -2.34 -8.94
N ARG A 53 -9.17 -2.19 -10.25
CA ARG A 53 -8.17 -1.62 -11.13
C ARG A 53 -8.14 -0.10 -11.01
N TRP A 54 -6.95 0.45 -11.20
CA TRP A 54 -6.71 1.90 -11.08
C TRP A 54 -7.60 2.70 -12.03
N ASP A 55 -8.00 2.09 -13.14
CA ASP A 55 -8.84 2.75 -14.13
C ASP A 55 -10.27 2.90 -13.61
N ASP A 56 -10.69 1.98 -12.77
CA ASP A 56 -12.03 2.00 -12.21
C ASP A 56 -12.11 2.95 -11.02
N ILE A 57 -10.96 3.23 -10.46
CA ILE A 57 -10.85 4.20 -9.37
C ILE A 57 -10.97 5.60 -9.95
N PRO A 58 -11.96 6.39 -9.46
CA PRO A 58 -12.18 7.76 -9.95
C PRO A 58 -10.94 8.63 -9.82
N ASP A 59 -10.74 9.52 -10.78
CA ASP A 59 -9.58 10.42 -10.77
C ASP A 59 -9.72 11.47 -9.67
N ASP A 60 -10.89 11.52 -9.05
CA ASP A 60 -11.13 12.37 -7.89
C ASP A 60 -10.53 11.75 -6.63
N TRP A 61 -10.11 10.49 -6.74
CA TRP A 61 -9.59 9.76 -5.61
C TRP A 61 -8.18 10.21 -5.27
N SER A 62 -8.04 10.83 -4.11
CA SER A 62 -6.75 11.25 -3.61
C SER A 62 -6.19 10.19 -2.65
N CYS A 63 -4.88 10.22 -2.46
CA CYS A 63 -4.22 9.35 -1.51
C CYS A 63 -4.80 9.58 -0.10
N PRO A 64 -5.42 8.55 0.49
CA PRO A 64 -6.04 8.65 1.82
C PRO A 64 -5.06 9.15 2.90
N ASP A 65 -3.78 8.99 2.62
CA ASP A 65 -2.73 9.41 3.55
C ASP A 65 -2.58 10.93 3.59
N CYS A 66 -2.17 11.52 2.48
CA CYS A 66 -1.84 12.95 2.45
C CYS A 66 -2.77 13.75 1.52
N GLY A 67 -3.69 13.07 0.87
CA GLY A 67 -4.60 13.74 -0.05
C GLY A 67 -3.95 14.10 -1.36
N ALA A 68 -2.87 13.41 -1.69
CA ALA A 68 -2.19 13.62 -2.96
C ALA A 68 -3.02 13.05 -4.12
N ALA A 69 -2.88 13.64 -5.29
CA ALA A 69 -3.69 13.24 -6.43
C ALA A 69 -3.06 12.06 -7.16
N LYS A 70 -3.74 11.57 -8.19
CA LYS A 70 -3.21 10.47 -9.00
C LYS A 70 -1.87 10.84 -9.61
N SER A 71 -1.71 12.12 -9.92
CA SER A 71 -0.47 12.62 -10.52
C SER A 71 0.70 12.47 -9.55
N ASP A 72 0.40 12.29 -8.27
CA ASP A 72 1.43 12.13 -7.25
C ASP A 72 1.73 10.66 -7.01
N PHE A 73 1.20 9.82 -7.88
CA PHE A 73 1.50 8.40 -7.85
C PHE A 73 2.35 8.01 -9.05
N GLU A 74 3.18 7.00 -8.86
CA GLU A 74 3.96 6.45 -9.97
C GLU A 74 3.48 5.03 -10.26
N MET A 75 3.47 4.68 -11.53
CA MET A 75 3.00 3.37 -11.93
C MET A 75 4.11 2.35 -11.83
N VAL A 76 3.98 1.44 -10.88
CA VAL A 76 4.92 0.36 -10.74
C VAL A 76 4.32 -0.91 -11.32
N GLU A 77 5.01 -1.49 -12.30
CA GLU A 77 4.54 -2.71 -12.93
C GLU A 77 4.90 -3.91 -12.07
N VAL A 78 4.39 -5.07 -12.44
CA VAL A 78 4.55 -6.25 -11.62
C VAL A 78 5.94 -6.84 -11.74
N ALA A 79 6.77 -6.51 -10.77
CA ALA A 79 8.14 -7.01 -10.71
C ALA A 79 8.20 -8.29 -9.88
N ARG A 80 7.07 -8.96 -9.78
CA ARG A 80 6.99 -10.19 -9.01
C ARG A 80 7.25 -11.39 -9.90
N SER A 81 8.50 -11.82 -9.93
CA SER A 81 8.89 -12.99 -10.70
C SER A 81 9.91 -13.80 -9.92
N MET A 1 -18.00 -19.45 32.16
CA MET A 1 -17.01 -18.86 33.11
C MET A 1 -16.44 -17.58 32.52
N ALA A 2 -16.08 -16.63 33.40
CA ALA A 2 -15.52 -15.37 32.95
C ALA A 2 -14.08 -15.55 32.51
N HIS A 3 -13.92 -15.89 31.24
CA HIS A 3 -12.60 -16.14 30.67
C HIS A 3 -12.19 -14.98 29.77
N HIS A 4 -11.76 -13.90 30.39
CA HIS A 4 -11.32 -12.72 29.69
C HIS A 4 -9.95 -12.28 30.20
N HIS A 5 -9.08 -11.91 29.29
CA HIS A 5 -7.77 -11.37 29.64
C HIS A 5 -7.49 -10.13 28.80
N HIS A 6 -6.89 -9.12 29.41
CA HIS A 6 -6.42 -7.97 28.66
C HIS A 6 -5.22 -8.37 27.82
N HIS A 7 -5.49 -8.90 26.64
CA HIS A 7 -4.46 -9.52 25.84
C HIS A 7 -4.08 -8.62 24.67
N HIS A 8 -4.62 -7.41 24.66
CA HIS A 8 -4.29 -6.44 23.62
C HIS A 8 -2.83 -6.01 23.78
N MET A 9 -1.96 -6.65 23.02
CA MET A 9 -0.54 -6.35 23.07
C MET A 9 -0.27 -5.11 22.23
N GLY A 10 -1.04 -4.98 21.16
CA GLY A 10 -0.91 -3.84 20.27
C GLY A 10 -1.28 -4.21 18.86
N THR A 11 -0.91 -3.38 17.91
CA THR A 11 -1.18 -3.66 16.51
C THR A 11 0.03 -4.34 15.86
N LEU A 12 0.22 -5.61 16.18
CA LEU A 12 1.28 -6.39 15.57
C LEU A 12 0.72 -7.19 14.40
N GLU A 13 0.99 -6.72 13.20
CA GLU A 13 0.46 -7.31 11.99
C GLU A 13 1.14 -8.62 11.66
N ALA A 14 0.39 -9.54 11.07
CA ALA A 14 0.95 -10.75 10.51
C ALA A 14 1.25 -10.52 9.03
N GLN A 15 0.44 -9.67 8.42
CA GLN A 15 0.60 -9.33 7.01
C GLN A 15 1.55 -8.14 6.84
N THR A 16 1.65 -7.32 7.89
CA THR A 16 2.51 -6.14 7.90
C THR A 16 2.37 -5.28 6.65
N GLN A 17 1.12 -4.89 6.35
CA GLN A 17 0.79 -4.03 5.21
C GLN A 17 1.24 -4.64 3.88
N GLY A 18 1.40 -5.96 3.87
CA GLY A 18 1.86 -6.65 2.67
C GLY A 18 0.80 -6.70 1.59
N PRO A 19 1.20 -6.52 0.31
CA PRO A 19 0.28 -6.61 -0.84
C PRO A 19 -0.21 -8.04 -1.09
N GLY A 20 -1.02 -8.21 -2.11
CA GLY A 20 -1.56 -9.53 -2.41
C GLY A 20 -1.64 -9.78 -3.89
N SER A 21 -0.64 -9.33 -4.62
CA SER A 21 -0.61 -9.46 -6.07
C SER A 21 -0.39 -10.92 -6.49
N MET A 22 -1.49 -11.67 -6.57
CA MET A 22 -1.44 -13.06 -7.01
C MET A 22 -1.50 -13.14 -8.53
N ASN A 23 -2.07 -12.11 -9.14
CA ASN A 23 -2.16 -12.03 -10.59
C ASN A 23 -1.38 -10.80 -11.07
N ASP A 24 -1.36 -10.58 -12.37
CA ASP A 24 -0.69 -9.41 -12.94
C ASP A 24 -1.47 -8.14 -12.61
N TYR A 25 -1.12 -7.51 -11.50
CA TYR A 25 -1.76 -6.27 -11.09
C TYR A 25 -0.74 -5.15 -11.06
N LYS A 26 -1.23 -3.91 -11.03
CA LYS A 26 -0.35 -2.76 -11.03
C LYS A 26 -0.11 -2.24 -9.62
N LEU A 27 1.08 -1.68 -9.42
CA LEU A 27 1.43 -0.96 -8.21
C LEU A 27 1.54 0.52 -8.52
N PHE A 28 0.91 1.35 -7.74
CA PHE A 28 1.00 2.78 -7.93
C PHE A 28 1.53 3.45 -6.67
N ARG A 29 2.73 4.00 -6.77
CA ARG A 29 3.39 4.57 -5.62
C ARG A 29 3.26 6.09 -5.62
N CYS A 30 2.75 6.63 -4.52
CA CYS A 30 2.60 8.07 -4.37
C CYS A 30 3.97 8.73 -4.27
N ILE A 31 4.18 9.78 -5.04
CA ILE A 31 5.46 10.47 -5.09
C ILE A 31 5.49 11.60 -4.07
N GLN A 32 4.45 11.68 -3.26
CA GLN A 32 4.38 12.69 -2.21
C GLN A 32 4.81 12.11 -0.88
N CYS A 33 4.89 10.79 -0.80
CA CYS A 33 5.20 10.14 0.48
C CYS A 33 5.76 8.73 0.30
N GLY A 34 5.33 8.03 -0.74
CA GLY A 34 5.81 6.68 -0.97
C GLY A 34 4.74 5.65 -0.74
N PHE A 35 3.52 6.09 -0.48
CA PHE A 35 2.39 5.19 -0.31
C PHE A 35 2.17 4.36 -1.57
N GLU A 36 2.39 3.06 -1.46
CA GLU A 36 2.27 2.16 -2.59
C GLU A 36 0.90 1.48 -2.62
N TYR A 37 0.19 1.68 -3.70
CA TYR A 37 -1.11 1.05 -3.89
C TYR A 37 -0.98 -0.20 -4.77
N ASP A 38 -1.48 -1.31 -4.26
CA ASP A 38 -1.53 -2.55 -5.02
C ASP A 38 -2.96 -2.80 -5.47
N GLU A 39 -3.17 -2.95 -6.77
CA GLU A 39 -4.51 -3.21 -7.31
C GLU A 39 -5.11 -4.49 -6.71
N ALA A 40 -4.25 -5.43 -6.34
CA ALA A 40 -4.70 -6.70 -5.79
C ALA A 40 -5.08 -6.56 -4.32
N LEU A 41 -4.40 -5.66 -3.63
CA LEU A 41 -4.67 -5.41 -2.22
C LEU A 41 -5.92 -4.54 -2.09
N GLY A 42 -5.95 -3.47 -2.87
CA GLY A 42 -7.03 -2.51 -2.78
C GLY A 42 -6.88 -1.63 -1.56
N TRP A 43 -7.98 -1.08 -1.09
CA TRP A 43 -7.98 -0.27 0.12
C TRP A 43 -9.39 -0.21 0.69
N PRO A 44 -9.80 -1.27 1.41
CA PRO A 44 -11.16 -1.40 1.94
C PRO A 44 -11.47 -0.33 2.98
N GLU A 45 -10.41 0.24 3.53
CA GLU A 45 -10.52 1.32 4.50
C GLU A 45 -11.27 2.51 3.88
N ASP A 46 -11.02 2.76 2.60
CA ASP A 46 -11.71 3.83 1.88
C ASP A 46 -12.86 3.26 1.04
N GLY A 47 -12.76 1.98 0.72
CA GLY A 47 -13.81 1.34 -0.07
C GLY A 47 -13.26 0.69 -1.33
N ILE A 48 -11.99 0.95 -1.62
CA ILE A 48 -11.36 0.40 -2.82
C ILE A 48 -11.30 -1.12 -2.73
N ALA A 49 -12.01 -1.78 -3.62
CA ALA A 49 -12.11 -3.24 -3.59
C ALA A 49 -10.84 -3.90 -4.11
N ALA A 50 -10.49 -5.02 -3.49
CA ALA A 50 -9.36 -5.82 -3.95
C ALA A 50 -9.63 -6.35 -5.34
N GLY A 51 -8.84 -5.91 -6.30
CA GLY A 51 -9.07 -6.26 -7.68
C GLY A 51 -9.59 -5.09 -8.49
N THR A 52 -9.73 -3.94 -7.84
CA THR A 52 -10.10 -2.72 -8.54
C THR A 52 -8.88 -2.13 -9.26
N ARG A 53 -9.04 -1.91 -10.56
CA ARG A 53 -7.97 -1.35 -11.37
C ARG A 53 -7.89 0.16 -11.17
N TRP A 54 -6.74 0.72 -11.50
CA TRP A 54 -6.48 2.15 -11.33
C TRP A 54 -7.50 2.99 -12.10
N ASP A 55 -7.87 2.54 -13.30
CA ASP A 55 -8.81 3.27 -14.15
C ASP A 55 -10.26 3.07 -13.71
N ASP A 56 -10.47 2.20 -12.73
CA ASP A 56 -11.81 2.00 -12.18
C ASP A 56 -12.03 2.95 -11.01
N ILE A 57 -10.93 3.53 -10.54
CA ILE A 57 -10.96 4.49 -9.45
C ILE A 57 -11.04 5.91 -10.00
N PRO A 58 -11.98 6.73 -9.50
CA PRO A 58 -12.14 8.12 -9.93
C PRO A 58 -10.84 8.92 -9.78
N ASP A 59 -10.54 9.74 -10.78
CA ASP A 59 -9.27 10.47 -10.81
C ASP A 59 -9.16 11.50 -9.70
N ASP A 60 -10.28 11.78 -9.03
CA ASP A 60 -10.29 12.73 -7.92
C ASP A 60 -9.86 12.05 -6.62
N TRP A 61 -9.91 10.72 -6.60
CA TRP A 61 -9.56 9.95 -5.41
C TRP A 61 -8.18 10.34 -4.89
N SER A 62 -8.13 10.68 -3.61
CA SER A 62 -6.90 11.15 -3.00
C SER A 62 -6.26 10.04 -2.15
N CYS A 63 -4.94 10.06 -2.11
CA CYS A 63 -4.18 9.13 -1.30
C CYS A 63 -4.56 9.26 0.17
N PRO A 64 -5.04 8.16 0.78
CA PRO A 64 -5.50 8.16 2.18
C PRO A 64 -4.38 8.46 3.17
N ASP A 65 -3.15 8.48 2.68
CA ASP A 65 -1.99 8.74 3.53
C ASP A 65 -1.70 10.23 3.62
N CYS A 66 -1.80 10.94 2.51
CA CYS A 66 -1.41 12.34 2.47
C CYS A 66 -2.52 13.23 1.92
N GLY A 67 -3.16 12.80 0.83
CA GLY A 67 -4.18 13.60 0.19
C GLY A 67 -3.85 13.90 -1.26
N ALA A 68 -2.68 13.44 -1.71
CA ALA A 68 -2.27 13.60 -3.09
C ALA A 68 -3.21 12.84 -4.02
N ALA A 69 -3.39 13.34 -5.22
CA ALA A 69 -4.36 12.75 -6.16
C ALA A 69 -3.74 11.58 -6.91
N LYS A 70 -4.54 10.94 -7.76
CA LYS A 70 -4.08 9.81 -8.57
C LYS A 70 -2.86 10.20 -9.43
N SER A 71 -2.88 11.44 -9.92
CA SER A 71 -1.81 11.93 -10.78
C SER A 71 -0.48 12.01 -10.02
N ASP A 72 -0.56 11.96 -8.69
CA ASP A 72 0.64 12.01 -7.85
C ASP A 72 1.17 10.60 -7.58
N PHE A 73 0.62 9.61 -8.27
CA PHE A 73 1.11 8.24 -8.17
C PHE A 73 1.92 7.87 -9.41
N GLU A 74 2.89 6.98 -9.24
CA GLU A 74 3.66 6.48 -10.37
C GLU A 74 3.36 5.00 -10.60
N MET A 75 3.49 4.57 -11.85
CA MET A 75 3.11 3.22 -12.24
C MET A 75 4.31 2.26 -12.15
N VAL A 76 4.23 1.33 -11.22
CA VAL A 76 5.27 0.33 -11.03
C VAL A 76 4.66 -1.07 -11.14
N GLU A 77 5.45 -2.03 -11.58
CA GLU A 77 4.99 -3.42 -11.63
C GLU A 77 5.31 -4.11 -10.31
N VAL A 78 4.80 -5.32 -10.14
CA VAL A 78 5.04 -6.08 -8.92
C VAL A 78 6.25 -6.98 -9.10
N ALA A 79 7.37 -6.57 -8.55
CA ALA A 79 8.61 -7.32 -8.65
C ALA A 79 8.79 -8.21 -7.43
N ARG A 80 9.15 -9.46 -7.66
CA ARG A 80 9.30 -10.42 -6.58
C ARG A 80 10.77 -10.67 -6.30
N SER A 81 11.22 -10.29 -5.11
CA SER A 81 12.59 -10.53 -4.71
C SER A 81 12.67 -11.79 -3.86
N MET A 1 -13.23 -18.46 43.64
CA MET A 1 -11.98 -18.41 42.86
C MET A 1 -12.00 -17.22 41.91
N ALA A 2 -10.85 -16.60 41.74
CA ALA A 2 -10.73 -15.45 40.85
C ALA A 2 -9.66 -15.70 39.79
N HIS A 3 -10.07 -16.24 38.67
CA HIS A 3 -9.16 -16.49 37.56
C HIS A 3 -9.27 -15.38 36.52
N HIS A 4 -8.30 -14.48 36.52
CA HIS A 4 -8.30 -13.36 35.58
C HIS A 4 -6.88 -13.01 35.16
N HIS A 5 -6.55 -13.32 33.92
CA HIS A 5 -5.25 -12.98 33.37
C HIS A 5 -5.43 -12.18 32.08
N HIS A 6 -4.35 -12.04 31.33
CA HIS A 6 -4.40 -11.30 30.08
C HIS A 6 -3.91 -12.17 28.93
N HIS A 7 -4.34 -11.85 27.72
CA HIS A 7 -3.99 -12.63 26.56
C HIS A 7 -3.40 -11.77 25.46
N HIS A 8 -2.09 -11.85 25.28
CA HIS A 8 -1.44 -11.16 24.18
C HIS A 8 -1.23 -12.13 23.02
N MET A 9 -1.57 -11.70 21.81
CA MET A 9 -1.49 -12.56 20.63
C MET A 9 -0.07 -12.61 20.07
N GLY A 10 0.80 -11.75 20.59
CA GLY A 10 2.15 -11.68 20.08
C GLY A 10 2.20 -10.97 18.74
N THR A 11 2.61 -11.70 17.71
CA THR A 11 2.66 -11.16 16.37
C THR A 11 2.49 -12.28 15.34
N LEU A 12 1.34 -12.30 14.69
CA LEU A 12 1.04 -13.33 13.71
C LEU A 12 1.68 -13.01 12.37
N GLU A 13 2.13 -14.03 11.68
CA GLU A 13 2.75 -13.88 10.37
C GLU A 13 1.68 -13.89 9.29
N ALA A 14 0.91 -12.80 9.25
CA ALA A 14 -0.23 -12.68 8.36
C ALA A 14 0.16 -12.13 6.99
N GLN A 15 1.42 -11.74 6.86
CA GLN A 15 1.95 -11.13 5.63
C GLN A 15 1.51 -11.90 4.38
N THR A 16 1.61 -13.24 4.43
CA THR A 16 1.25 -14.13 3.33
C THR A 16 1.91 -13.73 2.01
N GLN A 17 3.09 -13.08 2.11
CA GLN A 17 3.87 -12.65 0.96
C GLN A 17 3.20 -11.49 0.22
N GLY A 18 2.07 -11.75 -0.42
CA GLY A 18 1.40 -10.71 -1.19
C GLY A 18 -0.04 -11.05 -1.50
N PRO A 19 -0.84 -10.06 -1.93
CA PRO A 19 -2.24 -10.27 -2.28
C PRO A 19 -2.42 -10.81 -3.70
N GLY A 20 -3.56 -11.44 -3.95
CA GLY A 20 -3.82 -12.00 -5.26
C GLY A 20 -3.24 -13.39 -5.42
N SER A 21 -3.14 -13.86 -6.65
CA SER A 21 -2.56 -15.15 -6.93
C SER A 21 -2.03 -15.20 -8.37
N MET A 22 -2.86 -14.76 -9.31
CA MET A 22 -2.47 -14.73 -10.72
C MET A 22 -1.48 -13.60 -10.95
N ASN A 23 -1.83 -12.43 -10.41
CA ASN A 23 -0.96 -11.26 -10.40
C ASN A 23 -0.74 -10.66 -11.79
N ASP A 24 -1.52 -9.64 -12.10
CA ASP A 24 -1.27 -8.77 -13.24
C ASP A 24 -1.52 -7.34 -12.77
N TYR A 25 -1.46 -7.18 -11.46
CA TYR A 25 -1.83 -5.95 -10.81
C TYR A 25 -0.65 -5.01 -10.73
N LYS A 26 -0.92 -3.72 -10.77
CA LYS A 26 0.15 -2.73 -10.70
C LYS A 26 0.24 -2.16 -9.29
N LEU A 27 1.44 -1.72 -8.92
CA LEU A 27 1.67 -1.02 -7.68
C LEU A 27 1.81 0.46 -7.96
N PHE A 28 0.84 1.24 -7.57
CA PHE A 28 0.89 2.67 -7.78
C PHE A 28 1.50 3.35 -6.56
N ARG A 29 2.68 3.91 -6.75
CA ARG A 29 3.43 4.46 -5.65
C ARG A 29 3.37 5.99 -5.66
N CYS A 30 2.81 6.55 -4.60
CA CYS A 30 2.68 8.00 -4.45
C CYS A 30 4.06 8.65 -4.35
N ILE A 31 4.32 9.61 -5.23
CA ILE A 31 5.61 10.26 -5.27
C ILE A 31 5.71 11.39 -4.24
N GLN A 32 4.58 11.69 -3.60
CA GLN A 32 4.56 12.72 -2.58
C GLN A 32 4.99 12.19 -1.22
N CYS A 33 4.98 10.87 -1.07
CA CYS A 33 5.27 10.27 0.24
C CYS A 33 5.89 8.88 0.12
N GLY A 34 5.37 8.08 -0.81
CA GLY A 34 5.86 6.72 -0.97
C GLY A 34 4.79 5.68 -0.72
N PHE A 35 3.55 6.15 -0.55
CA PHE A 35 2.41 5.26 -0.37
C PHE A 35 2.22 4.37 -1.59
N GLU A 36 2.39 3.07 -1.40
CA GLU A 36 2.23 2.12 -2.48
C GLU A 36 0.84 1.50 -2.45
N TYR A 37 0.15 1.59 -3.57
CA TYR A 37 -1.18 1.01 -3.71
C TYR A 37 -1.15 -0.22 -4.61
N ASP A 38 -1.40 -1.37 -4.01
CA ASP A 38 -1.53 -2.61 -4.76
C ASP A 38 -2.92 -2.69 -5.38
N GLU A 39 -3.01 -2.79 -6.70
CA GLU A 39 -4.31 -3.05 -7.32
C GLU A 39 -4.86 -4.38 -6.84
N ALA A 40 -3.97 -5.24 -6.36
CA ALA A 40 -4.35 -6.56 -5.88
C ALA A 40 -4.90 -6.51 -4.46
N LEU A 41 -4.55 -5.46 -3.72
CA LEU A 41 -4.95 -5.34 -2.33
C LEU A 41 -6.13 -4.39 -2.21
N GLY A 42 -6.05 -3.26 -2.89
CA GLY A 42 -7.10 -2.27 -2.81
C GLY A 42 -7.00 -1.45 -1.55
N TRP A 43 -8.10 -0.79 -1.20
CA TRP A 43 -8.15 -0.03 0.04
C TRP A 43 -9.57 -0.09 0.60
N PRO A 44 -9.87 -1.15 1.36
CA PRO A 44 -11.23 -1.44 1.83
C PRO A 44 -11.73 -0.40 2.82
N GLU A 45 -10.80 0.29 3.46
CA GLU A 45 -11.14 1.32 4.44
C GLU A 45 -11.86 2.48 3.76
N ASP A 46 -11.62 2.66 2.47
CA ASP A 46 -12.28 3.72 1.72
C ASP A 46 -13.40 3.15 0.83
N GLY A 47 -13.28 1.86 0.52
CA GLY A 47 -14.25 1.22 -0.33
C GLY A 47 -13.63 0.70 -1.61
N ILE A 48 -12.33 0.93 -1.77
CA ILE A 48 -11.61 0.46 -2.95
C ILE A 48 -11.40 -1.04 -2.85
N ALA A 49 -11.95 -1.79 -3.79
CA ALA A 49 -11.94 -3.24 -3.72
C ALA A 49 -10.67 -3.83 -4.33
N ALA A 50 -10.24 -4.95 -3.78
CA ALA A 50 -9.10 -5.67 -4.31
C ALA A 50 -9.41 -6.14 -5.73
N GLY A 51 -8.60 -5.70 -6.68
CA GLY A 51 -8.84 -6.03 -8.07
C GLY A 51 -9.34 -4.84 -8.85
N THR A 52 -9.72 -3.78 -8.15
CA THR A 52 -10.14 -2.54 -8.79
C THR A 52 -8.94 -1.88 -9.49
N ARG A 53 -9.03 -1.78 -10.81
CA ARG A 53 -7.97 -1.16 -11.61
C ARG A 53 -7.94 0.35 -11.37
N TRP A 54 -6.76 0.93 -11.55
CA TRP A 54 -6.54 2.36 -11.34
C TRP A 54 -7.56 3.21 -12.10
N ASP A 55 -7.86 2.83 -13.33
CA ASP A 55 -8.77 3.61 -14.18
C ASP A 55 -10.22 3.47 -13.72
N ASP A 56 -10.49 2.48 -12.88
CA ASP A 56 -11.83 2.27 -12.37
C ASP A 56 -12.03 3.10 -11.11
N ILE A 57 -10.92 3.60 -10.57
CA ILE A 57 -10.94 4.46 -9.41
C ILE A 57 -11.14 5.92 -9.84
N PRO A 58 -12.15 6.60 -9.25
CA PRO A 58 -12.42 8.01 -9.53
C PRO A 58 -11.20 8.90 -9.29
N ASP A 59 -10.96 9.83 -10.19
CA ASP A 59 -9.80 10.72 -10.11
C ASP A 59 -9.95 11.75 -9.00
N ASP A 60 -11.08 11.68 -8.30
CA ASP A 60 -11.31 12.51 -7.12
C ASP A 60 -10.60 11.91 -5.92
N TRP A 61 -10.38 10.59 -5.97
CA TRP A 61 -9.77 9.86 -4.88
C TRP A 61 -8.28 10.20 -4.78
N SER A 62 -7.85 10.56 -3.59
CA SER A 62 -6.45 10.87 -3.35
C SER A 62 -5.87 9.91 -2.32
N CYS A 63 -4.54 9.96 -2.17
CA CYS A 63 -3.83 9.14 -1.20
C CYS A 63 -4.45 9.28 0.20
N PRO A 64 -4.97 8.17 0.76
CA PRO A 64 -5.62 8.17 2.07
C PRO A 64 -4.65 8.46 3.20
N ASP A 65 -3.36 8.51 2.87
CA ASP A 65 -2.33 8.84 3.84
C ASP A 65 -2.16 10.34 3.96
N CYS A 66 -1.93 11.01 2.84
CA CYS A 66 -1.67 12.44 2.84
C CYS A 66 -2.77 13.22 2.12
N GLY A 67 -3.02 12.88 0.86
CA GLY A 67 -4.02 13.58 0.09
C GLY A 67 -3.54 13.89 -1.32
N ALA A 68 -2.42 13.31 -1.71
CA ALA A 68 -1.92 13.45 -3.08
C ALA A 68 -2.85 12.73 -4.05
N ALA A 69 -3.17 13.38 -5.15
CA ALA A 69 -4.14 12.85 -6.10
C ALA A 69 -3.57 11.70 -6.91
N LYS A 70 -4.40 11.11 -7.77
CA LYS A 70 -3.99 9.98 -8.61
C LYS A 70 -2.78 10.33 -9.46
N SER A 71 -2.70 11.58 -9.88
CA SER A 71 -1.61 12.04 -10.75
C SER A 71 -0.27 11.99 -10.01
N ASP A 72 -0.32 11.86 -8.68
CA ASP A 72 0.89 11.80 -7.88
C ASP A 72 1.35 10.35 -7.68
N PHE A 73 0.65 9.42 -8.33
CA PHE A 73 1.04 8.02 -8.24
C PHE A 73 1.72 7.58 -9.53
N GLU A 74 2.73 6.75 -9.40
CA GLU A 74 3.41 6.19 -10.57
C GLU A 74 3.15 4.69 -10.66
N MET A 75 3.13 4.16 -11.87
CA MET A 75 2.78 2.77 -12.11
C MET A 75 4.02 1.88 -12.07
N VAL A 76 4.17 1.14 -10.98
CA VAL A 76 5.27 0.18 -10.85
C VAL A 76 4.70 -1.22 -10.67
N GLU A 77 4.79 -2.05 -11.68
CA GLU A 77 4.25 -3.41 -11.56
C GLU A 77 5.31 -4.39 -11.12
N VAL A 78 4.91 -5.33 -10.27
CA VAL A 78 5.81 -6.31 -9.72
C VAL A 78 5.89 -7.53 -10.65
N ALA A 79 7.05 -7.73 -11.26
CA ALA A 79 7.25 -8.83 -12.19
C ALA A 79 7.68 -10.09 -11.46
N ARG A 80 7.71 -10.00 -10.13
CA ARG A 80 8.10 -11.12 -9.30
C ARG A 80 6.96 -12.12 -9.22
N SER A 81 7.19 -13.31 -9.74
CA SER A 81 6.17 -14.35 -9.74
C SER A 81 6.82 -15.71 -9.51
N MET A 1 29.12 -27.57 37.30
CA MET A 1 29.54 -26.17 37.54
C MET A 1 28.89 -25.26 36.51
N ALA A 2 28.86 -23.96 36.80
CA ALA A 2 28.12 -23.02 35.99
C ALA A 2 28.95 -22.53 34.80
N HIS A 3 28.53 -22.91 33.60
CA HIS A 3 29.18 -22.46 32.38
C HIS A 3 28.19 -21.71 31.51
N HIS A 4 28.44 -20.42 31.30
CA HIS A 4 27.52 -19.58 30.53
C HIS A 4 28.17 -19.11 29.23
N HIS A 5 27.36 -18.96 28.19
CA HIS A 5 27.83 -18.39 26.93
C HIS A 5 26.93 -17.24 26.51
N HIS A 6 27.53 -16.11 26.18
CA HIS A 6 26.75 -14.93 25.81
C HIS A 6 26.08 -15.13 24.46
N HIS A 7 24.92 -14.53 24.29
CA HIS A 7 24.11 -14.74 23.09
C HIS A 7 24.10 -13.53 22.19
N HIS A 8 24.12 -13.76 20.89
CA HIS A 8 23.90 -12.70 19.93
C HIS A 8 22.42 -12.34 19.89
N MET A 9 22.12 -11.07 20.10
CA MET A 9 20.73 -10.63 20.29
C MET A 9 19.91 -10.78 19.02
N GLY A 10 20.50 -10.49 17.88
CA GLY A 10 19.79 -10.63 16.63
C GLY A 10 20.22 -9.63 15.58
N THR A 11 19.29 -9.28 14.70
CA THR A 11 19.56 -8.35 13.62
C THR A 11 18.25 -7.71 13.17
N LEU A 12 18.31 -6.47 12.67
CA LEU A 12 17.12 -5.79 12.16
C LEU A 12 16.93 -6.09 10.68
N GLU A 13 15.74 -5.84 10.17
CA GLU A 13 15.44 -6.13 8.77
C GLU A 13 15.82 -4.97 7.86
N ALA A 14 16.63 -5.28 6.86
CA ALA A 14 17.05 -4.30 5.89
C ALA A 14 16.14 -4.30 4.67
N GLN A 15 15.22 -5.27 4.60
CA GLN A 15 14.33 -5.41 3.44
C GLN A 15 13.43 -4.20 3.27
N THR A 16 12.42 -4.10 4.12
CA THR A 16 11.38 -3.09 3.98
C THR A 16 10.75 -3.21 2.59
N GLN A 17 10.12 -4.36 2.34
CA GLN A 17 9.56 -4.64 1.02
C GLN A 17 8.04 -4.51 1.03
N GLY A 18 7.46 -4.32 -0.15
CA GLY A 18 6.02 -4.16 -0.27
C GLY A 18 5.28 -5.48 -0.42
N PRO A 19 4.25 -5.52 -1.29
CA PRO A 19 3.44 -6.71 -1.49
C PRO A 19 4.02 -7.67 -2.52
N GLY A 20 3.38 -8.82 -2.68
CA GLY A 20 3.82 -9.81 -3.64
C GLY A 20 2.68 -10.40 -4.42
N SER A 21 2.00 -9.55 -5.19
CA SER A 21 0.90 -9.98 -6.02
C SER A 21 1.40 -10.84 -7.18
N MET A 22 0.74 -11.97 -7.41
CA MET A 22 1.17 -12.92 -8.43
C MET A 22 0.45 -12.68 -9.74
N ASN A 23 -0.63 -11.91 -9.68
CA ASN A 23 -1.48 -11.71 -10.86
C ASN A 23 -1.14 -10.40 -11.55
N ASP A 24 -1.80 -10.14 -12.67
CA ASP A 24 -1.58 -8.93 -13.44
C ASP A 24 -2.22 -7.71 -12.77
N TYR A 25 -1.54 -7.20 -11.76
CA TYR A 25 -1.99 -5.99 -11.08
C TYR A 25 -0.85 -4.98 -10.99
N LYS A 26 -1.20 -3.72 -10.81
CA LYS A 26 -0.21 -2.65 -10.77
C LYS A 26 0.06 -2.21 -9.34
N LEU A 27 1.26 -1.71 -9.10
CA LEU A 27 1.62 -1.12 -7.82
C LEU A 27 1.87 0.38 -8.00
N PHE A 28 0.93 1.18 -7.53
CA PHE A 28 1.05 2.64 -7.64
C PHE A 28 1.60 3.22 -6.36
N ARG A 29 2.78 3.82 -6.46
CA ARG A 29 3.41 4.40 -5.29
C ARG A 29 3.32 5.92 -5.34
N CYS A 30 2.77 6.50 -4.29
CA CYS A 30 2.63 7.95 -4.21
C CYS A 30 4.00 8.60 -4.07
N ILE A 31 4.32 9.50 -4.98
CA ILE A 31 5.64 10.12 -5.01
C ILE A 31 5.79 11.17 -3.92
N GLN A 32 4.66 11.65 -3.40
CA GLN A 32 4.68 12.69 -2.38
C GLN A 32 5.15 12.13 -1.04
N CYS A 33 4.97 10.82 -0.86
CA CYS A 33 5.34 10.19 0.39
C CYS A 33 5.97 8.81 0.17
N GLY A 34 5.21 7.92 -0.45
CA GLY A 34 5.67 6.57 -0.63
C GLY A 34 4.55 5.55 -0.44
N PHE A 35 3.32 6.03 -0.24
CA PHE A 35 2.16 5.17 -0.11
C PHE A 35 2.02 4.25 -1.32
N GLU A 36 2.22 2.96 -1.10
CA GLU A 36 2.16 1.96 -2.16
C GLU A 36 0.79 1.31 -2.24
N TYR A 37 0.11 1.53 -3.34
CA TYR A 37 -1.19 0.91 -3.57
C TYR A 37 -1.05 -0.24 -4.56
N ASP A 38 -1.38 -1.43 -4.13
CA ASP A 38 -1.40 -2.59 -5.00
C ASP A 38 -2.84 -2.88 -5.41
N GLU A 39 -3.09 -3.03 -6.70
CA GLU A 39 -4.45 -3.25 -7.21
C GLU A 39 -5.07 -4.53 -6.65
N ALA A 40 -4.24 -5.54 -6.39
CA ALA A 40 -4.74 -6.82 -5.91
C ALA A 40 -5.18 -6.74 -4.47
N LEU A 41 -4.43 -6.00 -3.65
CA LEU A 41 -4.77 -5.80 -2.25
C LEU A 41 -5.87 -4.75 -2.09
N GLY A 42 -5.78 -3.71 -2.90
CA GLY A 42 -6.79 -2.66 -2.87
C GLY A 42 -6.65 -1.77 -1.64
N TRP A 43 -7.71 -1.06 -1.32
CA TRP A 43 -7.76 -0.23 -0.12
C TRP A 43 -9.21 -0.08 0.31
N PRO A 44 -9.75 -1.09 1.00
CA PRO A 44 -11.17 -1.16 1.31
C PRO A 44 -11.55 -0.22 2.45
N GLU A 45 -10.54 0.33 3.11
CA GLU A 45 -10.76 1.31 4.16
C GLU A 45 -11.58 2.48 3.62
N ASP A 46 -11.26 2.90 2.40
CA ASP A 46 -11.98 4.00 1.77
C ASP A 46 -13.11 3.46 0.89
N GLY A 47 -13.00 2.21 0.49
CA GLY A 47 -14.06 1.59 -0.28
C GLY A 47 -13.55 0.80 -1.48
N ILE A 48 -12.27 0.95 -1.78
CA ILE A 48 -11.67 0.27 -2.93
C ILE A 48 -11.41 -1.19 -2.60
N ALA A 49 -12.26 -2.06 -3.15
CA ALA A 49 -12.16 -3.49 -2.88
C ALA A 49 -10.94 -4.10 -3.56
N ALA A 50 -10.42 -5.17 -2.97
CA ALA A 50 -9.25 -5.87 -3.51
C ALA A 50 -9.53 -6.35 -4.92
N GLY A 51 -8.72 -5.91 -5.87
CA GLY A 51 -8.92 -6.28 -7.25
C GLY A 51 -9.44 -5.13 -8.08
N THR A 52 -9.81 -4.03 -7.42
CA THR A 52 -10.25 -2.84 -8.14
C THR A 52 -9.09 -2.22 -8.91
N ARG A 53 -9.29 -2.02 -10.20
CA ARG A 53 -8.28 -1.42 -11.05
C ARG A 53 -8.13 0.06 -10.78
N TRP A 54 -6.93 0.57 -10.99
CA TRP A 54 -6.64 1.99 -10.87
C TRP A 54 -7.42 2.77 -11.92
N ASP A 55 -7.75 2.07 -13.00
CA ASP A 55 -8.54 2.63 -14.10
C ASP A 55 -9.98 2.83 -13.67
N ASP A 56 -10.41 2.01 -12.71
CA ASP A 56 -11.77 2.08 -12.19
C ASP A 56 -11.88 3.21 -11.18
N ILE A 57 -10.85 3.34 -10.37
CA ILE A 57 -10.74 4.40 -9.38
C ILE A 57 -10.76 5.77 -10.05
N PRO A 58 -11.61 6.69 -9.59
CA PRO A 58 -11.74 8.02 -10.18
C PRO A 58 -10.51 8.89 -9.90
N ASP A 59 -10.14 9.74 -10.85
CA ASP A 59 -8.97 10.61 -10.68
C ASP A 59 -9.25 11.71 -9.66
N ASP A 60 -10.50 11.78 -9.23
CA ASP A 60 -10.90 12.67 -8.15
C ASP A 60 -10.47 12.10 -6.80
N TRP A 61 -10.27 10.79 -6.75
CA TRP A 61 -9.84 10.11 -5.53
C TRP A 61 -8.40 10.47 -5.22
N SER A 62 -8.13 10.76 -3.96
CA SER A 62 -6.79 11.16 -3.54
C SER A 62 -6.21 10.15 -2.56
N CYS A 63 -4.90 10.15 -2.45
CA CYS A 63 -4.18 9.28 -1.53
C CYS A 63 -4.69 9.46 -0.11
N PRO A 64 -5.22 8.40 0.51
CA PRO A 64 -5.71 8.44 1.90
C PRO A 64 -4.63 8.85 2.90
N ASP A 65 -3.38 8.81 2.46
CA ASP A 65 -2.25 9.15 3.32
C ASP A 65 -1.99 10.66 3.34
N CYS A 66 -1.65 11.22 2.18
CA CYS A 66 -1.24 12.61 2.10
C CYS A 66 -2.20 13.47 1.27
N GLY A 67 -3.29 12.86 0.81
CA GLY A 67 -4.27 13.58 0.02
C GLY A 67 -3.71 14.07 -1.32
N ALA A 68 -2.89 13.25 -1.94
CA ALA A 68 -2.33 13.56 -3.25
C ALA A 68 -3.16 12.89 -4.33
N ALA A 69 -3.20 13.47 -5.52
CA ALA A 69 -4.04 12.95 -6.59
C ALA A 69 -3.43 11.69 -7.21
N LYS A 70 -4.19 11.03 -8.07
CA LYS A 70 -3.71 9.81 -8.72
C LYS A 70 -2.47 10.10 -9.55
N SER A 71 -2.38 11.32 -10.06
CA SER A 71 -1.25 11.73 -10.89
C SER A 71 0.02 11.87 -10.05
N ASP A 72 -0.15 11.85 -8.73
CA ASP A 72 0.97 11.92 -7.82
C ASP A 72 1.43 10.52 -7.46
N PHE A 73 0.85 9.52 -8.13
CA PHE A 73 1.28 8.15 -7.99
C PHE A 73 2.11 7.74 -9.21
N GLU A 74 3.05 6.83 -8.99
CA GLU A 74 3.84 6.30 -10.08
C GLU A 74 3.51 4.83 -10.30
N MET A 75 3.47 4.43 -11.56
CA MET A 75 3.08 3.07 -11.91
C MET A 75 4.27 2.13 -11.87
N VAL A 76 4.35 1.33 -10.83
CA VAL A 76 5.38 0.33 -10.70
C VAL A 76 4.81 -1.04 -11.05
N GLU A 77 5.40 -1.70 -12.03
CA GLU A 77 4.97 -3.04 -12.41
C GLU A 77 5.41 -4.04 -11.36
N VAL A 78 4.55 -5.00 -11.07
CA VAL A 78 4.89 -6.04 -10.13
C VAL A 78 5.98 -6.95 -10.71
N ALA A 79 7.17 -6.83 -10.16
CA ALA A 79 8.33 -7.60 -10.62
C ALA A 79 8.26 -9.05 -10.13
N ARG A 80 7.04 -9.49 -9.82
CA ARG A 80 6.77 -10.86 -9.39
C ARG A 80 7.56 -11.22 -8.14
N SER A 81 7.05 -10.82 -6.99
CA SER A 81 7.69 -11.11 -5.74
C SER A 81 7.18 -12.42 -5.19
N MET A 1 -12.03 -32.65 27.62
CA MET A 1 -10.64 -33.00 27.26
C MET A 1 -10.20 -32.28 26.01
N ALA A 2 -9.52 -31.15 26.19
CA ALA A 2 -9.01 -30.36 25.09
C ALA A 2 -7.86 -29.48 25.57
N HIS A 3 -6.64 -29.91 25.29
CA HIS A 3 -5.45 -29.18 25.70
C HIS A 3 -5.35 -27.87 24.91
N HIS A 4 -5.67 -26.77 25.56
CA HIS A 4 -5.68 -25.48 24.90
C HIS A 4 -4.48 -24.66 25.29
N HIS A 5 -3.81 -24.13 24.28
CA HIS A 5 -2.70 -23.22 24.48
C HIS A 5 -2.85 -22.03 23.54
N HIS A 6 -3.53 -21.01 24.02
CA HIS A 6 -3.75 -19.80 23.23
C HIS A 6 -2.41 -19.10 22.94
N HIS A 7 -1.98 -19.20 21.70
CA HIS A 7 -0.71 -18.64 21.29
C HIS A 7 -0.92 -17.46 20.35
N HIS A 8 -0.67 -16.26 20.85
CA HIS A 8 -0.77 -15.05 20.06
C HIS A 8 0.56 -14.31 20.14
N MET A 9 1.31 -14.36 19.05
CA MET A 9 2.68 -13.85 19.04
C MET A 9 2.72 -12.42 18.51
N GLY A 10 1.72 -12.08 17.70
CA GLY A 10 1.70 -10.79 17.06
C GLY A 10 2.03 -10.93 15.59
N THR A 11 2.25 -9.82 14.91
CA THR A 11 2.59 -9.89 13.50
C THR A 11 3.81 -9.03 13.19
N LEU A 12 4.93 -9.69 12.97
CA LEU A 12 6.15 -9.00 12.60
C LEU A 12 6.19 -8.83 11.08
N GLU A 13 5.85 -7.63 10.63
CA GLU A 13 5.69 -7.38 9.21
C GLU A 13 6.85 -6.57 8.66
N ALA A 14 7.67 -7.21 7.85
CA ALA A 14 8.77 -6.53 7.17
C ALA A 14 8.32 -6.05 5.79
N GLN A 15 7.17 -6.55 5.36
CA GLN A 15 6.63 -6.19 4.06
C GLN A 15 5.30 -5.46 4.19
N THR A 16 4.33 -6.11 4.82
CA THR A 16 2.98 -5.57 4.95
C THR A 16 2.33 -5.45 3.57
N GLN A 17 2.81 -6.27 2.63
CA GLN A 17 2.31 -6.24 1.27
C GLN A 17 1.15 -7.23 1.12
N GLY A 18 0.20 -6.88 0.26
CA GLY A 18 -0.93 -7.77 0.02
C GLY A 18 -0.55 -8.91 -0.92
N PRO A 19 -0.32 -8.60 -2.20
CA PRO A 19 0.14 -9.57 -3.18
C PRO A 19 1.66 -9.62 -3.27
N GLY A 20 2.18 -9.72 -4.49
CA GLY A 20 3.61 -9.74 -4.67
C GLY A 20 4.04 -8.84 -5.80
N SER A 21 4.95 -9.34 -6.62
CA SER A 21 5.45 -8.62 -7.77
C SER A 21 5.97 -9.61 -8.80
N MET A 22 5.24 -10.71 -8.96
CA MET A 22 5.70 -11.82 -9.79
C MET A 22 5.20 -11.67 -11.22
N ASN A 23 3.89 -11.62 -11.37
CA ASN A 23 3.24 -11.53 -12.68
C ASN A 23 1.77 -11.23 -12.46
N ASP A 24 1.48 -10.77 -11.26
CA ASP A 24 0.12 -10.54 -10.81
C ASP A 24 -0.26 -9.07 -11.01
N TYR A 25 -1.03 -8.50 -10.10
CA TYR A 25 -1.56 -7.16 -10.27
C TYR A 25 -0.48 -6.09 -10.13
N LYS A 26 -0.75 -4.90 -10.64
CA LYS A 26 0.24 -3.83 -10.65
C LYS A 26 0.25 -3.08 -9.33
N LEU A 27 1.30 -2.29 -9.13
CA LEU A 27 1.46 -1.51 -7.92
C LEU A 27 1.47 -0.03 -8.25
N PHE A 28 0.97 0.79 -7.34
CA PHE A 28 0.99 2.24 -7.52
C PHE A 28 1.48 2.91 -6.25
N ARG A 29 2.39 3.86 -6.39
CA ARG A 29 3.02 4.48 -5.25
C ARG A 29 2.91 6.00 -5.29
N CYS A 30 2.54 6.60 -4.17
CA CYS A 30 2.44 8.04 -4.06
C CYS A 30 3.83 8.66 -3.95
N ILE A 31 4.11 9.63 -4.81
CA ILE A 31 5.43 10.24 -4.87
C ILE A 31 5.57 11.35 -3.83
N GLN A 32 4.46 11.74 -3.23
CA GLN A 32 4.44 12.81 -2.24
C GLN A 32 4.84 12.31 -0.87
N CYS A 33 4.86 11.00 -0.68
CA CYS A 33 5.17 10.42 0.62
C CYS A 33 5.77 9.02 0.50
N GLY A 34 5.15 8.20 -0.33
CA GLY A 34 5.62 6.84 -0.48
C GLY A 34 4.52 5.83 -0.23
N PHE A 35 3.30 6.32 -0.04
CA PHE A 35 2.14 5.44 0.15
C PHE A 35 2.00 4.50 -1.05
N GLU A 36 2.10 3.21 -0.78
CA GLU A 36 2.00 2.22 -1.83
C GLU A 36 0.64 1.54 -1.84
N TYR A 37 0.10 1.38 -3.03
CA TYR A 37 -1.19 0.76 -3.25
C TYR A 37 -1.07 -0.43 -4.18
N ASP A 38 -1.45 -1.61 -3.70
CA ASP A 38 -1.43 -2.81 -4.52
C ASP A 38 -2.79 -3.02 -5.15
N GLU A 39 -2.84 -3.22 -6.47
CA GLU A 39 -4.12 -3.45 -7.14
C GLU A 39 -4.78 -4.74 -6.67
N ALA A 40 -3.98 -5.67 -6.16
CA ALA A 40 -4.49 -6.95 -5.67
C ALA A 40 -4.91 -6.84 -4.20
N LEU A 41 -4.55 -5.75 -3.55
CA LEU A 41 -4.87 -5.56 -2.15
C LEU A 41 -6.06 -4.62 -2.00
N GLY A 42 -6.07 -3.56 -2.81
CA GLY A 42 -7.13 -2.58 -2.75
C GLY A 42 -6.95 -1.68 -1.55
N TRP A 43 -8.04 -1.10 -1.07
CA TRP A 43 -8.01 -0.23 0.10
C TRP A 43 -9.40 -0.14 0.70
N PRO A 44 -9.80 -1.16 1.47
CA PRO A 44 -11.15 -1.26 2.03
C PRO A 44 -11.40 -0.16 3.05
N GLU A 45 -10.32 0.41 3.55
CA GLU A 45 -10.38 1.55 4.46
C GLU A 45 -11.19 2.68 3.83
N ASP A 46 -10.99 2.91 2.54
CA ASP A 46 -11.67 3.98 1.83
C ASP A 46 -12.84 3.45 1.01
N GLY A 47 -12.78 2.16 0.68
CA GLY A 47 -13.85 1.55 -0.09
C GLY A 47 -13.35 0.90 -1.37
N ILE A 48 -12.06 1.00 -1.62
CA ILE A 48 -11.45 0.41 -2.81
C ILE A 48 -11.34 -1.10 -2.62
N ALA A 49 -11.82 -1.86 -3.59
CA ALA A 49 -11.85 -3.30 -3.46
C ALA A 49 -10.62 -3.95 -4.10
N ALA A 50 -10.21 -5.08 -3.55
CA ALA A 50 -9.12 -5.85 -4.12
C ALA A 50 -9.45 -6.27 -5.54
N GLY A 51 -8.68 -5.80 -6.50
CA GLY A 51 -8.95 -6.11 -7.89
C GLY A 51 -9.49 -4.93 -8.65
N THR A 52 -9.72 -3.81 -7.96
CA THR A 52 -10.13 -2.58 -8.63
C THR A 52 -8.97 -2.01 -9.44
N ARG A 53 -9.21 -1.78 -10.74
CA ARG A 53 -8.20 -1.18 -11.60
C ARG A 53 -7.99 0.28 -11.25
N TRP A 54 -6.77 0.75 -11.42
CA TRP A 54 -6.45 2.16 -11.20
C TRP A 54 -7.35 3.05 -12.06
N ASP A 55 -7.66 2.57 -13.26
CA ASP A 55 -8.53 3.30 -14.19
C ASP A 55 -9.98 3.31 -13.70
N ASP A 56 -10.32 2.32 -12.89
CA ASP A 56 -11.68 2.18 -12.38
C ASP A 56 -11.89 3.08 -11.17
N ILE A 57 -10.79 3.41 -10.51
CA ILE A 57 -10.82 4.33 -9.38
C ILE A 57 -11.09 5.75 -9.89
N PRO A 58 -12.10 6.43 -9.30
CA PRO A 58 -12.42 7.82 -9.66
C PRO A 58 -11.18 8.71 -9.59
N ASP A 59 -10.97 9.52 -10.62
CA ASP A 59 -9.75 10.33 -10.70
C ASP A 59 -9.79 11.47 -9.68
N ASP A 60 -10.95 11.68 -9.09
CA ASP A 60 -11.11 12.68 -8.03
C ASP A 60 -10.61 12.13 -6.70
N TRP A 61 -10.45 10.82 -6.65
CA TRP A 61 -9.98 10.13 -5.44
C TRP A 61 -8.56 10.56 -5.12
N SER A 62 -8.33 10.92 -3.86
CA SER A 62 -7.01 11.36 -3.43
C SER A 62 -6.40 10.34 -2.47
N CYS A 63 -5.08 10.37 -2.35
CA CYS A 63 -4.34 9.49 -1.46
C CYS A 63 -4.81 9.66 -0.02
N PRO A 64 -5.35 8.59 0.58
CA PRO A 64 -5.85 8.61 1.97
C PRO A 64 -4.77 8.99 2.98
N ASP A 65 -3.52 8.99 2.54
CA ASP A 65 -2.38 9.25 3.40
C ASP A 65 -2.10 10.75 3.53
N CYS A 66 -2.05 11.45 2.41
CA CYS A 66 -1.65 12.85 2.41
C CYS A 66 -2.58 13.73 1.56
N GLY A 67 -3.62 13.13 1.01
CA GLY A 67 -4.56 13.87 0.18
C GLY A 67 -3.99 14.26 -1.17
N ALA A 68 -2.92 13.60 -1.57
CA ALA A 68 -2.31 13.83 -2.88
C ALA A 68 -3.20 13.26 -3.98
N ALA A 69 -3.14 13.85 -5.16
CA ALA A 69 -3.98 13.41 -6.26
C ALA A 69 -3.41 12.15 -6.91
N LYS A 70 -4.20 11.53 -7.77
CA LYS A 70 -3.77 10.33 -8.49
C LYS A 70 -2.56 10.63 -9.37
N SER A 71 -2.48 11.87 -9.84
CA SER A 71 -1.34 12.32 -10.65
C SER A 71 -0.05 12.32 -9.84
N ASP A 72 -0.18 12.13 -8.52
CA ASP A 72 0.98 12.05 -7.65
C ASP A 72 1.33 10.59 -7.37
N PHE A 73 0.81 9.69 -8.18
CA PHE A 73 1.16 8.27 -8.07
C PHE A 73 2.02 7.83 -9.25
N GLU A 74 2.89 6.87 -8.98
CA GLU A 74 3.74 6.28 -10.00
C GLU A 74 3.34 4.83 -10.22
N MET A 75 3.48 4.35 -11.44
CA MET A 75 3.07 3.00 -11.80
C MET A 75 4.22 2.02 -11.62
N VAL A 76 4.03 1.05 -10.75
CA VAL A 76 5.06 0.05 -10.50
C VAL A 76 4.70 -1.27 -11.19
N GLU A 77 5.53 -1.65 -12.14
CA GLU A 77 5.36 -2.90 -12.86
C GLU A 77 5.93 -4.06 -12.05
N VAL A 78 5.29 -5.21 -12.15
CA VAL A 78 5.77 -6.40 -11.46
C VAL A 78 7.06 -6.90 -12.13
N ALA A 79 7.92 -7.52 -11.35
CA ALA A 79 9.15 -8.08 -11.88
C ALA A 79 8.93 -9.54 -12.23
N ARG A 80 8.69 -9.79 -13.51
CA ARG A 80 8.33 -11.13 -13.98
C ARG A 80 9.40 -12.14 -13.59
N SER A 81 8.98 -13.12 -12.82
CA SER A 81 9.87 -14.14 -12.30
C SER A 81 9.16 -15.49 -12.33
N MET A 1 21.54 -6.77 46.88
CA MET A 1 20.58 -7.35 45.92
C MET A 1 21.27 -7.57 44.58
N ALA A 2 20.55 -8.17 43.64
CA ALA A 2 21.06 -8.35 42.29
C ALA A 2 20.67 -7.16 41.42
N HIS A 3 21.62 -6.24 41.25
CA HIS A 3 21.38 -5.04 40.47
C HIS A 3 21.36 -5.36 38.99
N HIS A 4 20.18 -5.27 38.39
CA HIS A 4 20.01 -5.68 37.00
C HIS A 4 20.44 -4.55 36.06
N HIS A 5 20.92 -4.95 34.88
CA HIS A 5 21.29 -3.99 33.84
C HIS A 5 20.17 -3.88 32.82
N HIS A 6 20.42 -3.15 31.74
CA HIS A 6 19.41 -2.99 30.69
C HIS A 6 19.94 -3.50 29.37
N HIS A 7 19.19 -4.40 28.75
CA HIS A 7 19.55 -4.94 27.45
C HIS A 7 19.01 -4.06 26.34
N HIS A 8 19.60 -4.17 25.17
CA HIS A 8 19.13 -3.44 23.99
C HIS A 8 17.80 -4.01 23.52
N MET A 9 17.04 -3.20 22.78
CA MET A 9 15.70 -3.59 22.36
C MET A 9 15.78 -4.70 21.31
N GLY A 10 16.78 -4.63 20.46
CA GLY A 10 16.97 -5.65 19.45
C GLY A 10 17.06 -5.09 18.05
N THR A 11 16.64 -5.86 17.08
CA THR A 11 16.64 -5.42 15.69
C THR A 11 15.30 -4.80 15.33
N LEU A 12 15.33 -3.57 14.82
CA LEU A 12 14.10 -2.86 14.47
C LEU A 12 13.90 -2.85 12.96
N GLU A 13 12.70 -2.46 12.54
CA GLU A 13 12.35 -2.40 11.13
C GLU A 13 13.17 -1.35 10.38
N ALA A 14 14.27 -1.79 9.80
CA ALA A 14 15.08 -0.93 8.95
C ALA A 14 14.65 -1.09 7.49
N GLN A 15 13.77 -2.05 7.25
CA GLN A 15 13.30 -2.33 5.89
C GLN A 15 11.97 -1.65 5.62
N THR A 16 10.94 -2.07 6.33
CA THR A 16 9.58 -1.59 6.11
C THR A 16 9.14 -1.94 4.69
N GLN A 17 9.11 -3.23 4.42
CA GLN A 17 8.72 -3.75 3.12
C GLN A 17 7.21 -3.66 2.93
N GLY A 18 6.79 -2.96 1.88
CA GLY A 18 5.37 -2.81 1.61
C GLY A 18 4.79 -3.98 0.83
N PRO A 19 3.95 -3.70 -0.18
CA PRO A 19 3.30 -4.73 -0.99
C PRO A 19 4.21 -5.23 -2.12
N GLY A 20 3.63 -6.02 -3.02
CA GLY A 20 4.39 -6.62 -4.11
C GLY A 20 3.79 -7.93 -4.55
N SER A 21 2.69 -7.84 -5.30
CA SER A 21 2.00 -9.02 -5.81
C SER A 21 2.82 -9.75 -6.87
N MET A 22 2.58 -11.05 -7.00
CA MET A 22 3.31 -11.89 -7.96
C MET A 22 2.67 -11.83 -9.34
N ASN A 23 1.35 -11.69 -9.36
CA ASN A 23 0.62 -11.65 -10.63
C ASN A 23 0.54 -10.22 -11.16
N ASP A 24 -0.12 -10.05 -12.28
CA ASP A 24 -0.13 -8.78 -12.98
C ASP A 24 -1.13 -7.80 -12.36
N TYR A 25 -0.72 -7.18 -11.27
CA TYR A 25 -1.45 -6.08 -10.68
C TYR A 25 -0.55 -4.85 -10.65
N LYS A 26 -1.14 -3.67 -10.63
CA LYS A 26 -0.38 -2.45 -10.64
C LYS A 26 0.00 -2.01 -9.22
N LEU A 27 1.25 -1.57 -9.10
CA LEU A 27 1.73 -0.93 -7.87
C LEU A 27 1.87 0.56 -8.09
N PHE A 28 1.00 1.35 -7.49
CA PHE A 28 1.09 2.80 -7.64
C PHE A 28 1.59 3.42 -6.36
N ARG A 29 2.76 4.06 -6.43
CA ARG A 29 3.39 4.61 -5.25
C ARG A 29 3.29 6.13 -5.23
N CYS A 30 2.75 6.66 -4.15
CA CYS A 30 2.65 8.10 -3.97
C CYS A 30 4.04 8.69 -3.75
N ILE A 31 4.40 9.64 -4.58
CA ILE A 31 5.73 10.24 -4.53
C ILE A 31 5.81 11.35 -3.48
N GLN A 32 4.66 11.70 -2.93
CA GLN A 32 4.60 12.74 -1.91
C GLN A 32 4.96 12.17 -0.54
N CYS A 33 4.81 10.87 -0.37
CA CYS A 33 5.05 10.26 0.94
C CYS A 33 5.68 8.87 0.80
N GLY A 34 5.11 8.04 -0.05
CA GLY A 34 5.64 6.70 -0.24
C GLY A 34 4.58 5.64 -0.07
N PHE A 35 3.31 6.06 -0.03
CA PHE A 35 2.19 5.14 0.03
C PHE A 35 2.15 4.29 -1.24
N GLU A 36 2.45 3.00 -1.10
CA GLU A 36 2.40 2.08 -2.23
C GLU A 36 1.06 1.38 -2.28
N TYR A 37 0.31 1.67 -3.32
CA TYR A 37 -0.98 1.04 -3.54
C TYR A 37 -0.83 -0.17 -4.44
N ASP A 38 -1.20 -1.32 -3.94
CA ASP A 38 -1.20 -2.55 -4.72
C ASP A 38 -2.64 -2.88 -5.11
N GLU A 39 -2.88 -3.09 -6.40
CA GLU A 39 -4.22 -3.42 -6.88
C GLU A 39 -4.78 -4.67 -6.20
N ALA A 40 -3.91 -5.59 -5.79
CA ALA A 40 -4.35 -6.81 -5.15
C ALA A 40 -4.76 -6.57 -3.71
N LEU A 41 -4.23 -5.49 -3.13
CA LEU A 41 -4.55 -5.12 -1.75
C LEU A 41 -5.82 -4.28 -1.70
N GLY A 42 -5.84 -3.20 -2.46
CA GLY A 42 -6.97 -2.30 -2.44
C GLY A 42 -6.97 -1.40 -1.23
N TRP A 43 -8.10 -0.79 -0.93
CA TRP A 43 -8.26 0.04 0.25
C TRP A 43 -9.73 0.18 0.59
N PRO A 44 -10.27 -0.80 1.33
CA PRO A 44 -11.71 -0.87 1.64
C PRO A 44 -12.18 0.27 2.54
N GLU A 45 -11.25 0.95 3.18
CA GLU A 45 -11.58 2.07 4.05
C GLU A 45 -12.09 3.26 3.26
N ASP A 46 -11.74 3.30 1.98
CA ASP A 46 -12.25 4.35 1.10
C ASP A 46 -13.36 3.81 0.22
N GLY A 47 -13.39 2.50 0.05
CA GLY A 47 -14.41 1.86 -0.75
C GLY A 47 -13.84 0.99 -1.85
N ILE A 48 -12.51 0.97 -1.95
CA ILE A 48 -11.84 0.22 -3.00
C ILE A 48 -11.59 -1.23 -2.55
N ALA A 49 -12.26 -2.17 -3.19
CA ALA A 49 -12.13 -3.58 -2.83
C ALA A 49 -10.83 -4.15 -3.39
N ALA A 50 -10.33 -5.19 -2.74
CA ALA A 50 -9.10 -5.83 -3.18
C ALA A 50 -9.29 -6.48 -4.54
N GLY A 51 -8.48 -6.06 -5.51
CA GLY A 51 -8.65 -6.53 -6.86
C GLY A 51 -9.21 -5.45 -7.77
N THR A 52 -9.64 -4.35 -7.17
CA THR A 52 -10.12 -3.21 -7.94
C THR A 52 -8.97 -2.58 -8.70
N ARG A 53 -9.17 -2.41 -9.99
CA ARG A 53 -8.15 -1.88 -10.85
C ARG A 53 -8.02 -0.37 -10.67
N TRP A 54 -6.82 0.14 -10.87
CA TRP A 54 -6.56 1.57 -10.85
C TRP A 54 -7.39 2.25 -11.94
N ASP A 55 -7.73 1.46 -12.94
CA ASP A 55 -8.58 1.90 -14.05
C ASP A 55 -9.94 2.34 -13.54
N ASP A 56 -10.45 1.66 -12.52
CA ASP A 56 -11.78 1.94 -11.98
C ASP A 56 -11.72 3.08 -10.98
N ILE A 57 -10.56 3.24 -10.36
CA ILE A 57 -10.36 4.28 -9.35
C ILE A 57 -10.52 5.67 -9.97
N PRO A 58 -11.45 6.48 -9.44
CA PRO A 58 -11.76 7.82 -9.96
C PRO A 58 -10.53 8.73 -10.05
N ASP A 59 -10.50 9.56 -11.09
CA ASP A 59 -9.36 10.45 -11.34
C ASP A 59 -9.20 11.46 -10.20
N ASP A 60 -10.29 11.75 -9.50
CA ASP A 60 -10.29 12.72 -8.42
C ASP A 60 -9.93 12.06 -7.10
N TRP A 61 -9.68 10.76 -7.13
CA TRP A 61 -9.32 10.02 -5.92
C TRP A 61 -7.97 10.48 -5.39
N SER A 62 -7.92 10.79 -4.11
CA SER A 62 -6.67 11.23 -3.50
C SER A 62 -6.16 10.16 -2.54
N CYS A 63 -4.85 10.11 -2.38
CA CYS A 63 -4.19 9.15 -1.50
C CYS A 63 -4.69 9.29 -0.08
N PRO A 64 -5.23 8.20 0.51
CA PRO A 64 -5.77 8.21 1.87
C PRO A 64 -4.69 8.46 2.93
N ASP A 65 -3.45 8.54 2.49
CA ASP A 65 -2.32 8.71 3.39
C ASP A 65 -1.91 10.18 3.50
N CYS A 66 -2.10 10.94 2.42
CA CYS A 66 -1.67 12.34 2.38
C CYS A 66 -2.69 13.27 1.71
N GLY A 67 -3.58 12.71 0.90
CA GLY A 67 -4.57 13.51 0.19
C GLY A 67 -4.07 14.00 -1.14
N ALA A 68 -2.94 13.47 -1.59
CA ALA A 68 -2.40 13.82 -2.90
C ALA A 68 -3.18 13.11 -4.01
N ALA A 69 -3.16 13.66 -5.20
CA ALA A 69 -3.96 13.12 -6.30
C ALA A 69 -3.31 11.90 -6.91
N LYS A 70 -4.00 11.26 -7.85
CA LYS A 70 -3.44 10.09 -8.53
C LYS A 70 -2.23 10.48 -9.35
N SER A 71 -2.18 11.76 -9.72
CA SER A 71 -1.04 12.31 -10.45
C SER A 71 0.23 12.21 -9.61
N ASP A 72 0.06 12.13 -8.29
CA ASP A 72 1.20 12.05 -7.37
C ASP A 72 1.60 10.60 -7.14
N PHE A 73 0.99 9.70 -7.89
CA PHE A 73 1.36 8.29 -7.83
C PHE A 73 2.23 7.93 -9.03
N GLU A 74 3.14 6.99 -8.83
CA GLU A 74 4.00 6.52 -9.90
C GLU A 74 3.64 5.08 -10.23
N MET A 75 3.64 4.77 -11.51
CA MET A 75 3.27 3.46 -12.00
C MET A 75 4.43 2.48 -11.88
N VAL A 76 4.34 1.61 -10.90
CA VAL A 76 5.30 0.52 -10.75
C VAL A 76 4.63 -0.78 -11.19
N GLU A 77 5.09 -1.32 -12.31
CA GLU A 77 4.55 -2.58 -12.80
C GLU A 77 5.38 -3.74 -12.26
N VAL A 78 4.75 -4.90 -12.18
CA VAL A 78 5.42 -6.08 -11.63
C VAL A 78 6.55 -6.55 -12.55
N ALA A 79 7.65 -6.96 -11.95
CA ALA A 79 8.81 -7.41 -12.69
C ALA A 79 8.51 -8.71 -13.43
N ARG A 80 8.50 -8.64 -14.75
CA ARG A 80 8.19 -9.80 -15.58
C ARG A 80 9.45 -10.56 -15.93
N SER A 81 10.48 -10.37 -15.12
CA SER A 81 11.75 -11.03 -15.32
C SER A 81 12.34 -11.43 -13.96
N MET A 1 23.17 4.09 45.84
CA MET A 1 22.67 4.51 44.52
C MET A 1 23.81 4.52 43.50
N ALA A 2 24.92 3.87 43.87
CA ALA A 2 26.13 3.93 43.08
C ALA A 2 26.02 3.15 41.77
N HIS A 3 25.21 2.09 41.77
CA HIS A 3 25.12 1.23 40.60
C HIS A 3 23.75 1.32 39.95
N HIS A 4 23.70 1.93 38.78
CA HIS A 4 22.49 2.01 37.98
C HIS A 4 22.85 1.91 36.50
N HIS A 5 21.88 1.66 35.65
CA HIS A 5 22.16 1.39 34.24
C HIS A 5 21.06 1.91 33.33
N HIS A 6 21.26 1.73 32.04
CA HIS A 6 20.23 2.01 31.06
C HIS A 6 19.75 0.70 30.45
N HIS A 7 18.74 0.77 29.59
CA HIS A 7 18.19 -0.42 28.98
C HIS A 7 17.89 -0.19 27.52
N HIS A 8 17.58 -1.26 26.81
CA HIS A 8 17.25 -1.17 25.40
C HIS A 8 15.80 -0.72 25.23
N MET A 9 15.53 0.01 24.16
CA MET A 9 14.22 0.59 23.94
C MET A 9 13.24 -0.46 23.44
N GLY A 10 13.63 -1.20 22.41
CA GLY A 10 12.78 -2.23 21.88
C GLY A 10 12.92 -2.39 20.38
N THR A 11 11.91 -2.97 19.75
CA THR A 11 11.93 -3.20 18.31
C THR A 11 10.55 -2.96 17.70
N LEU A 12 10.52 -2.65 16.41
CA LEU A 12 9.27 -2.43 15.70
C LEU A 12 9.19 -3.34 14.48
N GLU A 13 8.01 -3.42 13.86
CA GLU A 13 7.82 -4.21 12.66
C GLU A 13 8.63 -3.65 11.51
N ALA A 14 9.72 -4.33 11.19
CA ALA A 14 10.63 -3.88 10.13
C ALA A 14 10.28 -4.50 8.79
N GLN A 15 9.33 -5.43 8.78
CA GLN A 15 8.96 -6.14 7.56
C GLN A 15 8.37 -5.20 6.51
N THR A 16 7.11 -4.78 6.71
CA THR A 16 6.41 -3.93 5.75
C THR A 16 6.59 -4.44 4.32
N GLN A 17 6.41 -5.75 4.15
CA GLN A 17 6.71 -6.43 2.90
C GLN A 17 5.80 -5.95 1.77
N GLY A 18 4.50 -5.98 2.03
CA GLY A 18 3.55 -5.54 1.02
C GLY A 18 2.31 -6.41 1.00
N PRO A 19 1.46 -6.26 -0.03
CA PRO A 19 0.21 -7.01 -0.17
C PRO A 19 0.42 -8.39 -0.79
N GLY A 20 1.62 -8.64 -1.28
CA GLY A 20 1.91 -9.92 -1.91
C GLY A 20 1.70 -9.87 -3.41
N SER A 21 0.45 -9.72 -3.82
CA SER A 21 0.07 -9.61 -5.23
C SER A 21 0.51 -10.84 -6.02
N MET A 22 -0.34 -11.87 -6.02
CA MET A 22 -0.02 -13.13 -6.68
C MET A 22 -0.42 -13.11 -8.15
N ASN A 23 -1.29 -12.17 -8.51
CA ASN A 23 -1.76 -12.07 -9.89
C ASN A 23 -1.13 -10.86 -10.56
N ASP A 24 -1.37 -10.70 -11.86
CA ASP A 24 -0.80 -9.57 -12.59
C ASP A 24 -1.62 -8.32 -12.37
N TYR A 25 -1.28 -7.60 -11.32
CA TYR A 25 -1.83 -6.28 -11.05
C TYR A 25 -0.67 -5.33 -10.83
N LYS A 26 -0.93 -4.04 -10.89
CA LYS A 26 0.14 -3.08 -10.74
C LYS A 26 0.03 -2.32 -9.45
N LEU A 27 1.16 -1.76 -9.03
CA LEU A 27 1.23 -1.02 -7.80
C LEU A 27 1.52 0.46 -8.10
N PHE A 28 0.67 1.32 -7.60
CA PHE A 28 0.84 2.75 -7.79
C PHE A 28 1.41 3.37 -6.53
N ARG A 29 2.64 3.83 -6.63
CA ARG A 29 3.36 4.38 -5.50
C ARG A 29 3.32 5.89 -5.56
N CYS A 30 2.83 6.52 -4.50
CA CYS A 30 2.74 7.97 -4.43
C CYS A 30 4.13 8.57 -4.37
N ILE A 31 4.43 9.45 -5.31
CA ILE A 31 5.77 10.01 -5.43
C ILE A 31 6.01 11.08 -4.37
N GLN A 32 4.92 11.55 -3.75
CA GLN A 32 5.01 12.61 -2.76
C GLN A 32 5.38 12.06 -1.38
N CYS A 33 5.20 10.76 -1.18
CA CYS A 33 5.45 10.19 0.14
C CYS A 33 5.96 8.75 0.09
N GLY A 34 5.48 7.99 -0.89
CA GLY A 34 5.88 6.61 -1.01
C GLY A 34 4.76 5.65 -0.65
N PHE A 35 3.55 6.19 -0.54
CA PHE A 35 2.38 5.35 -0.28
C PHE A 35 2.10 4.45 -1.48
N GLU A 36 2.21 3.15 -1.26
CA GLU A 36 2.03 2.18 -2.33
C GLU A 36 0.61 1.59 -2.31
N TYR A 37 -0.09 1.77 -3.42
CA TYR A 37 -1.39 1.13 -3.62
C TYR A 37 -1.26 0.01 -4.63
N ASP A 38 -1.76 -1.17 -4.28
CA ASP A 38 -1.71 -2.32 -5.17
C ASP A 38 -3.12 -2.67 -5.64
N GLU A 39 -3.27 -2.88 -6.95
CA GLU A 39 -4.58 -3.16 -7.54
C GLU A 39 -5.09 -4.55 -7.16
N ALA A 40 -4.19 -5.44 -6.78
CA ALA A 40 -4.56 -6.83 -6.47
C ALA A 40 -5.24 -6.92 -5.10
N LEU A 41 -4.68 -6.23 -4.13
CA LEU A 41 -5.24 -6.22 -2.78
C LEU A 41 -6.31 -5.13 -2.66
N GLY A 42 -6.05 -4.00 -3.29
CA GLY A 42 -6.99 -2.91 -3.25
C GLY A 42 -6.77 -2.00 -2.05
N TRP A 43 -7.82 -1.32 -1.63
CA TRP A 43 -7.76 -0.45 -0.46
C TRP A 43 -9.14 -0.35 0.17
N PRO A 44 -9.48 -1.34 1.02
CA PRO A 44 -10.84 -1.50 1.57
C PRO A 44 -11.25 -0.31 2.42
N GLU A 45 -10.26 0.38 2.97
CA GLU A 45 -10.49 1.58 3.79
C GLU A 45 -11.38 2.58 3.05
N ASP A 46 -11.02 2.85 1.80
CA ASP A 46 -11.75 3.81 0.97
C ASP A 46 -12.83 3.11 0.15
N GLY A 47 -13.07 1.85 0.44
CA GLY A 47 -14.08 1.09 -0.27
C GLY A 47 -13.57 0.53 -1.58
N ILE A 48 -12.26 0.61 -1.78
CA ILE A 48 -11.63 0.11 -2.99
C ILE A 48 -11.38 -1.38 -2.88
N ALA A 49 -12.05 -2.16 -3.73
CA ALA A 49 -12.02 -3.61 -3.61
C ALA A 49 -10.82 -4.23 -4.33
N ALA A 50 -10.43 -5.42 -3.88
CA ALA A 50 -9.34 -6.15 -4.50
C ALA A 50 -9.71 -6.50 -5.94
N GLY A 51 -8.89 -6.04 -6.88
CA GLY A 51 -9.19 -6.26 -8.27
C GLY A 51 -9.63 -4.97 -8.96
N THR A 52 -9.93 -3.95 -8.16
CA THR A 52 -10.28 -2.65 -8.71
C THR A 52 -9.05 -1.99 -9.33
N ARG A 53 -9.14 -1.73 -10.64
CA ARG A 53 -8.05 -1.09 -11.35
C ARG A 53 -8.05 0.41 -11.09
N TRP A 54 -6.88 1.02 -11.28
CA TRP A 54 -6.70 2.44 -11.04
C TRP A 54 -7.70 3.28 -11.84
N ASP A 55 -8.14 2.75 -12.97
CA ASP A 55 -9.07 3.42 -13.86
C ASP A 55 -10.45 3.58 -13.23
N ASP A 56 -10.83 2.61 -12.40
CA ASP A 56 -12.16 2.62 -11.78
C ASP A 56 -12.20 3.60 -10.63
N ILE A 57 -11.09 3.68 -9.91
CA ILE A 57 -10.96 4.57 -8.77
C ILE A 57 -11.28 6.01 -9.15
N PRO A 58 -12.16 6.68 -8.38
CA PRO A 58 -12.60 8.05 -8.64
C PRO A 58 -11.46 8.99 -9.04
N ASP A 59 -11.71 9.79 -10.07
CA ASP A 59 -10.72 10.73 -10.57
C ASP A 59 -10.42 11.81 -9.53
N ASP A 60 -11.34 11.99 -8.59
CA ASP A 60 -11.17 12.98 -7.52
C ASP A 60 -10.58 12.34 -6.27
N TRP A 61 -10.37 11.02 -6.33
CA TRP A 61 -9.84 10.30 -5.18
C TRP A 61 -8.38 10.70 -4.94
N SER A 62 -8.08 10.98 -3.70
CA SER A 62 -6.74 11.38 -3.33
C SER A 62 -6.12 10.33 -2.41
N CYS A 63 -4.80 10.37 -2.31
CA CYS A 63 -4.05 9.47 -1.45
C CYS A 63 -4.58 9.52 -0.03
N PRO A 64 -4.97 8.35 0.52
CA PRO A 64 -5.49 8.24 1.89
C PRO A 64 -4.39 8.42 2.94
N ASP A 65 -3.23 8.88 2.50
CA ASP A 65 -2.12 9.17 3.40
C ASP A 65 -1.84 10.68 3.43
N CYS A 66 -1.54 11.26 2.28
CA CYS A 66 -1.16 12.67 2.22
C CYS A 66 -2.26 13.52 1.60
N GLY A 67 -3.08 12.91 0.75
CA GLY A 67 -4.14 13.65 0.09
C GLY A 67 -3.77 14.07 -1.31
N ALA A 68 -2.61 13.63 -1.78
CA ALA A 68 -2.17 13.89 -3.15
C ALA A 68 -3.08 13.16 -4.13
N ALA A 69 -3.29 13.75 -5.31
CA ALA A 69 -4.21 13.18 -6.28
C ALA A 69 -3.64 11.91 -6.92
N LYS A 70 -4.46 11.23 -7.72
CA LYS A 70 -4.04 10.01 -8.41
C LYS A 70 -2.85 10.30 -9.31
N SER A 71 -2.78 11.54 -9.80
CA SER A 71 -1.72 11.97 -10.70
C SER A 71 -0.35 11.88 -10.02
N ASP A 72 -0.33 11.84 -8.69
CA ASP A 72 0.91 11.80 -7.94
C ASP A 72 1.36 10.37 -7.67
N PHE A 73 0.66 9.41 -8.25
CA PHE A 73 1.05 8.02 -8.13
C PHE A 73 1.76 7.54 -9.40
N GLU A 74 2.76 6.69 -9.24
CA GLU A 74 3.48 6.14 -10.38
C GLU A 74 3.21 4.64 -10.49
N MET A 75 3.10 4.17 -11.72
CA MET A 75 2.85 2.75 -11.97
C MET A 75 4.13 1.95 -11.81
N VAL A 76 4.14 1.07 -10.83
CA VAL A 76 5.28 0.21 -10.55
C VAL A 76 4.90 -1.25 -10.76
N GLU A 77 5.80 -2.01 -11.37
CA GLU A 77 5.62 -3.45 -11.52
C GLU A 77 5.73 -4.13 -10.16
N VAL A 78 4.93 -5.17 -9.95
CA VAL A 78 4.99 -5.90 -8.70
C VAL A 78 5.90 -7.12 -8.84
N ALA A 79 6.83 -7.27 -7.92
CA ALA A 79 7.72 -8.43 -7.91
C ALA A 79 7.01 -9.65 -7.36
N ARG A 80 6.68 -10.57 -8.26
CA ARG A 80 5.93 -11.77 -7.88
C ARG A 80 6.87 -12.96 -7.77
N SER A 81 8.15 -12.72 -8.02
CA SER A 81 9.18 -13.74 -7.90
C SER A 81 10.53 -13.07 -7.68
N MET A 1 47.75 -15.70 22.05
CA MET A 1 46.88 -14.67 22.63
C MET A 1 45.66 -14.44 21.75
N ALA A 2 44.48 -14.77 22.26
CA ALA A 2 43.25 -14.57 21.53
C ALA A 2 42.47 -13.40 22.09
N HIS A 3 42.16 -12.44 21.23
CA HIS A 3 41.35 -11.29 21.62
C HIS A 3 39.88 -11.69 21.68
N HIS A 4 39.36 -11.84 22.89
CA HIS A 4 37.97 -12.21 23.10
C HIS A 4 37.06 -11.08 22.68
N HIS A 5 36.47 -11.22 21.50
CA HIS A 5 35.69 -10.15 20.89
C HIS A 5 34.38 -10.69 20.31
N HIS A 6 33.30 -9.93 20.47
CA HIS A 6 32.01 -10.28 19.89
C HIS A 6 31.88 -9.63 18.52
N HIS A 7 31.25 -10.31 17.58
CA HIS A 7 31.10 -9.78 16.24
C HIS A 7 29.64 -9.42 15.96
N HIS A 8 29.43 -8.28 15.32
CA HIS A 8 28.09 -7.85 14.97
C HIS A 8 27.65 -8.48 13.66
N MET A 9 26.45 -9.06 13.66
CA MET A 9 25.91 -9.71 12.48
C MET A 9 24.89 -8.80 11.79
N GLY A 10 24.26 -7.94 12.58
CA GLY A 10 23.32 -6.98 12.03
C GLY A 10 21.95 -7.56 11.82
N THR A 11 21.04 -6.74 11.30
CA THR A 11 19.69 -7.16 10.98
C THR A 11 19.12 -6.27 9.87
N LEU A 12 18.99 -6.84 8.68
CA LEU A 12 18.55 -6.09 7.52
C LEU A 12 17.03 -5.96 7.47
N GLU A 13 16.58 -4.80 6.99
CA GLU A 13 15.17 -4.52 6.82
C GLU A 13 14.95 -3.83 5.48
N ALA A 14 15.88 -4.04 4.56
CA ALA A 14 15.90 -3.30 3.31
C ALA A 14 15.07 -4.00 2.22
N GLN A 15 14.59 -5.19 2.52
CA GLN A 15 13.79 -5.95 1.56
C GLN A 15 12.46 -5.26 1.29
N THR A 16 11.67 -5.06 2.35
CA THR A 16 10.36 -4.44 2.24
C THR A 16 9.54 -5.14 1.16
N GLN A 17 9.35 -6.44 1.34
CA GLN A 17 8.72 -7.28 0.33
C GLN A 17 7.20 -7.13 0.35
N GLY A 18 6.62 -6.91 -0.82
CA GLY A 18 5.19 -6.79 -0.94
C GLY A 18 4.48 -8.13 -0.91
N PRO A 19 3.15 -8.14 -1.01
CA PRO A 19 2.36 -9.38 -0.93
C PRO A 19 2.64 -10.32 -2.11
N GLY A 20 2.50 -9.81 -3.32
CA GLY A 20 2.68 -10.63 -4.49
C GLY A 20 1.35 -10.95 -5.16
N SER A 21 1.37 -11.14 -6.47
CA SER A 21 0.14 -11.38 -7.20
C SER A 21 0.39 -12.31 -8.39
N MET A 22 -0.52 -13.26 -8.58
CA MET A 22 -0.47 -14.14 -9.73
C MET A 22 -1.11 -13.46 -10.94
N ASN A 23 -2.05 -12.56 -10.67
CA ASN A 23 -2.68 -11.78 -11.73
C ASN A 23 -1.85 -10.54 -12.01
N ASP A 24 -1.91 -10.02 -13.22
CA ASP A 24 -1.15 -8.84 -13.57
C ASP A 24 -1.82 -7.59 -13.04
N TYR A 25 -1.62 -7.33 -11.75
CA TYR A 25 -2.04 -6.09 -11.13
C TYR A 25 -0.85 -5.17 -11.00
N LYS A 26 -1.10 -3.91 -10.71
CA LYS A 26 -0.02 -2.95 -10.60
C LYS A 26 0.09 -2.39 -9.18
N LEU A 27 1.28 -1.93 -8.84
CA LEU A 27 1.52 -1.29 -7.56
C LEU A 27 1.67 0.21 -7.75
N PHE A 28 0.66 0.97 -7.35
CA PHE A 28 0.70 2.42 -7.50
C PHE A 28 1.22 3.07 -6.23
N ARG A 29 2.36 3.71 -6.36
CA ARG A 29 3.07 4.25 -5.21
C ARG A 29 3.02 5.78 -5.22
N CYS A 30 2.55 6.36 -4.13
CA CYS A 30 2.49 7.81 -3.99
C CYS A 30 3.90 8.39 -3.86
N ILE A 31 4.25 9.32 -4.73
CA ILE A 31 5.58 9.90 -4.72
C ILE A 31 5.68 11.04 -3.71
N GLN A 32 4.55 11.41 -3.12
CA GLN A 32 4.52 12.48 -2.13
C GLN A 32 4.98 11.96 -0.76
N CYS A 33 4.92 10.64 -0.60
CA CYS A 33 5.29 10.02 0.66
C CYS A 33 5.87 8.63 0.42
N GLY A 34 5.06 7.73 -0.09
CA GLY A 34 5.48 6.37 -0.30
C GLY A 34 4.38 5.38 0.01
N PHE A 35 3.16 5.76 -0.33
CA PHE A 35 2.00 4.90 -0.15
C PHE A 35 1.86 3.96 -1.33
N GLU A 36 2.13 2.69 -1.09
CA GLU A 36 2.12 1.69 -2.15
C GLU A 36 0.81 0.92 -2.17
N TYR A 37 0.07 1.10 -3.26
CA TYR A 37 -1.26 0.51 -3.42
C TYR A 37 -1.23 -0.62 -4.43
N ASP A 38 -1.43 -1.85 -3.97
CA ASP A 38 -1.61 -3.00 -4.84
C ASP A 38 -3.03 -3.05 -5.35
N GLU A 39 -3.22 -3.11 -6.66
CA GLU A 39 -4.55 -3.33 -7.21
C GLU A 39 -5.12 -4.68 -6.76
N ALA A 40 -4.22 -5.60 -6.44
CA ALA A 40 -4.60 -6.93 -5.99
C ALA A 40 -5.18 -6.92 -4.58
N LEU A 41 -4.73 -5.98 -3.76
CA LEU A 41 -5.20 -5.88 -2.39
C LEU A 41 -6.30 -4.84 -2.27
N GLY A 42 -6.17 -3.77 -3.03
CA GLY A 42 -7.12 -2.68 -2.94
C GLY A 42 -6.89 -1.85 -1.70
N TRP A 43 -7.81 -0.96 -1.40
CA TRP A 43 -7.73 -0.15 -0.20
C TRP A 43 -9.12 -0.04 0.41
N PRO A 44 -9.55 -1.10 1.11
CA PRO A 44 -10.93 -1.22 1.63
C PRO A 44 -11.22 -0.22 2.74
N GLU A 45 -10.20 0.54 3.14
CA GLU A 45 -10.38 1.59 4.12
C GLU A 45 -11.09 2.79 3.49
N ASP A 46 -10.93 2.91 2.17
CA ASP A 46 -11.62 3.96 1.42
C ASP A 46 -12.91 3.40 0.83
N GLY A 47 -12.93 2.08 0.69
CA GLY A 47 -14.05 1.40 0.07
C GLY A 47 -13.61 0.64 -1.16
N ILE A 48 -12.44 1.01 -1.68
CA ILE A 48 -11.87 0.37 -2.86
C ILE A 48 -11.48 -1.07 -2.55
N ALA A 49 -12.25 -2.01 -3.05
CA ALA A 49 -12.04 -3.42 -2.73
C ALA A 49 -10.95 -4.04 -3.61
N ALA A 50 -10.43 -5.17 -3.14
CA ALA A 50 -9.39 -5.88 -3.86
C ALA A 50 -9.84 -6.21 -5.28
N GLY A 51 -9.00 -5.89 -6.25
CA GLY A 51 -9.36 -6.16 -7.62
C GLY A 51 -9.90 -4.93 -8.33
N THR A 52 -10.21 -3.89 -7.58
CA THR A 52 -10.64 -2.64 -8.19
C THR A 52 -9.46 -1.96 -8.87
N ARG A 53 -9.54 -1.88 -10.20
CA ARG A 53 -8.46 -1.32 -11.00
C ARG A 53 -8.34 0.19 -10.81
N TRP A 54 -7.14 0.69 -11.05
CA TRP A 54 -6.85 2.13 -11.01
C TRP A 54 -7.73 2.87 -12.02
N ASP A 55 -8.13 2.13 -13.05
CA ASP A 55 -9.03 2.63 -14.08
C ASP A 55 -10.43 2.91 -13.54
N ASP A 56 -10.82 2.14 -12.53
CA ASP A 56 -12.17 2.25 -11.97
C ASP A 56 -12.18 3.24 -10.81
N ILE A 57 -11.01 3.51 -10.27
CA ILE A 57 -10.87 4.46 -9.18
C ILE A 57 -11.08 5.89 -9.69
N PRO A 58 -11.99 6.65 -9.04
CA PRO A 58 -12.34 8.02 -9.41
C PRO A 58 -11.12 8.90 -9.65
N ASP A 59 -11.19 9.75 -10.66
CA ASP A 59 -10.07 10.59 -11.06
C ASP A 59 -9.80 11.67 -10.01
N ASP A 60 -10.79 11.96 -9.18
CA ASP A 60 -10.63 12.91 -8.10
C ASP A 60 -10.12 12.23 -6.83
N TRP A 61 -9.91 10.93 -6.89
CA TRP A 61 -9.46 10.18 -5.73
C TRP A 61 -8.03 10.56 -5.37
N SER A 62 -7.85 11.00 -4.14
CA SER A 62 -6.54 11.36 -3.64
C SER A 62 -6.05 10.31 -2.64
N CYS A 63 -4.74 10.23 -2.50
CA CYS A 63 -4.11 9.32 -1.55
C CYS A 63 -4.61 9.59 -0.14
N PRO A 64 -5.19 8.57 0.51
CA PRO A 64 -5.72 8.70 1.88
C PRO A 64 -4.65 9.16 2.88
N ASP A 65 -3.39 9.04 2.48
CA ASP A 65 -2.28 9.41 3.34
C ASP A 65 -2.01 10.92 3.29
N CYS A 66 -1.59 11.42 2.14
CA CYS A 66 -1.17 12.82 2.04
C CYS A 66 -2.09 13.64 1.14
N GLY A 67 -3.19 13.03 0.69
CA GLY A 67 -4.16 13.73 -0.14
C GLY A 67 -3.62 14.11 -1.50
N ALA A 68 -2.75 13.28 -2.05
CA ALA A 68 -2.20 13.52 -3.38
C ALA A 68 -3.02 12.76 -4.42
N ALA A 69 -3.39 13.44 -5.49
CA ALA A 69 -4.23 12.85 -6.54
C ALA A 69 -3.48 11.72 -7.27
N LYS A 70 -4.22 10.97 -8.08
CA LYS A 70 -3.68 9.82 -8.80
C LYS A 70 -2.45 10.20 -9.64
N SER A 71 -2.43 11.44 -10.11
CA SER A 71 -1.33 11.91 -10.95
C SER A 71 0.01 11.84 -10.21
N ASP A 72 -0.03 11.94 -8.89
CA ASP A 72 1.18 11.92 -8.08
C ASP A 72 1.54 10.52 -7.63
N PHE A 73 0.93 9.52 -8.27
CA PHE A 73 1.31 8.15 -8.04
C PHE A 73 2.26 7.67 -9.14
N GLU A 74 3.13 6.75 -8.80
CA GLU A 74 4.03 6.15 -9.78
C GLU A 74 3.66 4.69 -9.97
N MET A 75 3.53 4.29 -11.23
CA MET A 75 3.12 2.94 -11.56
C MET A 75 4.29 1.97 -11.45
N VAL A 76 4.29 1.20 -10.38
CA VAL A 76 5.28 0.17 -10.19
C VAL A 76 4.78 -1.14 -10.79
N GLU A 77 5.33 -1.50 -11.93
CA GLU A 77 4.99 -2.75 -12.58
C GLU A 77 6.03 -3.81 -12.23
N VAL A 78 5.56 -5.00 -11.94
CA VAL A 78 6.42 -6.08 -11.52
C VAL A 78 7.17 -6.67 -12.72
N ALA A 79 8.33 -7.24 -12.45
CA ALA A 79 9.05 -8.00 -13.45
C ALA A 79 8.38 -9.36 -13.60
N ARG A 80 7.59 -9.52 -14.66
CA ARG A 80 6.80 -10.72 -14.85
C ARG A 80 7.70 -11.91 -15.16
N SER A 81 8.07 -12.66 -14.14
CA SER A 81 8.89 -13.84 -14.30
C SER A 81 8.04 -15.02 -14.74
#